data_3R3I
#
_entry.id   3R3I
#
_cell.length_a   140.266
_cell.length_b   140.266
_cell.length_c   315.284
_cell.angle_alpha   90.000
_cell.angle_beta   90.000
_cell.angle_gamma   120.000
#
_symmetry.space_group_name_H-M   'P 31 2 1'
#
_entity_poly.entity_id   1
_entity_poly.type   'polypeptide(L)'
_entity_poly.pdbx_seq_one_letter_code
;MGSSHHHHHHSSGLVPRGSHMSRFVQDLSKAMSQDGASQFQEVIRQELELSVKKELEKILTTASSHEFEHTKKDLDGFRK
LFHRFLQEKGPSVDWGKIQRPPEDSIQPYEKIKARGLPDNISSVLNKLVVVKLNGGLGTSMGCKGPKSLIGVRNENTFLD
LTVQQIEHLNKTYNTDVPLVLMNSFNTDEDTKKILQKYNHCRVKIYTFNQSRYPRINKESLLPVAKDVSYSGENTEAWYP
PGHGDIYASFYNSGLLDTFIGEGKEYIFVSNIDNLGATVDLYILNHLMNPPNGKRCEFVMEVTNKTRADVKGGTLTQYEG
KLRLVEIAQVPKAHVDEFKSVSKFKIFNTNNLWISLAAVKRLQEQNAIDMEIIVNAKTLDGGLNVIQLETAVGAAIKSFE
NSLGINVPRSRFLPVKTTSDLLLVMSNLYSLNAGSLTMSEKREFPTVPLVKLGSSFTKVQDYLRRFESIPDMLELDHLTV
SGDVTFGKNVSLKGTVIIIANHGDRIDIPPGAVLENKIVSGNLRILDH
;
_entity_poly.pdbx_strand_id   A,B,C,D
#
# COMPACT_ATOMS: atom_id res chain seq x y z
N ILE A 44 51.71 3.96 30.48
CA ILE A 44 51.22 2.79 29.68
C ILE A 44 50.93 3.11 28.21
N ARG A 45 50.16 4.18 27.97
CA ARG A 45 49.61 4.49 26.62
C ARG A 45 50.66 4.66 25.51
N GLN A 46 51.89 4.96 25.90
CA GLN A 46 53.01 5.01 24.96
C GLN A 46 53.53 3.60 24.70
N GLU A 47 53.71 2.83 25.77
CA GLU A 47 54.31 1.48 25.73
C GLU A 47 53.50 0.45 24.94
N LEU A 48 52.26 0.81 24.57
CA LEU A 48 51.42 -0.04 23.71
C LEU A 48 51.13 0.64 22.36
N GLU A 49 51.82 1.76 22.14
CA GLU A 49 51.74 2.53 20.90
C GLU A 49 53.02 2.32 20.11
N LEU A 50 54.13 2.07 20.82
CA LEU A 50 55.42 1.73 20.21
C LEU A 50 55.43 0.30 19.65
N SER A 51 54.35 -0.44 19.93
CA SER A 51 54.15 -1.80 19.44
C SER A 51 53.51 -1.75 18.07
N VAL A 52 52.54 -0.85 17.93
CA VAL A 52 51.80 -0.64 16.68
C VAL A 52 52.63 0.18 15.70
N LYS A 53 53.76 0.74 16.18
CA LYS A 53 54.68 1.49 15.33
C LYS A 53 55.80 0.60 14.74
N LYS A 54 56.23 -0.40 15.52
CA LYS A 54 57.22 -1.38 15.06
C LYS A 54 56.57 -2.64 14.44
N GLU A 55 55.25 -2.66 14.43
CA GLU A 55 54.47 -3.71 13.74
C GLU A 55 54.39 -3.41 12.24
N LEU A 56 54.56 -2.14 11.88
CA LEU A 56 54.51 -1.69 10.50
C LEU A 56 55.92 -1.62 9.87
N GLU A 57 56.95 -1.86 10.70
CA GLU A 57 58.31 -1.97 10.19
C GLU A 57 58.53 -3.30 9.48
N LYS A 58 57.70 -4.29 9.82
CA LYS A 58 57.76 -5.60 9.16
C LYS A 58 57.13 -5.57 7.76
N ILE A 59 56.15 -4.68 7.54
CA ILE A 59 55.47 -4.52 6.24
C ILE A 59 56.13 -3.45 5.35
N LEU A 60 56.89 -2.54 5.96
CA LEU A 60 57.68 -1.52 5.25
C LEU A 60 58.99 -2.05 4.64
N THR A 61 59.34 -3.29 4.98
CA THR A 61 60.41 -4.00 4.28
C THR A 61 59.77 -4.94 3.25
N THR A 62 58.46 -5.17 3.40
CA THR A 62 57.65 -5.87 2.42
C THR A 62 57.23 -4.89 1.31
N ALA A 63 58.15 -4.00 0.93
CA ALA A 63 57.87 -2.97 -0.08
C ALA A 63 58.46 -3.33 -1.44
N SER A 64 57.68 -3.11 -2.49
CA SER A 64 58.10 -3.42 -3.85
C SER A 64 59.01 -2.32 -4.44
N SER A 65 60.28 -2.38 -4.06
CA SER A 65 61.35 -1.47 -4.52
C SER A 65 60.92 -0.01 -4.78
N HIS A 66 60.32 0.25 -5.95
CA HIS A 66 59.93 1.61 -6.33
C HIS A 66 58.87 2.18 -5.41
N GLU A 67 57.73 1.50 -5.31
CA GLU A 67 56.62 1.93 -4.48
C GLU A 67 57.00 1.85 -2.98
N PHE A 68 58.00 2.66 -2.59
CA PHE A 68 58.54 2.68 -1.23
C PHE A 68 58.32 4.00 -0.51
N GLU A 69 58.61 5.11 -1.18
CA GLU A 69 58.56 6.43 -0.54
C GLU A 69 57.15 7.03 -0.39
N HIS A 70 56.22 6.64 -1.26
CA HIS A 70 54.79 7.00 -1.09
C HIS A 70 54.10 6.05 -0.10
N THR A 71 54.81 5.00 0.31
CA THR A 71 54.32 4.04 1.30
C THR A 71 54.77 4.46 2.70
N LYS A 72 56.02 4.91 2.81
CA LYS A 72 56.56 5.45 4.06
C LYS A 72 55.84 6.73 4.49
N LYS A 73 55.60 7.61 3.52
CA LYS A 73 54.90 8.89 3.70
C LYS A 73 53.52 8.74 4.36
N ASP A 74 52.77 7.73 3.92
CA ASP A 74 51.40 7.49 4.40
C ASP A 74 51.36 6.86 5.78
N LEU A 75 52.04 5.73 5.93
CA LEU A 75 52.07 5.01 7.21
C LEU A 75 52.53 5.89 8.38
N ASP A 76 53.49 6.78 8.14
CA ASP A 76 53.90 7.75 9.16
C ASP A 76 52.84 8.83 9.39
N GLY A 77 52.06 9.12 8.35
CA GLY A 77 50.91 10.00 8.48
C GLY A 77 49.74 9.29 9.13
N PHE A 78 49.83 7.96 9.23
CA PHE A 78 48.86 7.17 9.99
C PHE A 78 49.22 7.20 11.48
N ARG A 79 50.51 7.07 11.77
CA ARG A 79 51.03 7.21 13.13
C ARG A 79 50.65 8.58 13.67
N LYS A 80 50.84 9.61 12.84
CA LYS A 80 50.53 11.00 13.17
C LYS A 80 49.07 11.26 13.54
N LEU A 81 48.17 10.37 13.12
CA LEU A 81 46.76 10.47 13.52
C LEU A 81 46.50 9.62 14.76
N PHE A 82 47.09 8.43 14.79
CA PHE A 82 46.93 7.47 15.90
C PHE A 82 47.32 8.10 17.24
N HIS A 83 48.38 8.91 17.21
CA HIS A 83 48.87 9.64 18.39
C HIS A 83 47.80 10.58 18.92
N ARG A 84 47.29 11.43 18.03
CA ARG A 84 46.28 12.41 18.36
C ARG A 84 44.97 11.71 18.78
N PHE A 85 44.83 10.44 18.40
CA PHE A 85 43.62 9.64 18.61
C PHE A 85 43.41 9.28 20.08
N LEU A 86 44.50 9.19 20.82
CA LEU A 86 44.45 8.83 22.23
C LEU A 86 44.07 10.00 23.15
N GLN A 87 44.68 11.17 22.95
CA GLN A 87 44.36 12.36 23.75
C GLN A 87 42.98 12.98 23.49
N GLU A 88 42.58 12.99 22.22
CA GLU A 88 41.30 13.55 21.72
C GLU A 88 40.87 14.88 22.36
N GLY A 96 33.07 24.35 24.56
CA GLY A 96 31.83 25.13 24.63
C GLY A 96 31.01 24.79 25.87
N LYS A 97 29.71 25.12 25.85
CA LYS A 97 29.10 25.94 24.81
C LYS A 97 28.83 27.37 25.31
N ILE A 98 29.28 28.35 24.51
CA ILE A 98 28.96 29.77 24.71
C ILE A 98 28.88 30.40 23.30
N GLN A 99 29.19 29.58 22.30
CA GLN A 99 29.29 30.01 20.92
C GLN A 99 27.94 29.98 20.21
N ARG A 100 27.35 31.14 20.02
CA ARG A 100 26.17 31.30 19.18
C ARG A 100 26.60 31.93 17.83
N PRO A 101 26.11 31.37 16.70
CA PRO A 101 26.56 31.80 15.35
C PRO A 101 26.21 33.27 15.00
N PRO A 102 27.10 33.98 14.26
CA PRO A 102 26.90 35.42 14.01
C PRO A 102 26.20 35.76 12.68
N GLU A 103 25.66 36.99 12.62
CA GLU A 103 24.89 37.46 11.46
C GLU A 103 25.71 38.39 10.56
N ASP A 104 27.03 38.22 10.56
CA ASP A 104 27.90 39.03 9.72
C ASP A 104 28.82 38.22 8.82
N SER A 105 29.23 37.05 9.31
CA SER A 105 30.07 36.15 8.53
C SER A 105 29.25 35.42 7.47
N ILE A 106 28.18 34.75 7.90
CA ILE A 106 27.36 33.92 7.02
C ILE A 106 26.29 34.74 6.29
N GLN A 107 26.46 34.90 4.98
CA GLN A 107 25.68 35.88 4.20
C GLN A 107 24.63 35.25 3.28
N PRO A 108 23.52 35.98 3.00
CA PRO A 108 22.55 35.46 2.03
C PRO A 108 23.03 35.54 0.57
N TYR A 109 22.69 34.54 -0.23
CA TYR A 109 23.01 34.50 -1.66
C TYR A 109 22.43 35.73 -2.36
N GLU A 110 21.16 35.99 -2.09
CA GLU A 110 20.44 37.15 -2.64
C GLU A 110 21.23 38.47 -2.55
N LYS A 111 22.13 38.57 -1.59
CA LYS A 111 22.95 39.78 -1.42
C LYS A 111 24.21 39.78 -2.31
N ILE A 112 24.64 38.60 -2.75
CA ILE A 112 25.79 38.54 -3.64
C ILE A 112 25.31 38.59 -5.09
N LYS A 113 24.32 37.75 -5.41
CA LYS A 113 23.78 37.58 -6.76
C LYS A 113 23.45 38.87 -7.51
N ALA A 114 23.14 39.94 -6.77
CA ALA A 114 22.74 41.20 -7.38
C ALA A 114 23.72 42.33 -7.08
N ARG A 115 25.00 42.08 -7.30
CA ARG A 115 26.05 43.06 -7.01
C ARG A 115 26.77 43.62 -8.25
N GLY A 116 27.09 42.79 -9.24
CA GLY A 116 26.85 41.36 -9.24
C GLY A 116 27.67 40.63 -10.30
N LEU A 117 27.29 40.82 -11.57
CA LEU A 117 27.88 40.11 -12.70
C LEU A 117 29.24 40.72 -13.14
N PRO A 118 30.32 39.91 -13.05
CA PRO A 118 31.67 40.38 -13.39
C PRO A 118 31.92 40.48 -14.89
N ASP A 119 32.18 41.70 -15.34
CA ASP A 119 32.46 41.95 -16.74
C ASP A 119 33.98 42.04 -16.93
N ASN A 120 34.50 41.68 -18.10
CA ASN A 120 33.72 41.15 -19.21
C ASN A 120 34.48 39.99 -19.85
N ILE A 121 35.62 40.34 -20.43
CA ILE A 121 36.46 39.41 -21.19
C ILE A 121 37.84 39.22 -20.50
N SER A 122 38.00 38.20 -19.63
CA SER A 122 36.95 37.32 -19.08
C SER A 122 37.55 36.30 -18.12
N SER A 123 37.45 36.55 -16.82
CA SER A 123 36.90 37.79 -16.29
C SER A 123 37.96 38.71 -15.65
N VAL A 124 39.02 38.17 -15.03
CA VAL A 124 39.43 36.76 -15.12
C VAL A 124 38.71 35.66 -14.27
N LEU A 125 38.70 34.49 -14.89
CA LEU A 125 38.14 33.24 -14.41
C LEU A 125 39.35 32.33 -14.31
N ASN A 126 40.38 32.68 -15.08
CA ASN A 126 41.67 32.00 -15.09
C ASN A 126 42.42 32.21 -13.79
N LYS A 127 41.70 32.07 -12.69
CA LYS A 127 42.30 32.13 -11.38
C LYS A 127 41.82 30.91 -10.64
N LEU A 128 40.95 30.14 -11.31
CA LEU A 128 40.17 29.05 -10.68
C LEU A 128 40.63 27.64 -11.09
N VAL A 129 40.44 26.70 -10.17
CA VAL A 129 40.66 25.29 -10.45
C VAL A 129 39.42 24.56 -9.92
N VAL A 130 38.83 23.70 -10.74
CA VAL A 130 37.67 22.88 -10.30
C VAL A 130 38.12 21.50 -9.84
N VAL A 131 38.09 21.27 -8.54
CA VAL A 131 38.43 19.96 -8.02
C VAL A 131 37.13 19.28 -7.68
N LYS A 132 37.06 17.99 -8.03
CA LYS A 132 35.90 17.18 -7.74
C LYS A 132 36.36 15.91 -7.05
N LEU A 133 35.59 15.49 -6.05
CA LEU A 133 35.92 14.31 -5.25
C LEU A 133 35.46 13.10 -6.04
N ASN A 134 36.35 12.14 -6.29
CA ASN A 134 35.98 10.96 -7.08
C ASN A 134 36.46 9.66 -6.49
N GLY A 135 36.40 9.55 -5.18
CA GLY A 135 37.02 8.42 -4.50
C GLY A 135 36.00 7.47 -3.95
N GLY A 136 34.81 7.52 -4.53
CA GLY A 136 33.70 6.76 -3.99
C GLY A 136 33.22 5.68 -4.93
N LEU A 137 33.15 4.44 -4.41
CA LEU A 137 32.57 3.33 -5.18
C LEU A 137 31.06 3.53 -5.20
N GLY A 138 30.38 2.82 -6.10
CA GLY A 138 28.92 2.91 -6.15
C GLY A 138 28.23 1.57 -5.98
N THR A 139 28.56 0.86 -4.89
CA THR A 139 28.02 -0.47 -4.70
C THR A 139 26.65 -0.42 -4.02
N SER A 140 26.40 0.68 -3.31
CA SER A 140 25.09 0.94 -2.69
C SER A 140 24.00 1.16 -3.73
N MET A 141 24.38 1.65 -4.90
CA MET A 141 23.50 1.79 -6.05
C MET A 141 23.45 0.50 -6.83
N GLY A 142 24.31 -0.44 -6.50
CA GLY A 142 24.29 -1.74 -7.14
C GLY A 142 25.51 -2.02 -7.98
N CYS A 143 26.08 -0.97 -8.57
CA CYS A 143 27.15 -1.11 -9.57
C CYS A 143 28.52 -1.44 -9.04
N LYS A 144 29.16 -2.39 -9.70
CA LYS A 144 30.54 -2.70 -9.36
C LYS A 144 31.43 -1.59 -9.94
N GLY A 145 32.05 -0.80 -9.08
CA GLY A 145 33.00 0.19 -9.56
C GLY A 145 32.74 1.62 -9.10
N PRO A 146 33.35 2.60 -9.80
CA PRO A 146 33.25 4.03 -9.46
C PRO A 146 31.84 4.56 -9.62
N LYS A 147 31.39 5.36 -8.66
CA LYS A 147 30.08 5.95 -8.70
C LYS A 147 29.95 6.90 -9.86
N SER A 148 31.02 7.62 -10.18
CA SER A 148 31.10 8.52 -11.36
C SER A 148 30.62 7.92 -12.69
N LEU A 149 30.84 6.61 -12.87
CA LEU A 149 30.59 5.91 -14.13
C LEU A 149 29.15 5.37 -14.26
N ILE A 150 28.30 5.76 -13.31
CA ILE A 150 26.87 5.44 -13.36
C ILE A 150 26.08 6.44 -14.21
N GLY A 151 25.24 5.93 -15.13
CA GLY A 151 24.56 6.77 -16.11
C GLY A 151 23.44 7.56 -15.49
N VAL A 152 23.33 8.85 -15.84
CA VAL A 152 22.26 9.70 -15.30
C VAL A 152 21.23 10.20 -16.30
N ARG A 153 21.63 10.46 -17.56
CA ARG A 153 20.69 10.97 -18.56
C ARG A 153 21.20 10.86 -20.00
N ASN A 154 20.65 9.97 -20.81
CA ASN A 154 20.80 10.01 -22.32
C ASN A 154 22.05 9.47 -23.13
N GLU A 155 22.96 8.70 -22.52
CA GLU A 155 23.14 8.64 -21.10
C GLU A 155 24.54 9.20 -20.82
N ASN A 156 24.53 10.46 -20.37
CA ASN A 156 25.67 11.08 -19.75
C ASN A 156 25.88 10.53 -18.35
N THR A 157 27.14 10.38 -17.99
CA THR A 157 27.47 9.81 -16.73
C THR A 157 27.75 11.00 -15.83
N PHE A 158 27.92 10.78 -14.54
CA PHE A 158 28.29 11.84 -13.61
C PHE A 158 29.46 12.68 -14.11
N LEU A 159 30.52 12.00 -14.50
CA LEU A 159 31.72 12.63 -15.05
C LEU A 159 31.39 13.35 -16.36
N ASP A 160 30.64 12.68 -17.23
CA ASP A 160 30.24 13.28 -18.49
C ASP A 160 29.67 14.68 -18.26
N LEU A 161 28.71 14.76 -17.36
CA LEU A 161 27.97 15.98 -17.09
C LEU A 161 28.82 17.16 -16.62
N THR A 162 29.80 16.89 -15.77
CA THR A 162 30.67 17.97 -15.30
C THR A 162 31.36 18.60 -16.49
N VAL A 163 32.19 17.82 -17.18
CA VAL A 163 33.03 18.36 -18.25
C VAL A 163 32.20 19.09 -19.29
N GLN A 164 30.98 18.64 -19.52
CA GLN A 164 30.08 19.30 -20.46
C GLN A 164 29.74 20.73 -19.99
N GLN A 165 29.83 21.00 -18.67
CA GLN A 165 29.75 22.36 -18.14
C GLN A 165 31.01 23.16 -18.47
N ILE A 166 32.17 22.61 -18.08
CA ILE A 166 33.47 23.26 -18.26
C ILE A 166 33.75 23.57 -19.74
N GLU A 167 33.15 22.80 -20.64
CA GLU A 167 33.29 23.08 -22.07
C GLU A 167 32.44 24.28 -22.46
N HIS A 168 31.18 24.30 -22.04
CA HIS A 168 30.31 25.44 -22.39
C HIS A 168 30.84 26.76 -21.86
N LEU A 169 31.53 26.74 -20.72
CA LEU A 169 32.25 27.92 -20.21
C LEU A 169 33.36 28.39 -21.14
N ASN A 170 34.38 27.55 -21.27
CA ASN A 170 35.57 27.81 -22.07
C ASN A 170 35.27 28.07 -23.54
N LYS A 171 34.29 27.35 -24.10
CA LYS A 171 33.88 27.57 -25.48
C LYS A 171 32.88 28.73 -25.67
N THR A 172 32.77 29.61 -24.67
CA THR A 172 31.97 30.83 -24.79
C THR A 172 32.69 32.03 -24.18
N TYR A 173 33.73 31.76 -23.38
CA TYR A 173 34.48 32.81 -22.67
C TYR A 173 35.98 32.86 -23.00
N ASN A 174 36.39 32.25 -24.12
CA ASN A 174 37.81 32.20 -24.56
C ASN A 174 38.88 31.94 -23.49
N THR A 175 38.57 30.98 -22.60
CA THR A 175 39.35 30.67 -21.39
C THR A 175 39.74 29.18 -21.32
N ASP A 176 40.65 28.83 -20.41
CA ASP A 176 41.07 27.44 -20.21
C ASP A 176 41.06 27.06 -18.75
N VAL A 177 39.90 26.59 -18.28
CA VAL A 177 39.79 26.17 -16.88
C VAL A 177 40.03 24.67 -16.80
N PRO A 178 40.87 24.25 -15.86
CA PRO A 178 41.12 22.82 -15.67
C PRO A 178 40.05 22.09 -14.85
N LEU A 179 40.14 20.76 -14.87
CA LEU A 179 39.36 19.89 -14.02
C LEU A 179 40.30 18.97 -13.27
N VAL A 180 40.03 18.78 -11.98
CA VAL A 180 40.93 17.97 -11.17
C VAL A 180 40.14 16.97 -10.39
N LEU A 181 40.47 15.70 -10.57
CA LEU A 181 39.79 14.65 -9.84
C LEU A 181 40.74 14.07 -8.80
N MET A 182 40.20 13.86 -7.59
CA MET A 182 40.90 13.16 -6.53
C MET A 182 40.26 11.80 -6.45
N ASN A 183 40.93 10.77 -6.91
CA ASN A 183 40.39 9.43 -6.76
C ASN A 183 41.28 8.51 -5.94
N SER A 184 40.65 7.76 -5.05
CA SER A 184 41.34 6.78 -4.22
C SER A 184 41.67 5.49 -4.96
N PHE A 185 42.46 4.66 -4.32
CA PHE A 185 42.94 3.43 -4.91
C PHE A 185 41.84 2.53 -5.46
N ASN A 186 40.63 2.74 -4.98
CA ASN A 186 39.47 2.00 -5.48
C ASN A 186 39.07 2.41 -6.90
N THR A 187 39.15 3.72 -7.14
CA THR A 187 38.51 4.29 -8.30
C THR A 187 39.52 4.75 -9.37
N ASP A 188 40.78 4.95 -8.99
CA ASP A 188 41.83 5.46 -9.91
C ASP A 188 42.01 4.58 -11.14
N GLU A 189 42.13 3.28 -10.92
CA GLU A 189 42.35 2.32 -11.99
C GLU A 189 41.31 2.51 -13.10
N ASP A 190 40.06 2.22 -12.74
CA ASP A 190 38.91 2.17 -13.64
C ASP A 190 38.57 3.50 -14.29
N THR A 191 38.85 4.61 -13.60
CA THR A 191 38.48 5.94 -14.11
C THR A 191 39.44 6.38 -15.17
N LYS A 192 40.70 5.94 -15.08
CA LYS A 192 41.77 6.35 -16.03
C LYS A 192 41.53 5.79 -17.43
N LYS A 193 41.22 4.50 -17.49
CA LYS A 193 40.91 3.78 -18.73
C LYS A 193 39.76 4.39 -19.54
N ILE A 194 38.87 5.09 -18.87
CA ILE A 194 37.75 5.71 -19.54
C ILE A 194 37.93 7.20 -19.44
N LEU A 195 38.94 7.71 -20.15
CA LEU A 195 39.27 9.12 -20.14
C LEU A 195 39.67 9.56 -21.53
N GLN A 196 40.32 8.64 -22.23
CA GLN A 196 40.67 8.78 -23.65
C GLN A 196 39.48 9.27 -24.49
N LYS A 197 38.28 9.25 -23.91
CA LYS A 197 37.12 9.75 -24.62
C LYS A 197 36.94 11.25 -24.45
N TYR A 198 37.76 11.87 -23.62
CA TYR A 198 37.63 13.30 -23.40
C TYR A 198 38.70 14.16 -24.06
N ASN A 199 39.58 13.56 -24.85
CA ASN A 199 40.54 14.32 -25.69
C ASN A 199 39.75 15.15 -26.69
N HIS A 200 40.33 16.27 -27.08
CA HIS A 200 39.63 17.20 -27.97
C HIS A 200 38.22 17.56 -27.43
N CYS A 201 38.15 17.67 -26.11
CA CYS A 201 37.16 18.48 -25.43
C CYS A 201 37.99 19.60 -24.81
N ARG A 202 37.51 20.84 -24.87
CA ARG A 202 38.32 22.00 -24.44
C ARG A 202 38.55 22.07 -22.91
N VAL A 203 39.05 20.97 -22.33
CA VAL A 203 39.16 20.81 -20.89
C VAL A 203 40.38 19.94 -20.50
N LYS A 204 41.31 20.53 -19.77
CA LYS A 204 42.48 19.80 -19.30
C LYS A 204 42.20 19.11 -17.98
N ILE A 205 42.26 17.78 -18.00
CA ILE A 205 41.81 16.94 -16.87
C ILE A 205 42.99 16.33 -16.11
N TYR A 206 42.95 16.34 -14.78
CA TYR A 206 44.09 15.87 -13.98
C TYR A 206 43.68 14.91 -12.89
N THR A 207 44.48 13.87 -12.65
CA THR A 207 44.19 12.89 -11.56
C THR A 207 45.30 12.81 -10.51
N PHE A 208 44.89 12.53 -9.26
CA PHE A 208 45.81 12.27 -8.15
C PHE A 208 45.16 11.45 -7.06
N ASN A 209 45.93 10.57 -6.43
CA ASN A 209 45.36 9.59 -5.48
C ASN A 209 45.35 9.96 -4.00
N GLN A 210 44.31 9.48 -3.30
CA GLN A 210 44.21 9.56 -1.85
C GLN A 210 45.05 8.48 -1.20
N SER A 211 45.57 8.78 -0.02
CA SER A 211 46.43 7.87 0.75
C SER A 211 45.74 6.57 1.13
N ARG A 212 46.54 5.63 1.62
CA ARG A 212 46.05 4.27 1.89
C ARG A 212 46.43 3.88 3.33
N TYR A 213 45.43 3.89 4.22
CA TYR A 213 45.63 3.59 5.66
C TYR A 213 45.15 2.19 6.05
N PRO A 214 45.74 1.61 7.13
CA PRO A 214 45.41 0.25 7.58
C PRO A 214 44.19 0.13 8.49
N ARG A 215 43.35 -0.86 8.20
CA ARG A 215 42.15 -1.18 8.97
C ARG A 215 42.54 -1.72 10.35
N ILE A 216 42.56 -0.85 11.36
CA ILE A 216 42.97 -1.25 12.71
C ILE A 216 41.84 -1.97 13.47
N ASN A 217 42.22 -2.80 14.46
CA ASN A 217 41.30 -3.70 15.19
C ASN A 217 40.68 -3.18 16.51
N LYS A 218 39.36 -3.37 16.63
CA LYS A 218 38.64 -2.97 17.84
C LYS A 218 39.13 -3.75 19.05
N GLU A 219 38.95 -5.07 19.02
CA GLU A 219 39.36 -5.95 20.11
C GLU A 219 40.89 -6.17 20.19
N SER A 220 41.58 -5.94 19.07
CA SER A 220 43.00 -6.29 18.97
C SER A 220 43.92 -5.06 18.84
N LEU A 221 43.36 -3.98 18.30
CA LEU A 221 44.09 -2.72 18.00
C LEU A 221 45.45 -2.95 17.31
N LEU A 222 45.43 -3.88 16.36
CA LEU A 222 46.58 -4.25 15.58
C LEU A 222 46.14 -4.35 14.11
N PRO A 223 47.01 -3.94 13.17
CA PRO A 223 46.65 -3.95 11.75
C PRO A 223 46.68 -5.37 11.17
N VAL A 224 46.11 -5.56 9.97
CA VAL A 224 46.11 -6.89 9.34
C VAL A 224 47.43 -7.21 8.62
N TRP A 238 42.42 -2.32 4.20
CA TRP A 238 42.84 -1.00 3.73
C TRP A 238 41.68 -0.07 3.30
N TYR A 239 41.79 1.20 3.72
CA TYR A 239 40.74 2.21 3.50
C TYR A 239 41.32 3.59 3.15
N PRO A 240 40.53 4.43 2.47
CA PRO A 240 40.88 5.84 2.29
C PRO A 240 40.50 6.66 3.51
N PRO A 241 41.38 7.54 3.98
CA PRO A 241 41.09 8.46 5.08
C PRO A 241 40.17 9.61 4.69
N GLY A 242 39.03 9.23 4.11
CA GLY A 242 37.92 10.15 3.94
C GLY A 242 38.10 11.15 2.82
N HIS A 243 38.07 12.43 3.18
CA HIS A 243 38.13 13.51 2.21
C HIS A 243 38.82 14.71 2.80
N GLY A 244 39.30 14.55 4.02
CA GLY A 244 40.13 15.58 4.63
C GLY A 244 41.56 15.45 4.12
N ASP A 245 41.88 14.26 3.63
CA ASP A 245 43.21 13.91 3.16
C ASP A 245 43.69 14.78 2.00
N ILE A 246 42.75 15.46 1.34
CA ILE A 246 43.03 16.34 0.21
C ILE A 246 44.25 17.27 0.45
N TYR A 247 44.23 18.05 1.54
CA TYR A 247 45.25 19.06 1.81
C TYR A 247 46.68 18.55 1.67
N ALA A 248 46.95 17.34 2.17
CA ALA A 248 48.29 16.75 2.12
C ALA A 248 48.61 15.96 0.84
N SER A 249 47.60 15.33 0.27
CA SER A 249 47.80 14.48 -0.90
C SER A 249 47.85 15.29 -2.20
N PHE A 250 47.19 16.46 -2.17
CA PHE A 250 47.21 17.43 -3.28
C PHE A 250 48.52 18.24 -3.34
N TYR A 251 49.09 18.55 -2.17
CA TYR A 251 50.42 19.13 -2.06
C TYR A 251 51.42 18.11 -2.55
N ASN A 252 51.39 16.93 -1.93
CA ASN A 252 52.32 15.86 -2.23
C ASN A 252 52.37 15.32 -3.67
N SER A 253 51.30 15.54 -4.44
CA SER A 253 51.25 15.11 -5.84
C SER A 253 52.16 15.99 -6.69
N GLY A 254 52.16 17.27 -6.35
CA GLY A 254 52.90 18.27 -7.10
C GLY A 254 51.96 19.21 -7.82
N LEU A 255 50.71 18.79 -7.99
CA LEU A 255 49.72 19.60 -8.67
C LEU A 255 49.51 20.95 -8.01
N LEU A 256 49.55 20.99 -6.68
CA LEU A 256 49.36 22.24 -5.97
C LEU A 256 50.31 23.31 -6.52
N ASP A 257 51.61 23.01 -6.53
CA ASP A 257 52.63 23.95 -7.01
C ASP A 257 52.44 24.35 -8.48
N THR A 258 52.02 23.40 -9.32
CA THR A 258 51.69 23.66 -10.73
C THR A 258 50.69 24.81 -10.87
N PHE A 259 49.50 24.64 -10.29
CA PHE A 259 48.37 25.55 -10.51
C PHE A 259 48.62 26.97 -10.00
N ILE A 260 49.23 27.08 -8.84
CA ILE A 260 49.62 28.38 -8.31
C ILE A 260 50.77 28.95 -9.13
N GLY A 261 51.48 28.05 -9.81
CA GLY A 261 52.51 28.42 -10.77
C GLY A 261 51.95 28.98 -12.06
N GLU A 262 50.79 28.49 -12.47
CA GLU A 262 50.11 29.06 -13.63
C GLU A 262 49.37 30.34 -13.27
N GLY A 263 49.37 30.67 -11.97
CA GLY A 263 48.80 31.93 -11.51
C GLY A 263 47.40 31.79 -10.97
N LYS A 264 46.85 30.58 -11.04
CA LYS A 264 45.56 30.27 -10.43
C LYS A 264 45.67 30.39 -8.91
N GLU A 265 44.71 31.06 -8.27
CA GLU A 265 44.78 31.22 -6.81
C GLU A 265 43.62 30.58 -6.02
N TYR A 266 42.57 30.17 -6.73
CA TYR A 266 41.37 29.61 -6.11
C TYR A 266 40.97 28.23 -6.66
N ILE A 267 40.80 27.31 -5.73
CA ILE A 267 40.40 25.95 -5.99
C ILE A 267 38.96 25.84 -5.50
N PHE A 268 38.13 25.12 -6.26
CA PHE A 268 36.73 24.89 -5.92
C PHE A 268 36.37 23.40 -5.76
N VAL A 269 36.38 22.94 -4.52
CA VAL A 269 36.12 21.54 -4.27
C VAL A 269 34.63 21.29 -4.28
N SER A 270 34.20 20.12 -4.77
CA SER A 270 32.83 19.65 -4.51
C SER A 270 32.71 18.16 -4.73
N ASN A 271 31.52 17.63 -4.47
CA ASN A 271 31.26 16.24 -4.71
C ASN A 271 30.65 16.03 -6.09
N ILE A 272 31.11 15.02 -6.83
CA ILE A 272 30.52 14.70 -8.15
C ILE A 272 29.09 14.20 -8.00
N ASP A 273 28.70 13.82 -6.79
CA ASP A 273 27.34 13.43 -6.46
C ASP A 273 26.39 14.57 -6.61
N ASN A 274 26.85 15.74 -6.19
CA ASN A 274 26.02 16.91 -6.15
C ASN A 274 25.91 17.48 -7.53
N LEU A 275 24.87 17.06 -8.23
CA LEU A 275 24.69 17.41 -9.62
C LEU A 275 24.47 18.91 -9.79
N GLY A 276 23.94 19.52 -8.73
CA GLY A 276 23.70 20.95 -8.68
C GLY A 276 24.94 21.79 -8.37
N ALA A 277 26.06 21.14 -8.03
CA ALA A 277 27.33 21.85 -7.75
C ALA A 277 27.96 22.41 -9.04
N THR A 278 27.57 23.63 -9.37
CA THR A 278 27.99 24.26 -10.59
C THR A 278 28.82 25.51 -10.27
N VAL A 279 29.85 25.75 -11.09
CA VAL A 279 30.70 26.94 -11.02
C VAL A 279 29.88 28.21 -11.21
N ASP A 280 29.84 29.06 -10.18
CA ASP A 280 29.01 30.27 -10.23
C ASP A 280 29.81 31.55 -10.20
N LEU A 281 29.54 32.38 -11.21
CA LEU A 281 30.20 33.67 -11.42
C LEU A 281 29.98 34.64 -10.25
N TYR A 282 28.74 34.75 -9.78
CA TYR A 282 28.39 35.74 -8.77
C TYR A 282 29.24 35.59 -7.52
N ILE A 283 29.39 34.35 -7.05
CA ILE A 283 30.23 34.05 -5.89
C ILE A 283 31.70 34.32 -6.21
N LEU A 284 32.11 33.93 -7.41
CA LEU A 284 33.48 34.07 -7.84
C LEU A 284 33.90 35.53 -7.83
N ASN A 285 32.97 36.42 -8.18
CA ASN A 285 33.17 37.87 -8.20
C ASN A 285 33.48 38.42 -6.81
N HIS A 286 32.82 37.84 -5.82
CA HIS A 286 33.04 38.17 -4.43
C HIS A 286 34.45 37.76 -3.97
N LEU A 287 35.05 36.82 -4.70
CA LEU A 287 36.34 36.25 -4.32
C LEU A 287 37.50 36.87 -5.08
N MET A 288 37.52 36.66 -6.40
CA MET A 288 38.51 37.29 -7.29
C MET A 288 38.12 38.76 -7.47
N ASN A 289 38.91 39.67 -6.89
CA ASN A 289 38.53 41.06 -6.69
C ASN A 289 37.36 41.21 -5.68
N PRO A 290 37.65 41.03 -4.38
CA PRO A 290 36.66 41.05 -3.29
C PRO A 290 36.17 42.43 -2.91
N PRO A 291 35.01 42.51 -2.22
CA PRO A 291 34.48 43.79 -1.75
C PRO A 291 35.39 44.42 -0.71
N ASN A 292 35.62 45.72 -0.86
CA ASN A 292 36.51 46.50 0.02
C ASN A 292 36.66 45.84 1.38
N GLY A 293 37.82 45.21 1.57
CA GLY A 293 38.12 44.45 2.77
C GLY A 293 39.23 43.45 2.51
N LYS A 294 39.32 42.44 3.36
CA LYS A 294 40.33 41.39 3.20
C LYS A 294 39.67 40.14 2.64
N ARG A 295 40.03 38.99 3.20
CA ARG A 295 39.54 37.67 2.78
C ARG A 295 39.90 37.37 1.31
N CYS A 296 39.63 36.16 0.82
CA CYS A 296 39.04 35.07 1.57
C CYS A 296 39.96 33.86 1.51
N GLU A 297 40.20 33.26 2.66
CA GLU A 297 41.03 32.07 2.72
C GLU A 297 40.20 30.79 2.53
N PHE A 298 38.88 30.93 2.66
CA PHE A 298 37.99 29.78 2.75
C PHE A 298 36.53 30.21 2.68
N VAL A 299 35.71 29.47 1.94
CA VAL A 299 34.30 29.81 1.86
C VAL A 299 33.50 28.54 2.01
N MET A 300 32.37 28.61 2.72
CA MET A 300 31.50 27.46 2.91
C MET A 300 30.05 27.67 2.42
N GLU A 301 29.70 27.05 1.29
CA GLU A 301 28.32 26.99 0.84
C GLU A 301 27.53 26.21 1.88
N VAL A 302 26.40 26.78 2.29
CA VAL A 302 25.53 26.26 3.36
C VAL A 302 24.04 26.52 3.07
N THR A 303 23.21 25.48 3.23
CA THR A 303 21.77 25.60 2.96
C THR A 303 20.85 25.35 4.16
N ASN A 304 19.60 25.79 4.03
CA ASN A 304 18.58 25.52 5.05
C ASN A 304 18.45 24.03 5.39
N LYS A 305 17.94 23.74 6.59
CA LYS A 305 17.72 22.36 7.00
C LYS A 305 16.37 21.82 6.49
N THR A 306 16.39 20.63 5.89
CA THR A 306 15.16 19.98 5.44
C THR A 306 14.96 18.76 6.28
N ARG A 307 13.69 18.32 6.38
CA ARG A 307 13.38 17.11 7.13
C ARG A 307 14.06 15.93 6.46
N ALA A 308 14.28 16.08 5.14
CA ALA A 308 15.02 15.14 4.29
C ALA A 308 16.39 14.74 4.84
N ASP A 309 17.05 15.66 5.54
CA ASP A 309 18.42 15.44 5.99
C ASP A 309 18.68 16.05 7.34
N VAL A 310 18.43 15.30 8.39
CA VAL A 310 18.42 15.86 9.75
C VAL A 310 19.80 15.86 10.44
N LYS A 311 20.64 14.89 10.06
CA LYS A 311 22.01 14.79 10.57
C LYS A 311 22.98 15.23 9.49
N GLY A 312 23.85 16.17 9.87
CA GLY A 312 24.94 16.66 9.02
C GLY A 312 25.89 17.49 9.88
N GLY A 313 26.40 18.58 9.31
CA GLY A 313 27.21 19.54 10.10
C GLY A 313 26.50 20.88 10.30
N THR A 314 26.92 21.62 11.33
CA THR A 314 26.49 23.02 11.53
C THR A 314 27.68 23.93 11.83
N LEU A 315 27.67 25.14 11.27
CA LEU A 315 28.78 26.09 11.43
C LEU A 315 28.49 27.16 12.48
N THR A 316 29.37 27.22 13.48
CA THR A 316 29.24 28.13 14.61
C THR A 316 30.52 28.92 14.84
N GLN A 317 30.45 29.88 15.75
CA GLN A 317 31.61 30.72 16.02
C GLN A 317 32.15 30.47 17.41
N TYR A 318 32.94 29.41 17.58
CA TYR A 318 33.59 29.14 18.86
C TYR A 318 35.00 29.74 18.92
N GLU A 319 35.08 30.91 19.54
CA GLU A 319 36.33 31.54 19.94
C GLU A 319 36.99 32.40 18.86
N GLY A 320 36.16 33.18 18.16
CA GLY A 320 36.66 34.17 17.18
C GLY A 320 36.76 33.66 15.76
N LYS A 321 36.99 32.35 15.63
CA LYS A 321 37.04 31.65 14.35
C LYS A 321 35.85 30.68 14.28
N LEU A 322 35.34 30.47 13.06
CA LEU A 322 34.21 29.55 12.81
C LEU A 322 34.66 28.09 12.77
N ARG A 323 34.02 27.26 13.59
CA ARG A 323 34.35 25.84 13.68
C ARG A 323 33.29 24.97 12.98
N LEU A 324 33.61 23.70 12.75
CA LEU A 324 32.61 22.72 12.29
C LEU A 324 32.17 21.82 13.46
N VAL A 325 30.89 21.45 13.49
CA VAL A 325 30.41 20.50 14.50
C VAL A 325 29.69 19.29 13.89
N GLU A 326 30.21 18.09 14.20
CA GLU A 326 29.60 16.83 13.78
C GLU A 326 28.80 16.26 14.94
N ILE A 327 27.85 15.38 14.61
CA ILE A 327 26.86 14.85 15.59
C ILE A 327 27.50 14.01 16.68
N ALA A 328 28.65 13.40 16.35
CA ALA A 328 29.43 12.56 17.25
C ALA A 328 30.23 13.39 18.25
N GLN A 329 30.63 14.60 17.84
CA GLN A 329 31.45 15.46 18.69
C GLN A 329 30.67 15.99 19.89
N VAL A 330 29.35 15.79 19.81
CA VAL A 330 28.41 16.20 20.85
C VAL A 330 28.40 15.24 22.05
N PRO A 331 28.87 15.71 23.24
CA PRO A 331 28.60 14.95 24.46
C PRO A 331 27.12 14.63 24.63
N LYS A 332 26.81 13.61 25.42
CA LYS A 332 25.45 13.06 25.54
C LYS A 332 24.36 14.05 25.99
N ALA A 333 24.67 14.85 27.02
CA ALA A 333 23.72 15.79 27.64
C ALA A 333 23.42 17.05 26.82
N HIS A 334 23.63 16.98 25.50
CA HIS A 334 23.37 18.10 24.58
C HIS A 334 22.98 17.64 23.16
N VAL A 335 22.87 16.32 22.92
CA VAL A 335 22.58 15.80 21.56
C VAL A 335 21.17 16.15 21.07
N ASP A 336 20.25 16.24 22.03
CA ASP A 336 18.85 16.67 21.81
C ASP A 336 18.80 18.09 21.21
N GLU A 337 19.58 19.00 21.84
CA GLU A 337 19.72 20.41 21.45
C GLU A 337 20.19 20.67 20.00
N PHE A 338 21.06 19.81 19.47
CA PHE A 338 21.50 19.94 18.08
C PHE A 338 20.37 19.55 17.09
N LYS A 339 20.23 20.37 16.04
CA LYS A 339 19.17 20.23 15.02
C LYS A 339 17.82 20.71 15.55
N SER A 340 17.73 22.02 15.78
CA SER A 340 16.53 22.66 16.34
C SER A 340 16.37 22.31 17.83
N VAL A 341 16.05 23.26 18.74
CA VAL A 341 15.77 24.70 18.50
C VAL A 341 16.46 25.30 17.28
N SER A 342 15.65 25.87 16.40
CA SER A 342 16.05 26.25 15.05
C SER A 342 17.13 27.35 14.95
N LYS A 343 17.83 27.61 16.05
CA LYS A 343 19.06 28.43 16.02
C LYS A 343 20.24 27.67 15.36
N PHE A 344 19.90 26.76 14.43
CA PHE A 344 20.83 25.98 13.64
C PHE A 344 20.15 25.55 12.34
N LYS A 345 19.89 26.49 11.45
CA LYS A 345 19.40 26.15 10.10
C LYS A 345 20.55 26.11 9.02
N ILE A 346 21.78 26.00 9.52
CA ILE A 346 22.97 25.90 8.71
C ILE A 346 23.15 24.42 8.39
N PHE A 347 23.45 24.12 7.13
CA PHE A 347 23.71 22.75 6.71
C PHE A 347 25.02 22.70 5.91
N ASN A 348 25.90 21.76 6.24
CA ASN A 348 27.14 21.62 5.47
C ASN A 348 26.90 21.00 4.10
N THR A 349 26.86 21.87 3.10
CA THR A 349 26.63 21.46 1.72
C THR A 349 27.79 20.65 1.17
N ASN A 350 28.99 21.12 1.53
CA ASN A 350 30.26 20.51 1.13
C ASN A 350 30.69 21.08 -0.22
N ASN A 351 30.17 22.24 -0.56
CA ASN A 351 30.56 22.94 -1.77
C ASN A 351 31.46 24.10 -1.36
N LEU A 352 32.78 23.90 -1.39
CA LEU A 352 33.69 24.93 -0.88
C LEU A 352 34.71 25.49 -1.88
N TRP A 353 34.92 26.80 -1.76
CA TRP A 353 36.04 27.50 -2.38
C TRP A 353 37.19 27.62 -1.37
N ILE A 354 38.44 27.53 -1.83
CA ILE A 354 39.62 27.77 -1.00
C ILE A 354 40.65 28.58 -1.80
N SER A 355 41.60 29.22 -1.09
CA SER A 355 42.75 29.90 -1.75
C SER A 355 44.00 29.01 -1.86
N LEU A 356 44.57 28.98 -3.06
CA LEU A 356 45.79 28.20 -3.32
C LEU A 356 46.96 28.70 -2.50
N ALA A 357 47.15 30.02 -2.51
CA ALA A 357 48.23 30.62 -1.76
C ALA A 357 48.12 30.26 -0.29
N ALA A 358 46.88 30.17 0.20
CA ALA A 358 46.61 29.89 1.61
C ALA A 358 47.02 28.48 2.01
N VAL A 359 46.74 27.51 1.14
CA VAL A 359 47.01 26.10 1.43
C VAL A 359 48.51 25.84 1.61
N LYS A 360 49.33 26.39 0.71
CA LYS A 360 50.78 26.21 0.77
C LYS A 360 51.34 26.55 2.14
N ARG A 361 51.03 27.75 2.65
CA ARG A 361 51.53 28.21 3.96
C ARG A 361 51.23 27.20 5.06
N LEU A 362 49.95 26.89 5.21
CA LEU A 362 49.44 26.16 6.36
C LEU A 362 49.78 24.68 6.34
N GLN A 363 50.02 24.16 5.14
CA GLN A 363 50.39 22.75 4.99
C GLN A 363 51.88 22.52 5.30
N GLU A 364 52.72 23.52 5.04
CA GLU A 364 54.14 23.39 5.29
C GLU A 364 54.40 23.15 6.76
N GLN A 365 53.72 23.90 7.63
CA GLN A 365 53.96 23.88 9.08
C GLN A 365 53.01 22.98 9.84
N ASN A 366 52.40 22.02 9.15
CA ASN A 366 51.42 21.13 9.77
C ASN A 366 50.25 21.87 10.43
N ALA A 367 50.11 23.15 10.09
CA ALA A 367 49.11 24.04 10.68
C ALA A 367 47.69 23.77 10.19
N ILE A 368 47.38 22.52 9.84
CA ILE A 368 46.03 22.13 9.40
C ILE A 368 45.34 21.18 10.40
N ASP A 369 44.49 21.77 11.26
CA ASP A 369 43.87 21.09 12.40
C ASP A 369 42.46 20.58 12.10
N MET A 370 42.30 19.26 12.11
CA MET A 370 40.98 18.65 11.88
C MET A 370 40.61 17.71 13.04
N GLU A 371 39.31 17.53 13.25
CA GLU A 371 38.78 16.61 14.27
C GLU A 371 38.83 15.18 13.75
N ILE A 372 39.29 14.25 14.59
CA ILE A 372 39.46 12.85 14.17
C ILE A 372 38.14 12.11 14.14
N ILE A 373 37.71 11.70 12.95
CA ILE A 373 36.53 10.86 12.82
C ILE A 373 36.92 9.40 13.07
N VAL A 374 36.09 8.70 13.83
CA VAL A 374 36.36 7.34 14.29
C VAL A 374 35.21 6.42 13.92
N ASN A 375 35.31 5.76 12.78
CA ASN A 375 34.18 4.97 12.26
C ASN A 375 34.23 3.49 12.60
N ALA A 376 33.09 2.98 13.03
CA ALA A 376 32.98 1.55 13.30
C ALA A 376 32.32 0.86 12.11
N LYS A 377 32.83 -0.32 11.82
CA LYS A 377 32.23 -1.26 10.90
C LYS A 377 32.95 -2.57 11.19
N THR A 378 32.22 -3.68 11.16
CA THR A 378 32.86 -4.99 11.26
C THR A 378 32.69 -5.71 9.92
N LEU A 379 31.74 -5.22 9.13
CA LEU A 379 31.36 -5.76 7.82
C LEU A 379 32.58 -6.21 6.98
N ASP A 380 32.51 -7.37 6.33
CA ASP A 380 31.33 -8.27 6.31
C ASP A 380 31.49 -9.44 7.30
N GLY A 381 32.52 -10.26 7.10
CA GLY A 381 32.89 -11.29 8.06
C GLY A 381 34.20 -10.87 8.72
N GLY A 382 34.24 -10.88 10.04
CA GLY A 382 35.45 -10.53 10.78
C GLY A 382 35.21 -9.60 11.94
N LEU A 383 36.29 -9.10 12.56
CA LEU A 383 36.21 -8.28 13.78
C LEU A 383 35.85 -6.81 13.47
N ASN A 384 35.52 -6.09 14.54
CA ASN A 384 35.17 -4.67 14.45
C ASN A 384 36.36 -3.84 14.05
N VAL A 385 36.12 -3.00 13.04
CA VAL A 385 37.19 -2.26 12.42
C VAL A 385 37.12 -0.78 12.80
N ILE A 386 38.30 -0.20 13.06
CA ILE A 386 38.47 1.21 13.42
C ILE A 386 39.15 2.04 12.31
N GLN A 387 38.36 2.92 11.68
CA GLN A 387 38.87 3.80 10.63
C GLN A 387 39.03 5.25 11.08
N LEU A 388 40.28 5.66 11.29
CA LEU A 388 40.61 7.05 11.59
C LEU A 388 40.53 7.90 10.31
N GLU A 389 39.66 8.91 10.31
CA GLU A 389 39.45 9.77 9.14
C GLU A 389 39.48 11.27 9.46
N THR A 390 39.45 12.11 8.43
CA THR A 390 39.38 13.57 8.59
C THR A 390 38.48 14.13 7.50
N ALA A 391 37.81 15.22 7.80
CA ALA A 391 36.90 15.83 6.84
C ALA A 391 37.45 17.13 6.33
N VAL A 392 36.96 17.59 5.18
CA VAL A 392 37.40 18.88 4.66
C VAL A 392 36.91 20.04 5.49
N GLY A 393 35.64 19.98 5.91
CA GLY A 393 35.02 21.07 6.68
C GLY A 393 35.74 21.33 8.00
N ALA A 394 36.04 20.27 8.72
CA ALA A 394 36.65 20.37 10.04
C ALA A 394 37.99 21.17 10.04
N ALA A 395 38.29 21.82 8.91
CA ALA A 395 39.51 22.62 8.77
C ALA A 395 39.23 24.01 8.18
N ILE A 396 38.37 24.78 8.86
CA ILE A 396 38.20 26.18 8.52
C ILE A 396 38.84 27.00 9.63
N LYS A 397 38.69 26.53 10.87
CA LYS A 397 39.22 27.15 12.08
C LYS A 397 40.76 27.39 12.04
N SER A 398 41.44 26.67 11.14
CA SER A 398 42.88 26.82 10.95
C SER A 398 43.21 27.71 9.74
N PHE A 399 42.17 28.30 9.17
CA PHE A 399 42.30 29.30 8.10
C PHE A 399 41.91 30.66 8.66
N GLU A 400 42.78 31.65 8.50
CA GLU A 400 42.47 32.97 9.00
C GLU A 400 41.27 33.50 8.23
N ASN A 401 40.45 34.27 8.93
CA ASN A 401 39.33 34.97 8.33
C ASN A 401 38.47 34.03 7.50
N SER A 402 37.48 33.41 8.15
CA SER A 402 36.54 32.49 7.50
C SER A 402 35.15 33.11 7.35
N LEU A 403 34.47 32.77 6.26
CA LEU A 403 33.04 33.06 6.10
C LEU A 403 32.41 32.17 5.04
N GLY A 404 31.24 31.63 5.38
CA GLY A 404 30.44 30.86 4.44
C GLY A 404 29.18 31.63 4.11
N ILE A 405 28.61 31.35 2.94
CA ILE A 405 27.41 32.04 2.49
C ILE A 405 26.21 31.07 2.47
N ASN A 406 25.00 31.60 2.40
CA ASN A 406 23.76 30.81 2.27
C ASN A 406 23.39 30.60 0.80
N VAL A 407 22.99 29.37 0.46
CA VAL A 407 22.77 29.00 -0.93
C VAL A 407 21.43 28.32 -1.10
N PRO A 408 20.73 28.60 -2.21
CA PRO A 408 19.51 27.89 -2.62
C PRO A 408 19.70 26.38 -2.75
N ARG A 409 18.68 25.60 -2.39
CA ARG A 409 18.77 24.14 -2.46
C ARG A 409 18.91 23.67 -3.90
N SER A 410 18.67 24.61 -4.83
CA SER A 410 18.97 24.44 -6.24
C SER A 410 20.41 23.96 -6.44
N ARG A 411 21.29 24.40 -5.55
CA ARG A 411 22.75 24.18 -5.65
C ARG A 411 23.26 22.95 -4.89
N PHE A 412 22.34 22.14 -4.36
CA PHE A 412 22.67 20.93 -3.58
C PHE A 412 21.67 19.80 -3.86
N LEU A 413 21.96 18.99 -4.88
CA LEU A 413 21.06 17.92 -5.37
C LEU A 413 21.78 16.59 -5.50
N PRO A 414 22.15 15.98 -4.37
CA PRO A 414 23.00 14.83 -4.39
C PRO A 414 22.23 13.59 -4.64
N VAL A 415 22.81 12.68 -5.43
CA VAL A 415 22.10 11.53 -5.93
C VAL A 415 22.54 10.25 -5.22
N LYS A 416 21.96 10.03 -4.04
CA LYS A 416 22.33 8.91 -3.18
C LYS A 416 21.73 7.59 -3.64
N THR A 417 20.40 7.52 -3.72
CA THR A 417 19.66 6.30 -4.13
C THR A 417 19.13 6.32 -5.55
N THR A 418 18.68 5.14 -5.94
CA THR A 418 18.00 4.92 -7.20
C THR A 418 16.72 5.76 -7.30
N SER A 419 16.17 6.13 -6.14
CA SER A 419 15.00 6.98 -6.11
C SER A 419 15.30 8.40 -6.54
N ASP A 420 16.49 8.90 -6.26
CA ASP A 420 16.86 10.23 -6.74
C ASP A 420 17.05 10.26 -8.24
N LEU A 421 17.59 9.17 -8.77
CA LEU A 421 17.79 9.05 -10.19
C LEU A 421 16.49 9.34 -10.87
N LEU A 422 15.41 8.69 -10.41
CA LEU A 422 14.13 8.83 -11.08
C LEU A 422 13.82 10.30 -11.13
N LEU A 423 13.68 10.88 -9.96
CA LEU A 423 13.41 12.29 -9.85
C LEU A 423 14.23 13.11 -10.85
N VAL A 424 15.54 12.93 -10.84
CA VAL A 424 16.43 13.77 -11.60
C VAL A 424 16.52 13.42 -13.11
N MET A 425 16.01 12.26 -13.54
CA MET A 425 16.01 11.98 -14.95
C MET A 425 14.61 12.04 -15.54
N SER A 426 13.66 12.47 -14.73
CA SER A 426 12.28 12.71 -15.17
C SER A 426 12.19 13.92 -16.02
N ASN A 427 10.98 14.22 -16.45
CA ASN A 427 10.74 15.49 -17.13
C ASN A 427 10.63 16.62 -16.13
N LEU A 428 11.09 16.38 -14.91
CA LEU A 428 10.99 17.37 -13.86
C LEU A 428 12.15 18.33 -13.94
N TYR A 429 13.24 17.84 -14.50
CA TYR A 429 14.45 18.63 -14.72
C TYR A 429 14.74 18.75 -16.20
N SER A 430 15.15 19.93 -16.62
CA SER A 430 15.60 20.08 -17.98
C SER A 430 17.09 20.35 -18.08
N LEU A 431 17.73 19.69 -19.04
CA LEU A 431 19.16 19.73 -19.16
C LEU A 431 19.62 20.74 -20.22
N ASN A 432 20.69 21.47 -19.91
CA ASN A 432 21.36 22.35 -20.86
C ASN A 432 22.85 22.08 -21.03
N ALA A 433 23.17 20.98 -21.72
CA ALA A 433 24.55 20.57 -21.95
C ALA A 433 25.37 20.64 -20.65
N GLY A 434 25.22 19.57 -19.88
CA GLY A 434 25.91 19.41 -18.60
C GLY A 434 25.09 19.72 -17.37
N SER A 435 24.75 20.99 -17.21
CA SER A 435 24.11 21.55 -16.02
C SER A 435 22.59 21.51 -16.13
N LEU A 436 21.93 20.89 -15.15
CA LEU A 436 20.46 20.76 -15.20
C LEU A 436 19.72 21.58 -14.15
N THR A 437 18.50 22.01 -14.48
CA THR A 437 17.76 22.93 -13.61
C THR A 437 16.29 22.51 -13.44
N MET A 438 15.67 22.99 -12.35
CA MET A 438 14.29 22.63 -12.07
C MET A 438 13.36 23.43 -12.98
N SER A 439 13.15 22.91 -14.18
CA SER A 439 12.46 23.69 -15.19
C SER A 439 10.97 23.46 -15.09
N GLU A 440 10.24 24.57 -15.11
CA GLU A 440 8.78 24.60 -15.23
C GLU A 440 8.34 23.94 -16.54
N LYS A 441 7.04 23.85 -16.83
CA LYS A 441 5.97 24.15 -15.89
C LYS A 441 6.12 23.31 -14.64
N ARG A 442 6.04 23.98 -13.50
CA ARG A 442 6.02 23.35 -12.22
C ARG A 442 5.37 24.38 -11.32
N GLU A 443 4.28 23.99 -10.68
CA GLU A 443 3.44 24.94 -9.98
C GLU A 443 4.02 25.37 -8.62
N PHE A 444 3.99 24.48 -7.64
CA PHE A 444 4.61 24.72 -6.35
C PHE A 444 6.04 24.32 -6.56
N PRO A 445 6.98 24.94 -5.82
CA PRO A 445 8.43 24.69 -5.99
C PRO A 445 8.91 23.38 -5.35
N THR A 446 8.04 22.83 -4.48
CA THR A 446 8.26 21.65 -3.63
C THR A 446 8.80 20.39 -4.33
N VAL A 447 9.88 19.84 -3.76
CA VAL A 447 10.49 18.61 -4.29
C VAL A 447 9.56 17.45 -3.86
N PRO A 448 9.07 16.66 -4.84
CA PRO A 448 8.16 15.54 -4.62
C PRO A 448 8.86 14.36 -3.91
N LEU A 449 8.15 13.65 -3.03
CA LEU A 449 8.72 12.48 -2.32
C LEU A 449 8.67 11.28 -3.24
N VAL A 450 9.74 10.51 -3.33
CA VAL A 450 9.71 9.28 -4.11
C VAL A 450 10.45 8.19 -3.41
N LYS A 451 9.78 7.06 -3.24
CA LYS A 451 10.31 5.97 -2.43
C LYS A 451 10.04 4.62 -3.13
N LEU A 452 11.05 4.19 -3.88
CA LEU A 452 10.96 2.94 -4.58
C LEU A 452 11.38 1.84 -3.63
N GLY A 453 10.79 0.67 -3.75
CA GLY A 453 11.13 -0.46 -2.93
C GLY A 453 12.46 -1.14 -3.21
N SER A 454 12.66 -2.27 -2.52
CA SER A 454 13.90 -3.01 -2.51
C SER A 454 14.03 -3.82 -3.78
N SER A 455 12.99 -3.85 -4.57
CA SER A 455 13.03 -4.50 -5.85
C SER A 455 13.64 -3.58 -6.90
N PHE A 456 13.97 -2.37 -6.47
CA PHE A 456 14.35 -1.32 -7.39
C PHE A 456 15.74 -0.76 -7.11
N THR A 457 16.47 -1.32 -6.17
CA THR A 457 17.71 -0.66 -5.76
C THR A 457 18.82 -0.73 -6.78
N LYS A 458 19.27 -1.93 -7.13
CA LYS A 458 20.30 -2.11 -8.15
C LYS A 458 19.89 -1.39 -9.42
N VAL A 459 20.80 -0.63 -10.03
CA VAL A 459 20.46 0.19 -11.21
C VAL A 459 19.89 -0.66 -12.33
N GLN A 460 20.60 -1.71 -12.71
CA GLN A 460 20.14 -2.58 -13.80
C GLN A 460 18.68 -2.97 -13.65
N ASP A 461 18.26 -3.25 -12.42
CA ASP A 461 16.87 -3.57 -12.14
C ASP A 461 16.00 -2.36 -12.35
N TYR A 462 16.47 -1.21 -11.88
CA TYR A 462 15.71 0.02 -11.99
C TYR A 462 15.43 0.35 -13.43
N LEU A 463 16.47 0.23 -14.26
CA LEU A 463 16.37 0.55 -15.67
C LEU A 463 15.51 -0.46 -16.38
N ARG A 464 15.60 -1.72 -15.96
CA ARG A 464 14.77 -2.75 -16.50
C ARG A 464 13.31 -2.41 -16.25
N ARG A 465 12.98 -2.02 -15.01
CA ARG A 465 11.61 -1.84 -14.56
C ARG A 465 10.85 -0.75 -15.31
N PHE A 466 11.54 0.33 -15.67
CA PHE A 466 10.94 1.43 -16.43
C PHE A 466 11.21 1.34 -17.95
N GLU A 467 10.17 1.16 -18.77
CA GLU A 467 10.44 1.14 -20.22
C GLU A 467 10.56 2.56 -20.81
N SER A 468 10.58 3.52 -19.89
CA SER A 468 10.74 4.92 -20.14
C SER A 468 10.45 5.51 -18.79
N ILE A 469 10.95 6.72 -18.54
CA ILE A 469 10.73 7.46 -17.29
C ILE A 469 9.43 8.28 -17.40
N PRO A 470 8.42 7.91 -16.61
CA PRO A 470 7.09 8.47 -16.56
C PRO A 470 7.05 9.96 -16.26
N ASP A 471 6.00 10.62 -16.72
CA ASP A 471 5.76 12.03 -16.44
C ASP A 471 5.49 12.35 -14.96
N MET A 472 6.19 13.36 -14.43
CA MET A 472 6.13 13.66 -12.99
C MET A 472 5.76 15.10 -12.65
N LEU A 473 5.84 15.99 -13.63
CA LEU A 473 5.66 17.44 -13.41
C LEU A 473 4.49 17.85 -12.47
N GLU A 474 3.55 16.94 -12.23
CA GLU A 474 2.49 17.23 -11.29
C GLU A 474 2.28 16.12 -10.23
N LEU A 475 3.41 15.57 -9.77
CA LEU A 475 3.45 14.55 -8.73
C LEU A 475 3.85 15.18 -7.43
N ASP A 476 3.39 14.58 -6.32
CA ASP A 476 3.76 15.05 -4.99
C ASP A 476 4.31 13.95 -4.13
N HIS A 477 3.73 12.76 -4.24
CA HIS A 477 4.23 11.61 -3.54
C HIS A 477 4.01 10.36 -4.37
N LEU A 478 4.98 9.46 -4.35
CA LEU A 478 4.88 8.18 -5.05
C LEU A 478 5.69 7.16 -4.27
N THR A 479 5.05 6.06 -3.94
CA THR A 479 5.68 5.00 -3.19
C THR A 479 5.32 3.71 -3.94
N VAL A 480 6.31 2.91 -4.30
CA VAL A 480 6.04 1.60 -4.87
C VAL A 480 6.87 0.57 -4.13
N SER A 481 6.33 -0.64 -4.05
CA SER A 481 7.03 -1.80 -3.48
C SER A 481 6.42 -3.08 -4.04
N GLY A 482 7.28 -4.04 -4.29
CA GLY A 482 6.85 -5.31 -4.83
C GLY A 482 7.56 -5.48 -6.13
N ASP A 483 7.07 -6.44 -6.90
CA ASP A 483 7.54 -6.67 -8.23
C ASP A 483 6.60 -5.88 -9.13
N VAL A 484 6.81 -4.58 -9.22
CA VAL A 484 5.98 -3.72 -10.04
C VAL A 484 6.78 -3.47 -11.33
N THR A 485 6.10 -3.09 -12.41
CA THR A 485 6.80 -2.80 -13.68
C THR A 485 6.04 -1.89 -14.61
N PHE A 486 6.69 -0.79 -14.99
CA PHE A 486 6.02 0.29 -15.68
C PHE A 486 5.99 0.21 -17.19
N GLY A 487 5.50 1.28 -17.80
CA GLY A 487 5.31 1.37 -19.24
C GLY A 487 5.75 2.69 -19.85
N LYS A 488 5.57 2.82 -21.16
CA LYS A 488 5.94 4.02 -21.89
C LYS A 488 4.82 5.04 -21.79
N ASN A 489 5.17 6.31 -21.58
CA ASN A 489 4.20 7.41 -21.45
C ASN A 489 3.32 7.42 -20.20
N VAL A 490 3.76 6.77 -19.13
CA VAL A 490 2.93 6.67 -17.94
C VAL A 490 2.96 8.02 -17.25
N SER A 491 1.83 8.44 -16.72
CA SER A 491 1.74 9.77 -16.13
C SER A 491 1.30 9.71 -14.67
N LEU A 492 2.25 10.07 -13.78
CA LEU A 492 2.02 10.03 -12.33
C LEU A 492 1.63 11.40 -11.85
N LYS A 493 0.46 11.52 -11.22
CA LYS A 493 -0.01 12.81 -10.77
C LYS A 493 -0.73 12.76 -9.41
N GLY A 494 -0.16 13.42 -8.41
CA GLY A 494 -0.84 13.58 -7.11
C GLY A 494 -0.23 12.83 -5.94
N THR A 495 -0.81 11.69 -5.59
CA THR A 495 -0.26 10.81 -4.57
C THR A 495 -0.50 9.39 -5.06
N VAL A 496 0.54 8.72 -5.53
CA VAL A 496 0.41 7.41 -6.16
C VAL A 496 1.00 6.35 -5.26
N ILE A 497 0.23 5.31 -5.00
CA ILE A 497 0.69 4.21 -4.19
C ILE A 497 0.44 2.91 -4.89
N ILE A 498 1.48 2.15 -5.19
CA ILE A 498 1.37 0.92 -5.94
C ILE A 498 2.09 -0.20 -5.18
N ILE A 499 1.39 -1.20 -4.66
CA ILE A 499 2.03 -2.23 -3.82
C ILE A 499 1.69 -3.66 -4.17
N ALA A 500 2.65 -4.41 -4.68
CA ALA A 500 2.40 -5.80 -5.07
C ALA A 500 2.93 -6.81 -4.05
N ASN A 501 2.02 -7.56 -3.43
CA ASN A 501 2.41 -8.48 -2.33
C ASN A 501 3.15 -9.77 -2.73
N HIS A 502 3.98 -10.27 -1.80
CA HIS A 502 4.86 -11.46 -1.93
C HIS A 502 4.23 -12.58 -2.73
N GLY A 503 4.57 -12.64 -4.02
CA GLY A 503 3.96 -13.61 -4.93
C GLY A 503 3.20 -12.99 -6.08
N ASP A 504 2.60 -11.82 -5.87
CA ASP A 504 1.82 -11.13 -6.90
C ASP A 504 2.73 -10.21 -7.70
N ARG A 505 2.24 -9.79 -8.88
CA ARG A 505 2.97 -8.86 -9.75
C ARG A 505 2.02 -7.83 -10.35
N ILE A 506 2.43 -6.58 -10.37
CA ILE A 506 1.63 -5.55 -11.01
C ILE A 506 2.44 -4.99 -12.14
N ASP A 507 1.90 -5.04 -13.34
CA ASP A 507 2.53 -4.28 -14.42
C ASP A 507 1.56 -3.22 -14.87
N ILE A 508 2.03 -2.00 -14.94
CA ILE A 508 1.16 -0.87 -15.20
C ILE A 508 1.17 -0.52 -16.69
N PRO A 509 0.02 -0.74 -17.37
CA PRO A 509 -0.20 -0.62 -18.80
C PRO A 509 0.25 0.69 -19.39
N PRO A 510 0.84 0.65 -20.63
CA PRO A 510 1.53 1.79 -21.24
C PRO A 510 0.59 2.94 -21.48
N GLY A 511 1.07 4.14 -21.17
CA GLY A 511 0.31 5.37 -21.36
C GLY A 511 -0.78 5.61 -20.34
N ALA A 512 -0.81 4.77 -19.30
CA ALA A 512 -1.75 4.87 -18.19
C ALA A 512 -1.55 6.13 -17.37
N VAL A 513 -2.64 6.70 -16.90
CA VAL A 513 -2.57 7.90 -16.09
C VAL A 513 -3.08 7.58 -14.70
N LEU A 514 -2.14 7.40 -13.76
CA LEU A 514 -2.44 7.23 -12.35
C LEU A 514 -2.42 8.59 -11.66
N GLU A 515 -3.59 9.00 -11.16
CA GLU A 515 -3.77 10.28 -10.49
C GLU A 515 -4.52 10.09 -9.18
N ASN A 516 -3.83 10.25 -8.06
CA ASN A 516 -4.44 10.11 -6.72
C ASN A 516 -5.15 8.79 -6.56
N LYS A 517 -4.35 7.74 -6.63
CA LYS A 517 -4.82 6.37 -6.64
C LYS A 517 -3.93 5.45 -5.84
N ILE A 518 -4.47 4.28 -5.51
CA ILE A 518 -3.76 3.25 -4.80
C ILE A 518 -4.02 1.97 -5.58
N VAL A 519 -2.99 1.41 -6.19
CA VAL A 519 -3.12 0.11 -6.83
C VAL A 519 -2.69 -1.02 -5.89
N SER A 520 -3.64 -1.81 -5.41
CA SER A 520 -3.31 -3.02 -4.63
C SER A 520 -3.18 -4.19 -5.59
N SER B 38 -53.44 -46.81 -37.26
CA SER B 38 -54.55 -46.20 -38.05
C SER B 38 -55.93 -46.38 -37.41
N GLN B 39 -56.22 -47.59 -36.93
CA GLN B 39 -57.50 -47.86 -36.29
C GLN B 39 -57.58 -47.15 -34.95
N PHE B 40 -56.83 -47.65 -33.97
CA PHE B 40 -56.87 -47.14 -32.59
C PHE B 40 -56.12 -45.81 -32.41
N GLN B 41 -55.48 -45.32 -33.48
CA GLN B 41 -54.67 -44.10 -33.42
C GLN B 41 -55.42 -42.83 -33.86
N GLU B 42 -56.37 -42.98 -34.77
CA GLU B 42 -57.12 -41.84 -35.30
C GLU B 42 -58.44 -41.59 -34.57
N VAL B 43 -58.73 -42.45 -33.58
CA VAL B 43 -59.84 -42.18 -32.66
C VAL B 43 -59.34 -41.27 -31.53
N ILE B 44 -58.13 -41.54 -31.02
CA ILE B 44 -57.55 -40.74 -29.94
C ILE B 44 -57.26 -39.32 -30.43
N ARG B 45 -56.74 -39.21 -31.66
CA ARG B 45 -56.39 -37.93 -32.28
C ARG B 45 -57.59 -37.00 -32.44
N GLN B 46 -58.74 -37.61 -32.77
CA GLN B 46 -60.00 -36.88 -32.95
C GLN B 46 -60.55 -36.43 -31.60
N GLU B 47 -60.37 -37.27 -30.58
CA GLU B 47 -60.84 -36.96 -29.22
C GLU B 47 -59.96 -35.92 -28.54
N LEU B 48 -58.73 -35.75 -29.04
CA LEU B 48 -57.85 -34.69 -28.55
C LEU B 48 -58.28 -33.34 -29.10
N GLU B 49 -58.50 -33.31 -30.41
CA GLU B 49 -58.93 -32.09 -31.09
C GLU B 49 -60.36 -31.71 -30.71
N LEU B 50 -61.13 -32.67 -30.23
CA LEU B 50 -62.47 -32.42 -29.70
C LEU B 50 -62.43 -31.89 -28.25
N SER B 51 -61.60 -32.49 -27.39
CA SER B 51 -61.52 -32.13 -25.97
C SER B 51 -61.01 -30.70 -25.76
N VAL B 52 -59.89 -30.37 -26.41
CA VAL B 52 -59.34 -29.03 -26.31
C VAL B 52 -60.39 -28.01 -26.78
N LYS B 53 -60.92 -28.22 -27.99
CA LYS B 53 -61.94 -27.36 -28.60
C LYS B 53 -63.04 -26.89 -27.63
N LYS B 54 -63.50 -27.80 -26.77
CA LYS B 54 -64.58 -27.51 -25.82
C LYS B 54 -64.08 -26.72 -24.62
N GLU B 55 -62.86 -27.03 -24.19
CA GLU B 55 -62.21 -26.28 -23.13
C GLU B 55 -61.73 -24.94 -23.65
N LEU B 56 -61.87 -24.77 -24.96
CA LEU B 56 -61.62 -23.50 -25.61
C LEU B 56 -62.94 -22.80 -25.95
N GLU B 57 -64.02 -23.57 -26.10
CA GLU B 57 -65.36 -22.99 -26.25
C GLU B 57 -65.74 -22.36 -24.93
N LYS B 58 -65.15 -22.92 -23.86
CA LYS B 58 -65.29 -22.40 -22.51
C LYS B 58 -64.52 -21.10 -22.34
N ILE B 59 -63.22 -21.12 -22.68
CA ILE B 59 -62.39 -19.93 -22.54
C ILE B 59 -62.76 -18.82 -23.54
N LEU B 60 -63.76 -19.08 -24.39
CA LEU B 60 -64.34 -18.05 -25.27
C LEU B 60 -65.18 -17.07 -24.46
N THR B 61 -66.22 -17.59 -23.80
CA THR B 61 -67.06 -16.78 -22.92
C THR B 61 -66.46 -16.73 -21.51
N THR B 62 -65.36 -15.98 -21.39
CA THR B 62 -64.50 -16.02 -20.19
C THR B 62 -64.19 -14.71 -19.41
N ALA B 63 -63.77 -13.58 -20.01
CA ALA B 63 -63.72 -13.24 -21.43
C ALA B 63 -65.03 -12.72 -22.00
N SER B 64 -66.09 -12.78 -21.18
CA SER B 64 -67.43 -12.32 -21.59
C SER B 64 -67.46 -10.80 -21.87
N SER B 65 -66.30 -10.25 -22.26
CA SER B 65 -66.12 -8.82 -22.49
C SER B 65 -66.71 -8.35 -23.82
N HIS B 66 -67.49 -7.27 -23.75
CA HIS B 66 -68.12 -6.66 -24.90
C HIS B 66 -67.10 -6.45 -26.03
N GLU B 67 -65.88 -6.11 -25.65
CA GLU B 67 -64.82 -5.91 -26.61
C GLU B 67 -64.23 -7.22 -27.15
N PHE B 68 -65.07 -7.99 -27.84
CA PHE B 68 -64.56 -9.05 -28.71
C PHE B 68 -64.11 -8.41 -30.05
N GLU B 69 -62.78 -8.37 -30.28
CA GLU B 69 -62.17 -7.93 -31.53
C GLU B 69 -60.65 -7.98 -31.29
N HIS B 70 -60.01 -9.11 -31.59
CA HIS B 70 -60.57 -10.20 -32.38
C HIS B 70 -60.36 -11.56 -31.69
N THR B 71 -61.13 -11.83 -30.64
CA THR B 71 -60.85 -13.01 -29.81
C THR B 71 -61.25 -14.34 -30.49
N LYS B 72 -62.47 -14.39 -31.03
CA LYS B 72 -62.98 -15.61 -31.65
C LYS B 72 -62.10 -16.04 -32.82
N LYS B 73 -61.69 -15.07 -33.64
CA LYS B 73 -60.78 -15.34 -34.73
C LYS B 73 -59.45 -15.94 -34.23
N ASP B 74 -58.91 -15.40 -33.13
CA ASP B 74 -57.61 -15.83 -32.58
C ASP B 74 -57.65 -17.32 -32.27
N LEU B 75 -58.74 -17.75 -31.65
CA LEU B 75 -58.89 -19.13 -31.23
C LEU B 75 -59.24 -20.06 -32.40
N ASP B 76 -59.61 -19.46 -33.54
CA ASP B 76 -59.81 -20.21 -34.77
C ASP B 76 -58.52 -20.33 -35.54
N GLY B 77 -57.46 -19.71 -35.02
CA GLY B 77 -56.13 -19.80 -35.61
C GLY B 77 -55.30 -20.84 -34.89
N PHE B 78 -55.60 -21.01 -33.60
CA PHE B 78 -54.95 -21.97 -32.75
C PHE B 78 -55.31 -23.38 -33.20
N ARG B 79 -56.63 -23.62 -33.37
CA ARG B 79 -57.15 -24.95 -33.69
C ARG B 79 -56.75 -25.35 -35.11
N LYS B 80 -56.37 -24.35 -35.90
CA LYS B 80 -55.90 -24.57 -37.25
C LYS B 80 -54.48 -25.10 -37.19
N LEU B 81 -53.70 -24.57 -36.25
CA LEU B 81 -52.31 -24.99 -36.04
C LEU B 81 -52.26 -26.33 -35.33
N PHE B 82 -53.11 -26.46 -34.31
CA PHE B 82 -53.17 -27.66 -33.51
C PHE B 82 -53.55 -28.86 -34.39
N HIS B 83 -54.58 -28.70 -35.21
CA HIS B 83 -55.07 -29.79 -36.05
C HIS B 83 -53.98 -30.30 -36.96
N ARG B 84 -53.08 -29.39 -37.32
CA ARG B 84 -51.96 -29.69 -38.20
C ARG B 84 -50.88 -30.39 -37.39
N PHE B 85 -50.51 -29.79 -36.26
CA PHE B 85 -49.55 -30.38 -35.33
C PHE B 85 -49.82 -31.88 -35.20
N LEU B 86 -51.10 -32.25 -35.08
CA LEU B 86 -51.50 -33.63 -34.90
C LEU B 86 -51.44 -34.45 -36.19
N GLN B 87 -52.30 -34.10 -37.15
CA GLN B 87 -52.46 -34.90 -38.38
C GLN B 87 -51.13 -35.16 -39.11
N GLU B 88 -50.27 -34.14 -39.17
CA GLU B 88 -48.90 -34.23 -39.73
C GLU B 88 -48.69 -35.29 -40.80
N GLY B 96 -36.45 -34.82 -45.78
CA GLY B 96 -36.03 -34.99 -47.16
C GLY B 96 -35.81 -36.45 -47.53
N LYS B 97 -34.75 -36.76 -48.28
CA LYS B 97 -33.87 -35.75 -48.88
C LYS B 97 -34.14 -35.59 -50.37
N ILE B 98 -34.09 -34.34 -50.84
CA ILE B 98 -34.33 -33.97 -52.24
C ILE B 98 -33.09 -33.22 -52.76
N GLN B 99 -33.26 -32.24 -53.66
CA GLN B 99 -32.12 -31.61 -54.33
C GLN B 99 -31.45 -30.42 -53.62
N ARG B 100 -30.27 -30.04 -54.12
CA ARG B 100 -29.60 -28.78 -53.78
C ARG B 100 -30.24 -27.61 -54.57
N PRO B 101 -29.94 -26.34 -54.20
CA PRO B 101 -30.59 -25.23 -54.90
C PRO B 101 -29.96 -24.91 -56.26
N PRO B 102 -30.76 -24.41 -57.24
CA PRO B 102 -30.30 -24.13 -58.60
C PRO B 102 -29.59 -22.78 -58.69
N GLU B 103 -28.78 -22.63 -59.73
CA GLU B 103 -27.76 -21.56 -59.80
C GLU B 103 -28.32 -20.24 -60.32
N ASP B 104 -29.58 -20.24 -60.73
CA ASP B 104 -30.17 -19.03 -61.26
C ASP B 104 -31.21 -18.48 -60.30
N SER B 105 -31.68 -19.32 -59.39
CA SER B 105 -32.66 -18.89 -58.39
C SER B 105 -32.09 -17.97 -57.30
N ILE B 106 -30.80 -18.12 -56.99
CA ILE B 106 -30.18 -17.21 -56.04
C ILE B 106 -29.18 -16.38 -56.81
N GLN B 107 -29.14 -15.09 -56.48
CA GLN B 107 -28.30 -14.14 -57.22
C GLN B 107 -27.38 -13.28 -56.35
N PRO B 108 -26.17 -12.99 -56.86
CA PRO B 108 -25.21 -12.09 -56.24
C PRO B 108 -25.61 -10.61 -56.34
N TYR B 109 -25.48 -9.88 -55.24
CA TYR B 109 -25.87 -8.48 -55.14
C TYR B 109 -25.15 -7.59 -56.12
N GLU B 110 -23.89 -7.89 -56.43
CA GLU B 110 -23.14 -7.07 -57.36
C GLU B 110 -23.75 -7.12 -58.75
N LYS B 111 -24.18 -8.31 -59.20
CA LYS B 111 -24.81 -8.40 -60.51
C LYS B 111 -25.93 -7.35 -60.56
N ILE B 112 -26.88 -7.45 -59.61
CA ILE B 112 -27.97 -6.49 -59.47
C ILE B 112 -27.54 -5.05 -59.16
N LYS B 113 -26.54 -4.86 -58.30
CA LYS B 113 -26.11 -3.51 -57.87
C LYS B 113 -25.65 -2.71 -59.07
N ALA B 114 -25.15 -3.41 -60.08
CA ALA B 114 -24.55 -2.79 -61.19
C ALA B 114 -25.51 -2.95 -62.33
N ARG B 115 -26.60 -2.17 -62.33
CA ARG B 115 -27.55 -2.23 -63.46
C ARG B 115 -28.28 -0.94 -63.91
N GLY B 116 -28.22 0.16 -63.16
CA GLY B 116 -27.86 0.20 -61.78
C GLY B 116 -29.07 0.79 -61.07
N LEU B 117 -28.93 1.99 -60.54
CA LEU B 117 -30.02 2.56 -59.75
C LEU B 117 -31.14 3.04 -60.68
N PRO B 118 -32.40 3.07 -60.20
CA PRO B 118 -33.52 3.54 -61.00
C PRO B 118 -33.23 4.93 -61.53
N ASP B 119 -34.01 5.43 -62.47
CA ASP B 119 -33.73 6.80 -62.90
C ASP B 119 -34.77 7.80 -62.49
N ASN B 120 -35.96 7.30 -62.16
CA ASN B 120 -37.10 8.20 -62.06
C ASN B 120 -38.14 7.74 -61.05
N ILE B 121 -38.77 8.73 -60.43
CA ILE B 121 -38.16 10.08 -60.43
C ILE B 121 -37.06 10.31 -59.30
N SER B 122 -37.08 9.61 -58.16
CA SER B 122 -37.78 8.36 -57.89
C SER B 122 -38.19 8.34 -56.44
N SER B 123 -39.48 8.29 -56.09
CA SER B 123 -40.66 8.26 -56.99
C SER B 123 -40.92 6.87 -57.62
N VAL B 124 -40.08 5.94 -57.17
CA VAL B 124 -40.24 4.50 -57.28
C VAL B 124 -40.53 4.04 -55.85
N LEU B 125 -40.03 4.82 -54.90
CA LEU B 125 -40.31 4.60 -53.49
C LEU B 125 -41.82 4.62 -53.19
N ASN B 126 -42.56 5.43 -53.95
CA ASN B 126 -43.98 5.62 -53.68
C ASN B 126 -44.85 4.36 -53.76
N LYS B 127 -44.25 3.25 -54.18
CA LYS B 127 -44.94 1.95 -54.13
C LYS B 127 -44.39 1.02 -53.01
N LEU B 128 -43.69 1.59 -52.02
CA LEU B 128 -43.07 0.78 -50.97
C LEU B 128 -43.69 0.98 -49.62
N VAL B 129 -43.61 -0.07 -48.80
CA VAL B 129 -44.01 -0.06 -47.42
C VAL B 129 -42.87 -0.66 -46.59
N VAL B 130 -42.34 0.12 -45.63
CA VAL B 130 -41.38 -0.40 -44.64
C VAL B 130 -42.16 -0.92 -43.44
N VAL B 131 -41.84 -2.17 -43.07
CA VAL B 131 -42.46 -2.87 -41.96
C VAL B 131 -41.37 -3.40 -40.98
N LYS B 132 -41.40 -2.91 -39.75
CA LYS B 132 -40.41 -3.30 -38.73
C LYS B 132 -41.04 -4.25 -37.74
N LEU B 133 -40.27 -5.24 -37.30
CA LEU B 133 -40.79 -6.30 -36.45
C LEU B 133 -40.66 -6.06 -34.94
N ASN B 134 -41.71 -5.55 -34.32
CA ASN B 134 -41.60 -5.10 -32.95
C ASN B 134 -42.28 -6.04 -31.99
N GLY B 135 -42.19 -7.33 -32.28
CA GLY B 135 -42.76 -8.33 -31.37
C GLY B 135 -41.67 -8.89 -30.46
N GLY B 136 -41.31 -8.15 -29.42
CA GLY B 136 -40.17 -8.56 -28.59
C GLY B 136 -39.64 -7.52 -27.64
N LEU B 137 -39.40 -7.95 -26.40
CA LEU B 137 -38.82 -7.11 -25.35
C LEU B 137 -37.32 -7.32 -25.23
N GLY B 138 -36.68 -6.56 -24.36
CA GLY B 138 -35.26 -6.77 -24.09
C GLY B 138 -35.01 -7.18 -22.67
N THR B 139 -35.66 -8.26 -22.24
CA THR B 139 -35.42 -8.80 -20.89
C THR B 139 -34.23 -9.75 -20.98
N SER B 140 -33.90 -10.15 -22.21
CA SER B 140 -32.67 -10.88 -22.48
C SER B 140 -31.52 -9.97 -22.08
N MET B 141 -31.40 -8.86 -22.81
CA MET B 141 -30.47 -7.76 -22.54
C MET B 141 -30.65 -7.15 -21.13
N GLY B 142 -31.82 -7.37 -20.52
CA GLY B 142 -32.13 -6.79 -19.20
C GLY B 142 -32.56 -5.33 -19.24
N CYS B 143 -33.80 -5.10 -19.68
CA CYS B 143 -34.44 -3.77 -19.70
C CYS B 143 -35.92 -3.96 -19.51
N LYS B 144 -36.52 -3.21 -18.59
CA LYS B 144 -37.99 -3.16 -18.52
C LYS B 144 -38.50 -2.43 -19.77
N GLY B 145 -38.82 -3.20 -20.80
CA GLY B 145 -39.47 -2.59 -21.93
C GLY B 145 -39.19 -3.23 -23.26
N PRO B 146 -39.80 -2.69 -24.32
CA PRO B 146 -39.52 -3.00 -25.72
C PRO B 146 -38.03 -2.82 -26.01
N LYS B 147 -37.44 -3.78 -26.74
CA LYS B 147 -36.06 -3.67 -27.20
C LYS B 147 -35.91 -2.42 -28.08
N SER B 148 -37.02 -2.03 -28.69
CA SER B 148 -37.11 -0.88 -29.60
C SER B 148 -36.91 0.49 -28.93
N LEU B 149 -36.49 0.49 -27.66
CA LEU B 149 -36.40 1.72 -26.88
C LEU B 149 -35.12 1.85 -26.11
N ILE B 150 -34.28 0.80 -26.16
CA ILE B 150 -32.94 0.85 -25.61
C ILE B 150 -32.09 1.75 -26.50
N GLY B 151 -31.26 2.61 -25.89
CA GLY B 151 -30.42 3.53 -26.67
C GLY B 151 -29.14 2.94 -27.24
N VAL B 152 -28.76 3.35 -28.44
CA VAL B 152 -27.54 2.86 -29.03
C VAL B 152 -26.46 3.94 -29.09
N ARG B 153 -26.66 4.96 -29.91
CA ARG B 153 -25.61 5.93 -30.14
C ARG B 153 -26.07 7.39 -29.92
N ASN B 154 -25.54 8.02 -28.87
CA ASN B 154 -25.62 9.49 -28.71
C ASN B 154 -26.98 10.18 -28.51
N GLU B 155 -27.93 9.57 -27.79
CA GLU B 155 -28.04 8.13 -27.63
C GLU B 155 -29.43 7.81 -28.17
N ASN B 156 -29.47 7.53 -29.46
CA ASN B 156 -30.72 7.31 -30.14
C ASN B 156 -31.11 5.84 -30.04
N THR B 157 -32.40 5.58 -29.87
CA THR B 157 -32.90 4.20 -29.79
C THR B 157 -33.14 3.58 -31.16
N PHE B 158 -33.06 2.26 -31.19
CA PHE B 158 -33.29 1.48 -32.40
C PHE B 158 -34.33 2.06 -33.36
N LEU B 159 -35.38 2.62 -32.76
CA LEU B 159 -36.51 3.18 -33.49
C LEU B 159 -36.27 4.65 -33.86
N ASP B 160 -35.44 5.35 -33.07
CA ASP B 160 -35.01 6.69 -33.46
C ASP B 160 -34.25 6.59 -34.78
N LEU B 161 -33.15 5.84 -34.74
CA LEU B 161 -32.34 5.59 -35.90
C LEU B 161 -33.14 5.13 -37.12
N THR B 162 -34.23 4.39 -36.88
CA THR B 162 -35.11 3.96 -37.98
C THR B 162 -35.84 5.13 -38.63
N VAL B 163 -36.48 5.98 -37.83
CA VAL B 163 -37.18 7.12 -38.39
C VAL B 163 -36.23 8.19 -38.92
N GLN B 164 -35.02 8.29 -38.34
CA GLN B 164 -34.02 9.21 -38.89
C GLN B 164 -33.68 8.80 -40.32
N GLN B 165 -33.72 7.50 -40.58
CA GLN B 165 -33.42 6.95 -41.88
C GLN B 165 -34.45 7.31 -42.92
N ILE B 166 -35.73 7.21 -42.54
CA ILE B 166 -36.82 7.51 -43.46
C ILE B 166 -36.92 9.02 -43.69
N GLU B 167 -36.80 9.80 -42.62
CA GLU B 167 -36.75 11.26 -42.74
C GLU B 167 -35.82 11.69 -43.87
N HIS B 168 -34.63 11.09 -43.87
CA HIS B 168 -33.58 11.40 -44.85
C HIS B 168 -33.89 10.95 -46.27
N LEU B 169 -34.73 9.91 -46.41
CA LEU B 169 -35.20 9.56 -47.74
C LEU B 169 -36.08 10.70 -48.19
N ASN B 170 -37.25 10.80 -47.55
CA ASN B 170 -38.27 11.79 -47.91
C ASN B 170 -37.73 13.19 -48.11
N LYS B 171 -36.70 13.55 -47.34
CA LYS B 171 -36.16 14.90 -47.39
C LYS B 171 -35.48 15.18 -48.72
N THR B 172 -34.46 14.39 -49.07
CA THR B 172 -33.68 14.59 -50.30
C THR B 172 -34.41 14.16 -51.57
N TYR B 173 -35.58 13.53 -51.42
CA TYR B 173 -36.33 12.94 -52.54
C TYR B 173 -37.77 13.43 -52.70
N ASN B 174 -38.15 14.51 -52.02
CA ASN B 174 -39.58 14.97 -51.98
C ASN B 174 -40.61 13.85 -52.11
N THR B 175 -40.39 12.80 -51.32
CA THR B 175 -41.23 11.62 -51.30
C THR B 175 -41.80 11.43 -49.88
N ASP B 176 -42.76 10.52 -49.74
CA ASP B 176 -43.46 10.27 -48.47
C ASP B 176 -43.59 8.78 -48.19
N VAL B 177 -42.56 8.20 -47.59
CA VAL B 177 -42.56 6.77 -47.33
C VAL B 177 -43.26 6.45 -46.01
N PRO B 178 -44.21 5.53 -46.05
CA PRO B 178 -44.89 5.13 -44.83
C PRO B 178 -44.13 4.05 -44.09
N LEU B 179 -44.09 4.20 -42.76
CA LEU B 179 -43.46 3.28 -41.82
C LEU B 179 -44.50 2.55 -40.97
N VAL B 180 -44.42 1.23 -40.95
CA VAL B 180 -45.33 0.41 -40.14
C VAL B 180 -44.60 -0.43 -39.09
N LEU B 181 -45.11 -0.47 -37.86
CA LEU B 181 -44.56 -1.34 -36.77
C LEU B 181 -45.54 -2.44 -36.37
N MET B 182 -45.08 -3.68 -36.40
CA MET B 182 -45.94 -4.81 -36.10
C MET B 182 -45.58 -5.32 -34.74
N ASN B 183 -46.22 -4.76 -33.72
CA ASN B 183 -45.86 -5.12 -32.35
C ASN B 183 -46.88 -6.00 -31.66
N SER B 184 -46.68 -6.19 -30.36
CA SER B 184 -47.48 -7.08 -29.52
C SER B 184 -47.98 -6.36 -28.27
N PHE B 185 -49.00 -6.93 -27.62
CA PHE B 185 -49.48 -6.43 -26.32
C PHE B 185 -48.38 -6.03 -25.33
N ASN B 186 -47.23 -6.72 -25.41
CA ASN B 186 -46.04 -6.40 -24.61
C ASN B 186 -45.46 -5.07 -25.07
N THR B 187 -45.44 -4.91 -26.38
CA THR B 187 -44.68 -3.84 -26.99
C THR B 187 -45.49 -2.57 -27.35
N ASP B 188 -46.80 -2.70 -27.61
CA ASP B 188 -47.59 -1.57 -28.16
C ASP B 188 -47.83 -0.46 -27.15
N GLU B 189 -48.64 -0.75 -26.13
CA GLU B 189 -49.12 0.28 -25.20
C GLU B 189 -47.96 1.12 -24.68
N ASP B 190 -46.80 0.47 -24.44
CA ASP B 190 -45.59 1.16 -24.03
C ASP B 190 -45.10 2.13 -25.13
N THR B 191 -44.91 1.65 -26.37
CA THR B 191 -44.31 2.50 -27.42
C THR B 191 -45.22 3.60 -27.93
N LYS B 192 -46.53 3.43 -27.73
CA LYS B 192 -47.53 4.35 -28.31
C LYS B 192 -47.41 5.72 -27.68
N LYS B 193 -47.15 5.70 -26.36
CA LYS B 193 -47.02 6.91 -25.54
C LYS B 193 -45.79 7.71 -25.93
N ILE B 194 -44.93 7.09 -26.74
CA ILE B 194 -43.67 7.68 -27.13
C ILE B 194 -43.76 8.15 -28.56
N LEU B 195 -44.56 7.46 -29.36
CA LEU B 195 -44.75 7.80 -30.78
C LEU B 195 -45.11 9.25 -31.03
N GLN B 196 -45.58 9.94 -29.98
CA GLN B 196 -45.90 11.38 -30.10
C GLN B 196 -44.67 12.29 -30.08
N LYS B 197 -43.49 11.71 -29.87
CA LYS B 197 -42.20 12.43 -29.95
C LYS B 197 -41.83 12.66 -31.40
N TYR B 198 -42.23 11.74 -32.28
CA TYR B 198 -41.88 11.82 -33.70
C TYR B 198 -42.79 12.77 -34.47
N ASN B 199 -43.53 13.58 -33.71
CA ASN B 199 -44.30 14.68 -34.25
C ASN B 199 -43.45 15.69 -34.99
N HIS B 200 -44.11 16.41 -35.89
CA HIS B 200 -43.48 17.48 -36.66
C HIS B 200 -42.42 16.97 -37.65
N CYS B 201 -42.00 15.71 -37.47
CA CYS B 201 -41.12 15.00 -38.41
C CYS B 201 -41.81 14.70 -39.76
N ARG B 202 -41.03 14.25 -40.74
CA ARG B 202 -41.62 13.86 -42.02
C ARG B 202 -41.70 12.33 -42.15
N VAL B 203 -42.49 11.71 -41.28
CA VAL B 203 -42.89 10.31 -41.41
C VAL B 203 -44.36 10.18 -41.07
N LYS B 204 -45.03 9.22 -41.68
CA LYS B 204 -46.32 8.76 -41.16
C LYS B 204 -46.08 7.37 -40.55
N ILE B 205 -46.18 7.29 -39.23
CA ILE B 205 -45.90 6.07 -38.48
C ILE B 205 -47.22 5.35 -38.26
N TYR B 206 -47.27 4.05 -38.51
CA TYR B 206 -48.49 3.26 -38.35
C TYR B 206 -48.24 2.08 -37.42
N THR B 207 -49.28 1.58 -36.77
CA THR B 207 -49.14 0.47 -35.82
C THR B 207 -50.15 -0.63 -36.09
N PHE B 208 -49.81 -1.85 -35.65
CA PHE B 208 -50.80 -2.87 -35.35
C PHE B 208 -50.29 -3.91 -34.35
N ASN B 209 -51.21 -4.62 -33.70
CA ASN B 209 -50.87 -5.77 -32.87
C ASN B 209 -51.16 -7.10 -33.57
N GLN B 210 -50.24 -8.05 -33.50
CA GLN B 210 -50.52 -9.42 -33.96
C GLN B 210 -51.01 -10.20 -32.77
N SER B 211 -51.66 -11.33 -33.03
CA SER B 211 -52.57 -11.96 -32.03
C SER B 211 -51.96 -12.46 -30.70
N ARG B 212 -52.83 -12.79 -29.74
CA ARG B 212 -52.49 -13.51 -28.49
C ARG B 212 -52.94 -14.95 -28.65
N TYR B 213 -52.20 -15.91 -28.15
CA TYR B 213 -52.66 -17.30 -28.12
C TYR B 213 -52.34 -17.86 -26.76
N PRO B 214 -53.19 -18.77 -26.25
CA PRO B 214 -52.89 -19.30 -24.93
C PRO B 214 -51.96 -20.52 -25.00
N ARG B 215 -51.17 -20.71 -23.96
CA ARG B 215 -50.09 -21.68 -23.99
C ARG B 215 -50.58 -23.04 -23.56
N ILE B 216 -50.36 -24.01 -24.44
CA ILE B 216 -50.80 -25.40 -24.28
C ILE B 216 -49.90 -26.17 -23.31
N ASN B 217 -50.41 -27.24 -22.69
CA ASN B 217 -49.64 -28.08 -21.72
C ASN B 217 -48.95 -29.35 -22.26
N LYS B 218 -47.63 -29.47 -22.01
CA LYS B 218 -46.80 -30.58 -22.52
C LYS B 218 -47.17 -31.95 -21.96
N GLU B 219 -47.58 -31.98 -20.69
CA GLU B 219 -48.12 -33.20 -20.17
C GLU B 219 -49.52 -33.35 -20.76
N SER B 220 -50.46 -32.55 -20.26
CA SER B 220 -51.89 -32.84 -20.36
C SER B 220 -52.57 -32.49 -21.69
N LEU B 221 -51.91 -31.64 -22.47
CA LEU B 221 -52.45 -31.08 -23.74
C LEU B 221 -53.64 -30.10 -23.52
N LEU B 222 -53.52 -29.27 -22.48
CA LEU B 222 -54.59 -28.37 -22.06
C LEU B 222 -54.14 -26.92 -21.93
N PRO B 223 -54.94 -25.98 -22.44
CA PRO B 223 -54.70 -24.54 -22.34
C PRO B 223 -54.78 -24.01 -20.91
N VAL B 224 -53.76 -23.26 -20.48
CA VAL B 224 -53.76 -22.56 -19.18
C VAL B 224 -54.73 -21.39 -19.24
N ALA B 225 -55.61 -21.24 -18.24
CA ALA B 225 -56.50 -20.06 -18.17
C ALA B 225 -55.77 -18.87 -17.53
N TYR B 239 -49.38 -15.73 -25.29
CA TYR B 239 -48.20 -15.49 -26.13
C TYR B 239 -48.40 -15.02 -27.57
N PRO B 240 -47.47 -14.20 -28.08
CA PRO B 240 -47.43 -13.86 -29.50
C PRO B 240 -46.84 -15.01 -30.31
N PRO B 241 -47.57 -15.48 -31.33
CA PRO B 241 -47.25 -16.63 -32.15
C PRO B 241 -46.09 -16.36 -33.12
N GLY B 242 -45.43 -15.23 -32.90
CA GLY B 242 -44.16 -14.89 -33.55
C GLY B 242 -44.33 -13.94 -34.71
N HIS B 243 -43.28 -13.84 -35.52
CA HIS B 243 -43.31 -12.99 -36.74
C HIS B 243 -44.01 -13.61 -37.94
N GLY B 244 -44.07 -14.93 -37.98
CA GLY B 244 -44.79 -15.66 -39.03
C GLY B 244 -46.30 -15.39 -39.14
N ASP B 245 -46.87 -14.79 -38.11
CA ASP B 245 -48.30 -14.51 -38.09
C ASP B 245 -48.66 -13.25 -38.89
N ILE B 246 -47.63 -12.45 -39.19
CA ILE B 246 -47.77 -11.16 -39.88
C ILE B 246 -48.84 -11.14 -40.98
N TYR B 247 -48.75 -12.10 -41.91
CA TYR B 247 -49.67 -12.20 -43.06
C TYR B 247 -51.11 -12.00 -42.63
N ALA B 248 -51.60 -12.95 -41.84
CA ALA B 248 -52.95 -12.89 -41.32
C ALA B 248 -53.21 -11.56 -40.61
N SER B 249 -52.39 -11.23 -39.62
CA SER B 249 -52.67 -10.06 -38.78
C SER B 249 -52.62 -8.76 -39.57
N PHE B 250 -51.59 -8.60 -40.40
CA PHE B 250 -51.42 -7.38 -41.20
C PHE B 250 -52.62 -7.12 -42.12
N TYR B 251 -53.16 -8.19 -42.72
CA TYR B 251 -54.38 -8.14 -43.55
C TYR B 251 -55.63 -7.85 -42.73
N ASN B 252 -55.84 -8.64 -41.68
CA ASN B 252 -56.97 -8.50 -40.80
C ASN B 252 -57.01 -7.09 -40.25
N SER B 253 -55.87 -6.49 -39.99
CA SER B 253 -55.82 -5.12 -39.45
C SER B 253 -56.42 -4.01 -40.35
N GLY B 254 -56.76 -4.38 -41.58
CA GLY B 254 -57.29 -3.41 -42.56
C GLY B 254 -56.29 -2.41 -43.12
N LEU B 255 -55.08 -2.87 -43.44
CA LEU B 255 -54.01 -2.01 -43.89
C LEU B 255 -53.49 -2.45 -45.26
N LEU B 256 -53.35 -3.77 -45.42
CA LEU B 256 -53.07 -4.42 -46.70
C LEU B 256 -53.96 -3.80 -47.75
N ASP B 257 -55.24 -3.70 -47.44
CA ASP B 257 -56.25 -3.17 -48.36
C ASP B 257 -56.17 -1.65 -48.54
N THR B 258 -55.76 -0.95 -47.48
CA THR B 258 -55.75 0.50 -47.53
C THR B 258 -54.68 0.92 -48.48
N PHE B 259 -53.51 0.30 -48.33
CA PHE B 259 -52.32 0.62 -49.11
C PHE B 259 -52.50 0.16 -50.54
N ILE B 260 -52.91 -1.09 -50.77
CA ILE B 260 -53.14 -1.54 -52.14
C ILE B 260 -54.00 -0.51 -52.87
N GLY B 261 -54.97 0.07 -52.16
CA GLY B 261 -55.81 1.13 -52.71
C GLY B 261 -55.27 2.52 -52.39
N GLU B 262 -53.96 2.66 -52.52
CA GLU B 262 -53.26 3.94 -52.37
C GLU B 262 -52.07 3.87 -53.30
N GLY B 263 -51.95 2.76 -54.01
CA GLY B 263 -50.94 2.61 -55.06
C GLY B 263 -49.62 2.04 -54.66
N LYS B 264 -49.58 1.28 -53.57
CA LYS B 264 -48.37 0.56 -53.20
C LYS B 264 -48.39 -0.86 -53.79
N GLU B 265 -47.22 -1.47 -53.89
CA GLU B 265 -47.06 -2.79 -54.49
C GLU B 265 -46.02 -3.69 -53.77
N TYR B 266 -45.26 -3.12 -52.85
CA TYR B 266 -44.19 -3.89 -52.22
C TYR B 266 -43.92 -3.50 -50.78
N ILE B 267 -43.66 -4.52 -49.97
CA ILE B 267 -43.44 -4.39 -48.53
C ILE B 267 -42.03 -4.82 -48.15
N PHE B 268 -41.32 -3.97 -47.43
CA PHE B 268 -39.99 -4.32 -46.98
C PHE B 268 -40.02 -4.63 -45.48
N VAL B 269 -39.96 -5.92 -45.17
CA VAL B 269 -39.94 -6.43 -43.82
C VAL B 269 -38.48 -6.62 -43.37
N SER B 270 -38.13 -6.02 -42.23
CA SER B 270 -36.87 -6.36 -41.53
C SER B 270 -37.13 -6.36 -40.03
N ASN B 271 -36.11 -6.76 -39.25
CA ASN B 271 -36.17 -6.71 -37.77
C ASN B 271 -35.89 -5.32 -37.27
N ILE B 272 -36.18 -5.08 -36.00
CA ILE B 272 -35.84 -3.79 -35.44
C ILE B 272 -34.39 -3.86 -34.82
N ASP B 273 -33.93 -5.10 -34.62
CA ASP B 273 -32.63 -5.46 -34.05
C ASP B 273 -31.58 -5.34 -35.11
N ASN B 274 -32.00 -5.31 -36.37
CA ASN B 274 -31.02 -5.15 -37.44
C ASN B 274 -30.84 -3.73 -37.93
N LEU B 275 -29.80 -3.11 -37.39
CA LEU B 275 -29.44 -1.74 -37.68
C LEU B 275 -28.89 -1.56 -39.08
N GLY B 276 -28.64 -2.68 -39.75
CA GLY B 276 -28.10 -2.68 -41.10
C GLY B 276 -29.13 -2.86 -42.19
N ALA B 277 -30.29 -3.40 -41.81
CA ALA B 277 -31.37 -3.71 -42.76
C ALA B 277 -32.09 -2.43 -43.21
N THR B 278 -31.72 -1.95 -44.40
CA THR B 278 -32.06 -0.60 -44.88
C THR B 278 -32.53 -0.60 -46.35
N VAL B 279 -33.45 0.32 -46.70
CA VAL B 279 -34.00 0.43 -48.07
C VAL B 279 -32.92 0.64 -49.14
N ASP B 280 -32.83 -0.28 -50.10
CA ASP B 280 -31.76 -0.25 -51.13
C ASP B 280 -32.20 -0.07 -52.57
N LEU B 281 -31.91 1.11 -53.10
CA LEU B 281 -32.43 1.45 -54.40
C LEU B 281 -32.08 0.46 -55.49
N TYR B 282 -31.13 -0.43 -55.29
CA TYR B 282 -30.79 -1.36 -56.37
C TYR B 282 -31.68 -2.59 -56.32
N ILE B 283 -31.92 -3.07 -55.11
CA ILE B 283 -32.75 -4.24 -54.97
C ILE B 283 -34.20 -3.81 -55.19
N LEU B 284 -34.49 -2.53 -55.00
CA LEU B 284 -35.82 -1.97 -55.25
C LEU B 284 -36.12 -1.84 -56.76
N ASN B 285 -35.10 -1.42 -57.47
CA ASN B 285 -35.13 -1.38 -58.89
C ASN B 285 -35.48 -2.75 -59.47
N HIS B 286 -35.12 -3.82 -58.76
CA HIS B 286 -35.25 -5.15 -59.34
C HIS B 286 -36.68 -5.68 -59.34
N LEU B 287 -37.52 -5.15 -58.46
CA LEU B 287 -38.87 -5.67 -58.33
C LEU B 287 -39.82 -4.76 -59.07
N MET B 288 -39.75 -3.48 -58.70
CA MET B 288 -40.31 -2.40 -59.48
C MET B 288 -39.62 -2.46 -60.85
N ASN B 289 -40.30 -2.17 -61.95
CA ASN B 289 -39.67 -2.34 -63.28
C ASN B 289 -38.59 -3.48 -63.42
N PRO B 290 -39.03 -4.75 -63.46
CA PRO B 290 -38.09 -5.85 -63.60
C PRO B 290 -37.73 -6.22 -65.03
N PRO B 291 -36.53 -6.83 -65.19
CA PRO B 291 -35.87 -7.31 -66.37
C PRO B 291 -36.68 -8.37 -67.07
N ASN B 292 -36.98 -8.13 -68.35
CA ASN B 292 -37.75 -9.06 -69.15
C ASN B 292 -39.26 -8.98 -68.89
N GLY B 293 -39.61 -8.69 -67.64
CA GLY B 293 -40.99 -8.58 -67.29
C GLY B 293 -41.44 -9.55 -66.21
N LYS B 294 -40.73 -10.66 -66.01
CA LYS B 294 -40.94 -11.50 -64.82
C LYS B 294 -40.46 -10.57 -63.75
N ARG B 295 -41.29 -10.08 -62.80
CA ARG B 295 -42.60 -10.57 -62.28
C ARG B 295 -42.36 -11.57 -61.14
N CYS B 296 -41.94 -11.02 -60.00
CA CYS B 296 -41.77 -11.74 -58.75
C CYS B 296 -41.80 -10.59 -57.75
N GLU B 297 -42.69 -10.53 -56.73
CA GLU B 297 -43.57 -11.55 -56.14
C GLU B 297 -43.18 -11.76 -54.66
N PHE B 298 -41.96 -12.26 -54.42
CA PHE B 298 -41.38 -12.57 -53.10
C PHE B 298 -39.85 -12.83 -53.18
N VAL B 299 -39.07 -12.01 -52.47
CA VAL B 299 -37.60 -11.97 -52.61
C VAL B 299 -37.00 -11.89 -51.25
N MET B 300 -36.06 -12.79 -50.95
CA MET B 300 -35.52 -12.93 -49.58
C MET B 300 -34.00 -12.83 -49.57
N GLU B 301 -33.49 -11.79 -48.92
CA GLU B 301 -32.07 -11.56 -48.80
C GLU B 301 -31.40 -12.70 -48.05
N VAL B 302 -30.27 -13.18 -48.59
CA VAL B 302 -29.49 -14.31 -48.05
C VAL B 302 -28.02 -13.84 -47.85
N THR B 303 -27.29 -14.44 -46.88
CA THR B 303 -25.81 -14.22 -46.77
C THR B 303 -24.98 -15.51 -46.68
N ASN B 304 -23.65 -15.34 -46.78
CA ASN B 304 -22.70 -16.44 -46.62
C ASN B 304 -22.47 -16.72 -45.17
N LYS B 305 -22.27 -17.98 -44.85
CA LYS B 305 -22.22 -18.40 -43.46
C LYS B 305 -20.79 -18.36 -42.88
N THR B 306 -20.65 -17.69 -41.73
CA THR B 306 -19.43 -17.66 -40.93
C THR B 306 -19.37 -18.93 -40.07
N ARG B 307 -18.32 -19.05 -39.25
CA ARG B 307 -18.34 -19.96 -38.11
C ARG B 307 -19.36 -19.40 -37.13
N ALA B 308 -19.40 -18.07 -37.05
CA ALA B 308 -20.38 -17.32 -36.24
C ALA B 308 -21.83 -17.82 -36.30
N ASP B 309 -22.25 -18.30 -37.46
CA ASP B 309 -23.65 -18.71 -37.62
C ASP B 309 -23.86 -19.90 -38.58
N VAL B 310 -23.64 -21.11 -38.07
CA VAL B 310 -24.01 -22.32 -38.81
C VAL B 310 -25.42 -22.75 -38.41
N LYS B 311 -25.80 -22.46 -37.16
CA LYS B 311 -27.16 -22.75 -36.66
C LYS B 311 -28.37 -21.89 -37.24
N GLY B 312 -28.36 -21.63 -38.56
CA GLY B 312 -29.41 -20.82 -39.25
C GLY B 312 -30.32 -21.59 -40.21
N GLY B 313 -30.97 -20.89 -41.16
CA GLY B 313 -31.80 -21.53 -42.18
C GLY B 313 -31.30 -21.30 -43.59
N THR B 314 -31.38 -22.32 -44.46
CA THR B 314 -30.84 -22.24 -45.84
C THR B 314 -31.92 -22.43 -46.90
N LEU B 315 -31.69 -21.95 -48.12
CA LEU B 315 -32.65 -22.16 -49.21
C LEU B 315 -32.23 -23.35 -50.06
N THR B 316 -33.18 -24.21 -50.45
CA THR B 316 -32.88 -25.38 -51.31
C THR B 316 -34.08 -25.78 -52.15
N GLN B 317 -33.83 -26.30 -53.36
CA GLN B 317 -34.95 -26.68 -54.24
C GLN B 317 -35.61 -28.05 -53.92
N TYR B 318 -36.83 -27.97 -53.42
CA TYR B 318 -37.59 -29.15 -53.02
C TYR B 318 -38.77 -29.41 -53.98
N GLU B 319 -38.58 -30.40 -54.86
CA GLU B 319 -39.62 -30.88 -55.78
C GLU B 319 -40.05 -29.93 -56.91
N GLY B 320 -39.35 -28.80 -57.06
CA GLY B 320 -39.63 -27.83 -58.14
C GLY B 320 -39.76 -26.36 -57.74
N LYS B 321 -39.75 -26.11 -56.42
CA LYS B 321 -39.78 -24.75 -55.85
C LYS B 321 -38.77 -24.62 -54.70
N LEU B 322 -38.55 -23.40 -54.20
CA LEU B 322 -37.68 -23.13 -53.05
C LEU B 322 -38.37 -23.42 -51.73
N ARG B 323 -37.59 -23.79 -50.71
CA ARG B 323 -38.10 -23.95 -49.34
C ARG B 323 -37.03 -23.59 -48.33
N LEU B 324 -37.43 -22.94 -47.26
CA LEU B 324 -36.54 -22.59 -46.16
C LEU B 324 -36.43 -23.75 -45.22
N VAL B 325 -35.22 -24.29 -45.11
CA VAL B 325 -34.95 -25.45 -44.27
C VAL B 325 -34.19 -25.01 -43.01
N GLU B 326 -34.79 -25.25 -41.84
CA GLU B 326 -34.27 -24.78 -40.54
C GLU B 326 -33.63 -25.90 -39.67
N ILE B 327 -32.80 -25.54 -38.68
CA ILE B 327 -32.13 -26.58 -37.85
C ILE B 327 -33.07 -27.72 -37.42
N ALA B 328 -34.26 -27.36 -36.95
CA ALA B 328 -35.20 -28.30 -36.31
C ALA B 328 -35.75 -29.43 -37.19
N GLN B 329 -36.18 -29.10 -38.41
CA GLN B 329 -36.81 -30.08 -39.31
C GLN B 329 -35.81 -31.06 -39.93
N VAL B 330 -34.56 -31.01 -39.49
CA VAL B 330 -33.51 -31.85 -40.07
C VAL B 330 -33.38 -33.20 -39.36
N PRO B 331 -33.51 -34.30 -40.13
CA PRO B 331 -33.38 -35.69 -39.67
C PRO B 331 -32.16 -35.92 -38.80
N LYS B 332 -32.27 -36.88 -37.86
CA LYS B 332 -31.24 -37.16 -36.86
C LYS B 332 -29.89 -37.58 -37.47
N ALA B 333 -29.97 -38.34 -38.56
CA ALA B 333 -28.79 -38.93 -39.21
C ALA B 333 -27.94 -37.98 -40.06
N HIS B 334 -28.57 -36.93 -40.60
CA HIS B 334 -27.93 -35.99 -41.52
C HIS B 334 -27.73 -34.58 -40.95
N VAL B 335 -27.83 -34.45 -39.63
CA VAL B 335 -27.67 -33.15 -38.96
C VAL B 335 -26.29 -32.53 -39.23
N ASP B 336 -25.28 -33.38 -39.43
CA ASP B 336 -23.93 -32.88 -39.70
C ASP B 336 -23.80 -32.21 -41.07
N GLU B 337 -24.22 -32.92 -42.12
CA GLU B 337 -24.19 -32.40 -43.50
C GLU B 337 -24.94 -31.09 -43.74
N PHE B 338 -25.74 -30.65 -42.77
CA PHE B 338 -26.42 -29.37 -42.89
C PHE B 338 -25.42 -28.28 -42.53
N LYS B 339 -24.75 -28.49 -41.40
CA LYS B 339 -23.76 -27.57 -40.89
C LYS B 339 -22.63 -27.37 -41.91
N SER B 340 -22.04 -28.49 -42.36
CA SER B 340 -20.98 -28.49 -43.39
C SER B 340 -21.59 -28.85 -44.78
N VAL B 341 -20.83 -28.86 -45.88
CA VAL B 341 -19.45 -28.37 -45.96
C VAL B 341 -19.49 -26.84 -46.06
N SER B 342 -20.54 -26.34 -46.69
CA SER B 342 -20.59 -24.94 -47.11
C SER B 342 -19.62 -24.76 -48.29
N LYS B 343 -19.96 -25.21 -49.51
CA LYS B 343 -21.25 -25.85 -49.92
C LYS B 343 -22.56 -25.01 -49.69
N PHE B 344 -23.51 -25.52 -48.89
CA PHE B 344 -24.67 -24.76 -48.46
C PHE B 344 -24.19 -23.53 -47.73
N LYS B 345 -23.70 -22.55 -48.48
CA LYS B 345 -23.01 -21.40 -47.89
C LYS B 345 -24.02 -20.30 -47.59
N ILE B 346 -25.28 -20.63 -47.80
CA ILE B 346 -26.37 -19.69 -47.78
C ILE B 346 -27.21 -19.71 -46.47
N PHE B 347 -27.50 -18.53 -45.94
CA PHE B 347 -28.13 -18.39 -44.61
C PHE B 347 -29.17 -17.22 -44.57
N ASN B 348 -30.33 -17.43 -43.94
CA ASN B 348 -31.45 -16.44 -44.00
C ASN B 348 -31.23 -15.17 -43.16
N THR B 349 -31.40 -14.01 -43.80
CA THR B 349 -31.24 -12.71 -43.16
C THR B 349 -32.50 -12.18 -42.53
N ASN B 350 -33.65 -12.63 -43.02
CA ASN B 350 -34.95 -12.13 -42.57
C ASN B 350 -35.12 -10.66 -42.92
N ASN B 351 -34.51 -10.32 -44.06
CA ASN B 351 -34.81 -9.14 -44.86
C ASN B 351 -35.64 -9.64 -46.03
N LEU B 352 -36.88 -9.18 -46.12
CA LEU B 352 -37.75 -9.68 -47.13
C LEU B 352 -38.52 -8.59 -47.88
N TRP B 353 -38.70 -8.84 -49.16
CA TRP B 353 -39.45 -7.97 -50.02
C TRP B 353 -40.66 -8.74 -50.52
N ILE B 354 -41.87 -8.23 -50.24
CA ILE B 354 -43.08 -8.97 -50.60
C ILE B 354 -44.13 -8.12 -51.32
N SER B 355 -44.70 -8.71 -52.36
CA SER B 355 -45.76 -8.08 -53.15
C SER B 355 -47.10 -8.10 -52.41
N LEU B 356 -47.73 -6.93 -52.33
CA LEU B 356 -49.00 -6.79 -51.60
C LEU B 356 -50.09 -7.50 -52.36
N ALA B 357 -50.06 -7.37 -53.68
CA ALA B 357 -51.06 -8.02 -54.52
C ALA B 357 -51.12 -9.50 -54.17
N ALA B 358 -49.91 -10.05 -53.97
CA ALA B 358 -49.69 -11.48 -53.80
C ALA B 358 -50.27 -11.98 -52.49
N VAL B 359 -50.17 -11.15 -51.45
CA VAL B 359 -50.70 -11.53 -50.14
C VAL B 359 -52.21 -11.83 -50.22
N LYS B 360 -52.99 -10.80 -50.50
CA LYS B 360 -54.41 -10.97 -50.72
C LYS B 360 -54.76 -12.30 -51.39
N ARG B 361 -54.31 -12.49 -52.63
CA ARG B 361 -54.66 -13.67 -53.46
C ARG B 361 -54.53 -14.99 -52.70
N LEU B 362 -53.49 -15.05 -51.86
CA LEU B 362 -53.11 -16.23 -51.11
C LEU B 362 -53.71 -16.27 -49.71
N GLN B 363 -53.94 -15.09 -49.12
CA GLN B 363 -54.53 -15.03 -47.80
C GLN B 363 -55.99 -15.37 -47.85
N GLU B 364 -56.78 -14.56 -48.54
CA GLU B 364 -58.20 -14.80 -48.71
C GLU B 364 -58.49 -16.19 -49.27
N GLN B 365 -57.48 -16.94 -49.69
CA GLN B 365 -57.68 -18.29 -50.22
C GLN B 365 -56.98 -19.41 -49.46
N ASN B 366 -56.51 -19.10 -48.24
CA ASN B 366 -55.80 -20.03 -47.34
C ASN B 366 -54.79 -20.91 -48.05
N ALA B 367 -53.54 -20.43 -48.17
CA ALA B 367 -52.53 -21.12 -48.96
C ALA B 367 -51.07 -20.77 -48.59
N ILE B 368 -50.88 -19.94 -47.59
CA ILE B 368 -49.52 -19.68 -47.14
C ILE B 368 -49.08 -20.83 -46.21
N ASP B 369 -48.38 -21.79 -46.79
CA ASP B 369 -47.93 -22.99 -46.08
C ASP B 369 -46.65 -22.77 -45.32
N MET B 370 -46.78 -22.59 -44.01
CA MET B 370 -45.60 -22.39 -43.20
C MET B 370 -45.42 -23.55 -42.27
N GLU B 371 -44.16 -23.91 -42.05
CA GLU B 371 -43.81 -24.97 -41.14
C GLU B 371 -44.16 -24.59 -39.69
N ILE B 372 -44.59 -25.59 -38.91
CA ILE B 372 -44.93 -25.41 -37.50
C ILE B 372 -43.73 -25.61 -36.56
N ILE B 373 -43.55 -24.69 -35.61
CA ILE B 373 -42.46 -24.80 -34.64
C ILE B 373 -43.06 -25.30 -33.32
N VAL B 374 -42.28 -26.04 -32.54
CA VAL B 374 -42.78 -26.62 -31.28
C VAL B 374 -42.40 -25.75 -30.06
N ASN B 375 -41.11 -25.48 -29.86
CA ASN B 375 -40.67 -24.45 -28.90
C ASN B 375 -41.02 -24.67 -27.45
N ALA B 376 -40.63 -25.81 -26.89
CA ALA B 376 -40.98 -26.13 -25.48
C ALA B 376 -40.26 -25.23 -24.48
N LYS B 377 -41.04 -24.63 -23.58
CA LYS B 377 -40.50 -23.67 -22.61
C LYS B 377 -40.93 -24.04 -21.18
N THR B 378 -40.05 -23.75 -20.22
CA THR B 378 -40.42 -23.87 -18.77
C THR B 378 -39.98 -22.68 -17.88
N LEU B 379 -40.98 -22.00 -17.30
CA LEU B 379 -40.85 -20.77 -16.48
C LEU B 379 -42.21 -20.57 -15.84
N ASP B 380 -42.27 -20.31 -14.53
CA ASP B 380 -41.12 -20.12 -13.66
C ASP B 380 -41.01 -21.20 -12.55
N GLY B 381 -42.13 -21.46 -11.87
CA GLY B 381 -42.22 -22.49 -10.83
C GLY B 381 -43.26 -23.49 -11.30
N GLY B 382 -43.22 -23.78 -12.60
CA GLY B 382 -44.19 -24.63 -13.27
C GLY B 382 -43.56 -25.65 -14.21
N LEU B 383 -44.32 -26.70 -14.50
CA LEU B 383 -43.86 -27.84 -15.30
C LEU B 383 -43.70 -27.48 -16.79
N ASN B 384 -44.01 -28.41 -17.68
CA ASN B 384 -43.67 -28.20 -19.08
C ASN B 384 -44.82 -27.76 -20.01
N VAL B 385 -44.56 -26.64 -20.67
CA VAL B 385 -45.51 -25.96 -21.55
C VAL B 385 -44.97 -25.82 -22.98
N ILE B 386 -45.80 -26.25 -23.93
CA ILE B 386 -45.51 -26.09 -25.34
C ILE B 386 -46.05 -24.70 -25.72
N GLN B 387 -45.83 -24.29 -26.97
CA GLN B 387 -46.18 -22.95 -27.42
C GLN B 387 -46.05 -22.96 -28.94
N LEU B 388 -47.14 -22.78 -29.68
CA LEU B 388 -47.07 -22.93 -31.16
C LEU B 388 -46.90 -21.60 -31.94
N GLU B 389 -45.84 -21.55 -32.76
CA GLU B 389 -45.38 -20.35 -33.51
C GLU B 389 -45.12 -20.62 -34.98
N THR B 390 -44.96 -19.57 -35.78
CA THR B 390 -44.56 -19.71 -37.20
C THR B 390 -43.50 -18.69 -37.75
N ALA B 391 -42.93 -18.97 -38.92
CA ALA B 391 -41.90 -18.09 -39.48
C ALA B 391 -42.16 -17.56 -40.88
N VAL B 392 -42.16 -16.23 -41.02
CA VAL B 392 -42.23 -15.54 -42.33
C VAL B 392 -41.62 -16.37 -43.47
N GLY B 393 -40.31 -16.58 -43.40
CA GLY B 393 -39.54 -17.29 -44.40
C GLY B 393 -40.10 -18.56 -45.03
N ALA B 394 -40.76 -19.42 -44.27
CA ALA B 394 -41.15 -20.69 -44.87
C ALA B 394 -42.29 -20.49 -45.86
N ALA B 395 -42.68 -19.23 -46.06
CA ALA B 395 -43.75 -18.87 -47.02
C ALA B 395 -43.31 -18.96 -48.50
N ILE B 396 -42.03 -18.74 -48.75
CA ILE B 396 -41.46 -18.88 -50.09
C ILE B 396 -42.05 -20.08 -50.84
N LYS B 397 -42.22 -21.19 -50.12
CA LYS B 397 -42.80 -22.43 -50.64
C LYS B 397 -44.03 -22.20 -51.53
N SER B 398 -44.85 -21.25 -51.12
CA SER B 398 -46.17 -21.10 -51.69
C SER B 398 -46.20 -20.07 -52.80
N PHE B 399 -45.36 -19.05 -52.68
CA PHE B 399 -45.33 -17.98 -53.67
C PHE B 399 -44.84 -18.48 -55.05
N GLU B 400 -44.81 -17.58 -56.02
CA GLU B 400 -44.40 -17.96 -57.38
C GLU B 400 -43.32 -17.03 -57.94
N ASN B 401 -42.39 -17.62 -58.67
CA ASN B 401 -41.18 -16.91 -59.09
C ASN B 401 -40.28 -16.32 -57.99
N SER B 402 -40.60 -16.66 -56.73
CA SER B 402 -39.78 -16.37 -55.56
C SER B 402 -38.31 -16.54 -55.82
N LEU B 403 -37.53 -15.56 -55.39
CA LEU B 403 -36.10 -15.67 -55.53
C LEU B 403 -35.36 -14.95 -54.43
N GLY B 404 -34.12 -15.40 -54.23
CA GLY B 404 -33.24 -14.83 -53.22
C GLY B 404 -31.99 -14.25 -53.83
N ILE B 405 -31.58 -13.09 -53.32
CA ILE B 405 -30.33 -12.45 -53.73
C ILE B 405 -29.33 -12.52 -52.54
N ASN B 406 -28.05 -12.74 -52.85
CA ASN B 406 -26.96 -12.89 -51.86
C ASN B 406 -26.48 -11.50 -51.49
N VAL B 407 -26.31 -11.21 -50.22
CA VAL B 407 -26.05 -9.83 -49.79
C VAL B 407 -24.71 -9.68 -49.07
N PRO B 408 -24.07 -8.49 -49.16
CA PRO B 408 -23.02 -8.24 -48.18
C PRO B 408 -23.56 -8.32 -46.72
N ARG B 409 -22.64 -8.33 -45.76
CA ARG B 409 -22.99 -8.39 -44.36
C ARG B 409 -22.96 -6.99 -43.79
N SER B 410 -22.77 -6.01 -44.67
CA SER B 410 -22.92 -4.61 -44.31
C SER B 410 -24.36 -4.49 -43.80
N ARG B 411 -25.25 -5.23 -44.49
CA ARG B 411 -26.70 -5.25 -44.32
C ARG B 411 -27.24 -6.10 -43.15
N PHE B 412 -26.39 -6.88 -42.50
CA PHE B 412 -26.84 -7.75 -41.43
C PHE B 412 -26.09 -7.56 -40.08
N LEU B 413 -26.62 -6.71 -39.19
CA LEU B 413 -26.05 -6.51 -37.83
C LEU B 413 -27.09 -6.67 -36.71
N PRO B 414 -27.31 -7.91 -36.28
CA PRO B 414 -28.21 -8.06 -35.17
C PRO B 414 -27.53 -7.65 -33.87
N VAL B 415 -28.00 -6.57 -33.26
CA VAL B 415 -27.62 -6.16 -31.91
C VAL B 415 -28.37 -7.01 -30.87
N LYS B 416 -27.85 -8.20 -30.56
CA LYS B 416 -28.54 -9.11 -29.62
C LYS B 416 -27.99 -9.13 -28.17
N THR B 417 -26.71 -8.79 -28.00
CA THR B 417 -26.04 -8.83 -26.71
C THR B 417 -25.35 -7.50 -26.47
N THR B 418 -24.79 -7.32 -25.27
CA THR B 418 -24.00 -6.14 -24.97
C THR B 418 -22.67 -6.21 -25.70
N SER B 419 -22.15 -7.43 -25.84
CA SER B 419 -21.05 -7.65 -26.76
C SER B 419 -21.33 -6.89 -28.04
N ASP B 420 -22.51 -7.08 -28.61
CA ASP B 420 -22.83 -6.44 -29.87
C ASP B 420 -22.95 -4.95 -29.76
N LEU B 421 -23.47 -4.48 -28.64
CA LEU B 421 -23.69 -3.06 -28.47
C LEU B 421 -22.37 -2.31 -28.56
N LEU B 422 -21.39 -2.76 -27.78
CA LEU B 422 -20.08 -2.11 -27.69
C LEU B 422 -19.57 -1.80 -29.07
N LEU B 423 -19.28 -2.88 -29.79
CA LEU B 423 -18.82 -2.82 -31.14
C LEU B 423 -19.53 -1.70 -31.88
N VAL B 424 -20.85 -1.67 -31.74
CA VAL B 424 -21.68 -0.79 -32.56
C VAL B 424 -21.79 0.64 -32.01
N MET B 425 -21.25 0.88 -30.82
CA MET B 425 -21.10 2.26 -30.36
C MET B 425 -19.65 2.74 -30.26
N SER B 426 -18.73 1.90 -30.73
CA SER B 426 -17.29 2.19 -30.86
C SER B 426 -16.98 3.27 -31.90
N ASN B 427 -15.69 3.41 -32.18
CA ASN B 427 -15.26 4.23 -33.31
C ASN B 427 -15.06 3.39 -34.56
N LEU B 428 -15.62 2.18 -34.53
CA LEU B 428 -15.45 1.19 -35.58
C LEU B 428 -16.53 1.41 -36.66
N TYR B 429 -17.49 2.28 -36.33
CA TYR B 429 -18.65 2.64 -37.19
C TYR B 429 -18.81 4.16 -37.07
N SER B 430 -19.47 4.76 -38.06
CA SER B 430 -19.83 6.17 -37.92
C SER B 430 -21.30 6.45 -38.27
N LEU B 431 -21.96 7.20 -37.39
CA LEU B 431 -23.36 7.54 -37.57
C LEU B 431 -23.56 8.67 -38.56
N ASN B 432 -24.32 8.38 -39.62
CA ASN B 432 -24.73 9.38 -40.61
C ASN B 432 -26.20 9.21 -40.88
N ALA B 433 -26.99 10.26 -40.68
CA ALA B 433 -28.43 10.24 -40.95
C ALA B 433 -29.11 8.95 -40.50
N GLY B 434 -28.78 8.48 -39.30
CA GLY B 434 -29.50 7.38 -38.68
C GLY B 434 -29.11 5.98 -39.09
N SER B 435 -28.41 5.87 -40.21
CA SER B 435 -27.79 4.60 -40.58
C SER B 435 -26.30 4.65 -40.29
N LEU B 436 -25.74 3.49 -39.93
CA LEU B 436 -24.32 3.39 -39.66
C LEU B 436 -23.72 2.20 -40.39
N THR B 437 -22.46 2.36 -40.79
CA THR B 437 -21.72 1.39 -41.57
C THR B 437 -20.24 1.39 -41.15
N MET B 438 -19.58 0.24 -41.27
CA MET B 438 -18.19 0.15 -40.86
C MET B 438 -17.54 1.31 -41.56
N SER B 439 -16.49 1.88 -40.97
CA SER B 439 -15.90 3.07 -41.56
C SER B 439 -14.45 2.86 -41.74
N GLU B 440 -13.95 3.33 -42.89
CA GLU B 440 -12.52 3.71 -43.06
C GLU B 440 -12.15 4.69 -41.88
N LYS B 441 -10.90 4.78 -41.43
CA LYS B 441 -9.85 3.86 -41.73
C LYS B 441 -9.93 2.75 -40.74
N ARG B 442 -10.42 1.60 -41.17
CA ARG B 442 -10.23 0.34 -40.47
C ARG B 442 -9.66 -0.55 -41.54
N GLU B 443 -8.35 -0.84 -41.46
CA GLU B 443 -7.68 -1.47 -42.59
C GLU B 443 -8.15 -2.89 -42.94
N PHE B 444 -7.74 -3.91 -42.21
CA PHE B 444 -8.15 -5.28 -42.56
C PHE B 444 -9.63 -5.37 -42.34
N PRO B 445 -10.39 -5.88 -43.33
CA PRO B 445 -11.87 -5.80 -43.41
C PRO B 445 -12.60 -6.78 -42.43
N THR B 446 -11.87 -7.85 -42.10
CA THR B 446 -11.97 -8.67 -40.88
C THR B 446 -12.97 -8.09 -39.88
N VAL B 447 -13.81 -8.92 -39.27
CA VAL B 447 -14.66 -8.37 -38.22
C VAL B 447 -14.25 -8.93 -36.85
N PRO B 448 -14.01 -8.04 -35.85
CA PRO B 448 -13.48 -8.51 -34.56
C PRO B 448 -14.51 -9.37 -33.87
N LEU B 449 -14.07 -10.12 -32.86
CA LEU B 449 -15.02 -10.88 -32.03
C LEU B 449 -14.88 -10.55 -30.55
N VAL B 450 -15.97 -10.06 -29.95
CA VAL B 450 -15.96 -9.57 -28.56
C VAL B 450 -16.86 -10.42 -27.68
N LYS B 451 -16.26 -11.06 -26.69
CA LYS B 451 -17.05 -11.86 -25.79
C LYS B 451 -17.06 -11.22 -24.39
N LEU B 452 -18.15 -10.60 -23.97
CA LEU B 452 -18.15 -10.08 -22.61
C LEU B 452 -18.66 -11.11 -21.64
N GLY B 453 -18.37 -10.94 -20.34
CA GLY B 453 -18.79 -11.86 -19.25
C GLY B 453 -20.24 -11.66 -18.79
N SER B 454 -20.69 -12.50 -17.85
CA SER B 454 -22.08 -12.36 -17.37
C SER B 454 -22.27 -11.10 -16.52
N SER B 455 -21.13 -10.55 -16.08
CA SER B 455 -21.08 -9.30 -15.33
C SER B 455 -21.42 -8.08 -16.22
N PHE B 456 -21.49 -8.33 -17.53
CA PHE B 456 -21.78 -7.29 -18.53
C PHE B 456 -23.10 -7.46 -19.29
N THR B 457 -23.89 -8.47 -18.91
CA THR B 457 -25.17 -8.78 -19.56
C THR B 457 -26.19 -7.64 -19.51
N LYS B 458 -26.63 -7.25 -18.32
CA LYS B 458 -27.63 -6.19 -18.20
C LYS B 458 -27.02 -4.86 -18.63
N VAL B 459 -27.69 -4.19 -19.55
CA VAL B 459 -27.29 -2.87 -20.05
C VAL B 459 -26.93 -1.87 -18.96
N GLN B 460 -27.66 -1.90 -17.84
CA GLN B 460 -27.45 -0.91 -16.79
C GLN B 460 -26.00 -0.99 -16.28
N ASP B 461 -25.50 -2.21 -16.13
CA ASP B 461 -24.09 -2.47 -15.79
C ASP B 461 -23.13 -2.02 -16.89
N TYR B 462 -23.31 -2.56 -18.09
CA TYR B 462 -22.50 -2.22 -19.23
C TYR B 462 -22.15 -0.73 -19.24
N LEU B 463 -23.13 0.13 -19.09
CA LEU B 463 -22.88 1.56 -19.11
C LEU B 463 -21.90 2.07 -18.04
N ARG B 464 -22.08 1.62 -16.80
CA ARG B 464 -21.27 2.07 -15.65
C ARG B 464 -19.84 1.50 -15.58
N ARG B 465 -19.67 0.29 -16.11
CA ARG B 465 -18.36 -0.37 -16.20
C ARG B 465 -17.39 0.30 -17.20
N PHE B 466 -17.90 0.87 -18.28
CA PHE B 466 -17.08 1.61 -19.22
C PHE B 466 -17.29 3.10 -19.02
N GLU B 467 -16.34 3.77 -18.38
CA GLU B 467 -16.46 5.21 -18.13
C GLU B 467 -16.59 6.00 -19.42
N SER B 468 -16.34 5.32 -20.52
CA SER B 468 -16.27 5.91 -21.81
C SER B 468 -16.26 4.68 -22.69
N ILE B 469 -16.25 4.91 -23.98
CA ILE B 469 -16.23 3.79 -24.87
C ILE B 469 -14.84 3.72 -25.47
N PRO B 470 -14.19 2.56 -25.31
CA PRO B 470 -12.81 2.46 -25.70
C PRO B 470 -12.65 2.50 -27.21
N ASP B 471 -11.48 2.96 -27.63
CA ASP B 471 -11.07 2.99 -29.01
C ASP B 471 -10.88 1.56 -29.46
N MET B 472 -11.46 1.21 -30.62
CA MET B 472 -11.30 -0.13 -31.18
C MET B 472 -10.47 -0.07 -32.45
N LEU B 473 -11.05 -0.33 -33.60
CA LEU B 473 -10.33 -0.14 -34.88
C LEU B 473 -9.18 -1.11 -35.10
N GLU B 474 -8.41 -1.39 -34.06
CA GLU B 474 -7.30 -2.33 -34.13
C GLU B 474 -7.48 -3.60 -33.25
N LEU B 475 -8.76 -3.97 -33.00
CA LEU B 475 -9.12 -5.22 -32.33
C LEU B 475 -9.12 -6.44 -33.21
N ASP B 476 -8.66 -7.54 -32.65
CA ASP B 476 -8.67 -8.81 -33.34
C ASP B 476 -9.52 -9.76 -32.52
N HIS B 477 -9.31 -9.73 -31.21
CA HIS B 477 -10.12 -10.51 -30.30
C HIS B 477 -10.17 -9.79 -28.97
N LEU B 478 -11.32 -9.84 -28.28
CA LEU B 478 -11.46 -9.36 -26.89
C LEU B 478 -12.21 -10.38 -26.05
N THR B 479 -11.80 -10.59 -24.81
CA THR B 479 -12.53 -11.54 -23.99
C THR B 479 -12.43 -11.14 -22.52
N VAL B 480 -13.53 -10.68 -21.93
CA VAL B 480 -13.55 -10.16 -20.56
C VAL B 480 -14.47 -11.02 -19.72
N SER B 481 -14.05 -11.44 -18.53
CA SER B 481 -14.90 -12.33 -17.75
C SER B 481 -14.67 -12.30 -16.24
N GLY B 482 -15.71 -11.84 -15.53
CA GLY B 482 -15.60 -11.57 -14.12
C GLY B 482 -15.65 -10.06 -13.90
N ASP B 483 -15.20 -9.63 -12.72
CA ASP B 483 -15.32 -8.24 -12.30
C ASP B 483 -14.20 -7.30 -12.79
N VAL B 484 -14.46 -6.56 -13.87
CA VAL B 484 -13.49 -5.64 -14.49
C VAL B 484 -14.06 -4.23 -14.49
N THR B 485 -13.26 -3.21 -14.82
CA THR B 485 -13.80 -1.87 -15.13
C THR B 485 -12.88 -0.94 -15.95
N PHE B 486 -13.36 -0.34 -17.04
CA PHE B 486 -12.52 0.55 -17.86
C PHE B 486 -12.72 2.04 -17.62
N GLY B 487 -11.65 2.83 -17.68
CA GLY B 487 -11.74 4.28 -17.47
C GLY B 487 -11.85 5.10 -18.76
N LYS B 488 -11.79 6.42 -18.63
CA LYS B 488 -11.86 7.32 -19.80
C LYS B 488 -10.61 7.22 -20.69
N ASN B 489 -10.80 6.92 -21.97
CA ASN B 489 -9.69 6.94 -22.94
C ASN B 489 -8.80 5.68 -23.04
N VAL B 490 -9.37 4.54 -22.69
CA VAL B 490 -8.70 3.26 -22.93
C VAL B 490 -8.69 2.93 -24.42
N SER B 491 -7.55 2.43 -24.88
CA SER B 491 -7.35 2.09 -26.26
C SER B 491 -6.98 0.61 -26.40
N LEU B 492 -7.82 -0.14 -27.12
CA LEU B 492 -7.62 -1.58 -27.24
C LEU B 492 -7.17 -1.97 -28.65
N LYS B 493 -6.13 -2.79 -28.72
CA LYS B 493 -5.53 -3.26 -30.01
C LYS B 493 -4.84 -4.65 -29.92
N GLY B 494 -4.95 -5.44 -30.99
CA GLY B 494 -4.49 -6.83 -31.00
C GLY B 494 -5.52 -7.76 -30.40
N THR B 495 -5.06 -8.72 -29.60
CA THR B 495 -5.97 -9.63 -28.89
C THR B 495 -5.89 -9.36 -27.41
N VAL B 496 -6.98 -8.90 -26.82
CA VAL B 496 -6.96 -8.53 -25.41
C VAL B 496 -7.80 -9.46 -24.54
N ILE B 497 -7.15 -10.04 -23.53
CA ILE B 497 -7.81 -10.98 -22.63
C ILE B 497 -7.81 -10.45 -21.19
N ILE B 498 -8.98 -10.21 -20.61
CA ILE B 498 -9.01 -9.68 -19.26
C ILE B 498 -9.83 -10.55 -18.34
N ILE B 499 -9.17 -11.51 -17.69
CA ILE B 499 -9.83 -12.45 -16.77
C ILE B 499 -9.55 -12.08 -15.35
N ALA B 500 -10.60 -11.84 -14.59
CA ALA B 500 -10.47 -11.63 -13.17
C ALA B 500 -11.28 -12.69 -12.40
N ASN B 501 -10.61 -13.44 -11.51
CA ASN B 501 -11.25 -14.55 -10.76
C ASN B 501 -12.24 -14.09 -9.69
N HIS B 502 -12.89 -15.05 -9.02
CA HIS B 502 -13.92 -14.71 -8.03
C HIS B 502 -13.27 -14.05 -6.84
N GLY B 503 -13.77 -12.87 -6.50
CA GLY B 503 -13.28 -12.14 -5.34
C GLY B 503 -12.29 -11.05 -5.68
N ASP B 504 -11.92 -10.95 -6.98
CA ASP B 504 -10.90 -10.01 -7.49
C ASP B 504 -11.50 -8.87 -8.32
N ARG B 505 -10.83 -7.72 -8.33
CA ARG B 505 -11.20 -6.60 -9.23
C ARG B 505 -10.04 -6.21 -10.18
N ILE B 506 -10.37 -5.66 -11.35
CA ILE B 506 -9.36 -5.11 -12.25
C ILE B 506 -9.88 -3.78 -12.81
N ASP B 507 -9.15 -2.71 -12.57
CA ASP B 507 -9.57 -1.40 -13.07
C ASP B 507 -8.54 -0.83 -14.00
N ILE B 508 -8.74 -1.03 -15.29
CA ILE B 508 -7.80 -0.51 -16.27
C ILE B 508 -7.77 1.03 -16.23
N PRO B 509 -6.59 1.61 -15.94
CA PRO B 509 -6.48 3.01 -15.58
C PRO B 509 -6.82 3.84 -16.78
N PRO B 510 -7.22 5.10 -16.56
CA PRO B 510 -7.61 5.88 -17.71
C PRO B 510 -6.41 6.18 -18.63
N GLY B 511 -6.58 5.92 -19.92
CA GLY B 511 -5.52 6.17 -20.90
C GLY B 511 -4.63 4.99 -21.30
N ALA B 512 -4.92 3.82 -20.73
CA ALA B 512 -4.14 2.61 -20.97
C ALA B 512 -4.27 2.14 -22.39
N VAL B 513 -3.23 1.45 -22.86
CA VAL B 513 -3.22 0.92 -24.22
C VAL B 513 -2.78 -0.54 -24.18
N LEU B 514 -3.80 -1.39 -24.19
CA LEU B 514 -3.60 -2.80 -24.09
C LEU B 514 -3.54 -3.39 -25.49
N GLU B 515 -2.33 -3.83 -25.87
CA GLU B 515 -2.09 -4.50 -27.16
C GLU B 515 -1.52 -5.88 -26.90
N ASN B 516 -2.23 -6.92 -27.32
CA ASN B 516 -1.76 -8.30 -27.17
C ASN B 516 -1.28 -8.72 -25.79
N LYS B 517 -2.08 -8.36 -24.78
CA LYS B 517 -1.78 -8.70 -23.40
C LYS B 517 -2.89 -9.54 -22.79
N ILE B 518 -2.52 -10.30 -21.75
CA ILE B 518 -3.45 -11.05 -20.93
C ILE B 518 -3.40 -10.41 -19.58
N VAL B 519 -4.45 -9.72 -19.20
CA VAL B 519 -4.45 -9.05 -17.92
C VAL B 519 -5.12 -9.98 -16.94
N SER B 520 -4.57 -10.15 -15.74
CA SER B 520 -5.21 -11.04 -14.79
C SER B 520 -5.15 -10.55 -13.34
N GLU C 47 -43.48 35.08 -23.50
CA GLU C 47 -44.69 34.33 -23.06
C GLU C 47 -44.32 33.04 -22.33
N LEU C 48 -43.05 32.93 -21.95
CA LEU C 48 -42.52 31.69 -21.36
C LEU C 48 -41.99 31.88 -19.93
N GLU C 49 -42.09 33.12 -19.43
CA GLU C 49 -41.85 33.44 -18.02
C GLU C 49 -43.17 33.80 -17.33
N LEU C 50 -44.20 34.05 -18.13
CA LEU C 50 -45.53 34.41 -17.65
C LEU C 50 -46.37 33.19 -17.25
N SER C 51 -45.82 31.99 -17.45
CA SER C 51 -46.48 30.75 -17.08
C SER C 51 -45.89 30.07 -15.84
N VAL C 52 -44.72 30.54 -15.39
CA VAL C 52 -44.13 30.11 -14.12
C VAL C 52 -44.60 31.03 -12.99
N LYS C 53 -44.72 32.32 -13.28
CA LYS C 53 -45.16 33.34 -12.31
C LYS C 53 -46.64 33.20 -11.96
N LYS C 54 -47.42 32.65 -12.88
CA LYS C 54 -48.86 32.41 -12.68
C LYS C 54 -49.11 31.27 -11.69
N GLU C 55 -48.12 30.40 -11.52
CA GLU C 55 -48.14 29.36 -10.51
C GLU C 55 -47.37 29.80 -9.27
N LEU C 56 -46.78 31.00 -9.33
CA LEU C 56 -46.19 31.66 -8.16
C LEU C 56 -47.22 32.58 -7.51
N GLU C 57 -48.31 32.85 -8.22
CA GLU C 57 -49.48 33.51 -7.67
C GLU C 57 -50.49 32.48 -7.16
N LYS C 58 -50.27 31.22 -7.54
CA LYS C 58 -51.14 30.10 -7.15
C LYS C 58 -50.62 29.36 -5.93
N ILE C 59 -49.60 29.94 -5.29
CA ILE C 59 -48.96 29.35 -4.11
C ILE C 59 -49.04 30.30 -2.90
N LEU C 60 -49.55 31.50 -3.13
CA LEU C 60 -49.82 32.46 -2.05
C LEU C 60 -51.09 32.12 -1.26
N THR C 61 -52.10 31.56 -1.94
CA THR C 61 -53.37 31.20 -1.29
C THR C 61 -53.30 29.85 -0.55
N THR C 62 -52.18 29.14 -0.68
CA THR C 62 -51.89 27.94 0.11
C THR C 62 -51.02 28.26 1.35
N ALA C 63 -51.22 29.47 1.87
CA ALA C 63 -50.53 29.95 3.08
C ALA C 63 -51.36 29.67 4.33
N SER C 64 -50.67 29.31 5.43
CA SER C 64 -51.33 28.97 6.70
C SER C 64 -51.83 30.21 7.46
N SER C 65 -52.48 31.12 6.72
CA SER C 65 -53.06 32.37 7.24
C SER C 65 -52.05 33.33 7.88
N HIS C 66 -51.32 32.88 8.91
CA HIS C 66 -50.37 33.73 9.61
C HIS C 66 -49.14 34.12 8.77
N GLU C 67 -48.52 33.15 8.10
CA GLU C 67 -47.37 33.40 7.23
C GLU C 67 -47.81 34.17 5.97
N PHE C 68 -47.53 35.47 5.98
CA PHE C 68 -47.89 36.36 4.87
C PHE C 68 -46.91 37.53 4.78
N GLU C 69 -46.17 37.74 5.88
CA GLU C 69 -45.17 38.80 5.97
C GLU C 69 -43.91 38.48 5.15
N HIS C 70 -43.45 37.25 5.23
CA HIS C 70 -42.26 36.81 4.47
C HIS C 70 -42.61 35.88 3.30
N THR C 71 -43.91 35.77 3.03
CA THR C 71 -44.44 34.94 1.94
C THR C 71 -44.38 35.67 0.57
N LYS C 72 -45.04 36.83 0.48
CA LYS C 72 -45.07 37.64 -0.75
C LYS C 72 -43.72 38.26 -1.13
N LYS C 73 -42.72 38.08 -0.28
CA LYS C 73 -41.39 38.68 -0.47
C LYS C 73 -40.36 37.69 -1.03
N ASP C 74 -40.36 36.46 -0.52
CA ASP C 74 -39.42 35.43 -0.98
C ASP C 74 -39.67 35.04 -2.42
N LEU C 75 -40.94 35.02 -2.82
CA LEU C 75 -41.30 34.87 -4.22
C LEU C 75 -40.72 36.03 -5.04
N ASP C 76 -41.05 37.26 -4.64
CA ASP C 76 -40.66 38.49 -5.36
C ASP C 76 -39.13 38.68 -5.46
N GLY C 77 -38.38 37.77 -4.85
CA GLY C 77 -36.93 37.71 -5.00
C GLY C 77 -36.56 36.77 -6.14
N PHE C 78 -37.26 35.64 -6.21
CA PHE C 78 -37.07 34.64 -7.27
C PHE C 78 -37.36 35.25 -8.65
N ARG C 79 -38.26 36.23 -8.69
CA ARG C 79 -38.58 36.96 -9.91
C ARG C 79 -37.45 37.89 -10.32
N LYS C 80 -36.73 38.43 -9.35
CA LYS C 80 -35.59 39.33 -9.60
C LYS C 80 -34.37 38.57 -10.11
N LEU C 81 -34.38 37.24 -9.95
CA LEU C 81 -33.26 36.39 -10.35
C LEU C 81 -33.59 35.44 -11.51
N PHE C 82 -34.89 35.20 -11.75
CA PHE C 82 -35.35 34.43 -12.91
C PHE C 82 -35.33 35.30 -14.17
N HIS C 83 -35.35 36.63 -13.95
CA HIS C 83 -35.26 37.62 -15.03
C HIS C 83 -33.80 37.77 -15.49
N ARG C 84 -32.86 37.34 -14.64
CA ARG C 84 -31.42 37.37 -14.94
C ARG C 84 -30.89 36.04 -15.50
N PHE C 85 -31.76 35.03 -15.51
CA PHE C 85 -31.45 33.69 -16.02
C PHE C 85 -31.46 33.64 -17.55
N LEU C 86 -32.43 34.33 -18.15
CA LEU C 86 -32.64 34.29 -19.61
C LEU C 86 -32.17 35.57 -20.33
N GLN C 87 -31.70 36.55 -19.55
CA GLN C 87 -30.99 37.70 -20.11
C GLN C 87 -29.50 37.57 -19.80
N GLU C 88 -29.13 36.42 -19.24
CA GLU C 88 -27.75 36.05 -18.87
C GLU C 88 -27.10 37.05 -17.91
N GLY C 96 -13.36 40.04 -20.33
CA GLY C 96 -11.90 40.08 -20.43
C GLY C 96 -11.33 39.07 -21.41
N LYS C 97 -10.04 38.77 -21.32
CA LYS C 97 -9.12 39.38 -20.36
C LYS C 97 -8.55 40.69 -20.90
N ILE C 98 -8.58 41.74 -20.08
CA ILE C 98 -8.09 43.08 -20.47
C ILE C 98 -7.51 43.90 -19.32
N GLN C 99 -7.59 43.38 -18.10
CA GLN C 99 -7.02 44.04 -16.92
C GLN C 99 -6.59 43.04 -15.85
N ARG C 100 -5.36 43.19 -15.37
CA ARG C 100 -4.82 42.35 -14.30
C ARG C 100 -4.61 43.19 -13.03
N PRO C 101 -4.89 42.61 -11.84
CA PRO C 101 -4.74 43.36 -10.58
C PRO C 101 -3.32 43.91 -10.36
N PRO C 102 -3.19 45.24 -10.17
CA PRO C 102 -1.88 45.89 -10.02
C PRO C 102 -1.26 45.66 -8.64
N GLU C 103 -0.09 46.24 -8.41
CA GLU C 103 0.56 46.18 -7.10
C GLU C 103 -0.17 47.07 -6.08
N ASP C 104 -0.66 48.23 -6.55
CA ASP C 104 -1.39 49.17 -5.71
C ASP C 104 -2.83 48.70 -5.43
N SER C 105 -2.95 47.61 -4.66
CA SER C 105 -4.24 46.99 -4.32
C SER C 105 -4.17 46.04 -3.11
N ILE C 106 -3.11 45.22 -3.07
CA ILE C 106 -2.95 44.20 -2.04
C ILE C 106 -1.49 44.14 -1.58
N PRO C 108 -0.24 42.99 2.09
CA PRO C 108 0.49 42.01 2.91
C PRO C 108 0.11 42.10 4.38
N TYR C 109 0.28 40.98 5.10
CA TYR C 109 -0.06 40.90 6.52
C TYR C 109 0.97 41.59 7.41
N GLU C 110 2.24 41.24 7.20
CA GLU C 110 3.35 41.72 8.05
C GLU C 110 3.68 43.20 7.90
N LYS C 111 2.99 43.88 6.97
CA LYS C 111 3.13 45.33 6.81
C LYS C 111 2.07 46.12 7.60
N ILE C 112 0.90 45.50 7.84
CA ILE C 112 -0.16 46.11 8.64
C ILE C 112 0.17 46.04 10.14
N LYS C 113 0.85 44.98 10.54
CA LYS C 113 1.29 44.77 11.93
C LYS C 113 2.35 45.78 12.39
N ALA C 114 2.90 46.54 11.44
CA ALA C 114 3.90 47.56 11.73
C ALA C 114 3.31 48.98 11.69
N ARG C 115 1.98 49.07 11.72
CA ARG C 115 1.27 50.35 11.72
C ARG C 115 0.80 50.82 13.10
N GLY C 116 0.29 49.94 13.97
CA GLY C 116 0.07 48.51 13.69
C GLY C 116 -1.00 47.91 14.57
N LEU C 117 -0.92 48.22 15.87
CA LEU C 117 -1.91 47.80 16.86
C LEU C 117 -2.28 48.97 17.77
N PRO C 118 -3.56 49.40 17.74
CA PRO C 118 -4.01 50.50 18.61
C PRO C 118 -4.06 50.08 20.08
N ASP C 119 -3.46 50.88 20.94
CA ASP C 119 -3.49 50.62 22.37
C ASP C 119 -4.47 51.57 23.08
N ASN C 120 -5.37 51.05 23.91
CA ASN C 120 -5.47 49.61 24.25
C ASN C 120 -6.90 49.12 24.50
N ILE C 121 -7.66 49.89 25.29
CA ILE C 121 -9.02 49.53 25.72
C ILE C 121 -10.08 50.52 25.19
N SER C 122 -10.93 50.09 24.26
CA SER C 122 -10.93 48.73 23.72
C SER C 122 -10.71 48.62 22.20
N SER C 123 -11.24 49.54 21.39
CA SER C 123 -11.97 50.75 21.82
C SER C 123 -13.44 50.97 21.33
N VAL C 124 -13.79 50.85 20.03
CA VAL C 124 -13.06 50.29 18.87
C VAL C 124 -13.24 48.76 18.71
N LEU C 125 -13.25 48.03 19.82
CA LEU C 125 -13.72 46.65 19.82
C LEU C 125 -15.23 46.64 20.05
N ASN C 126 -15.79 47.82 20.38
CA ASN C 126 -17.20 47.98 20.67
C ASN C 126 -18.05 48.37 19.46
N LYS C 127 -17.40 48.90 18.43
CA LYS C 127 -18.09 49.23 17.20
C LYS C 127 -17.90 48.11 16.15
N LEU C 128 -18.33 46.89 16.50
CA LEU C 128 -18.25 45.73 15.60
C LEU C 128 -19.23 44.59 15.95
N VAL C 129 -19.69 43.88 14.91
CA VAL C 129 -20.60 42.73 15.04
C VAL C 129 -20.00 41.48 14.38
N VAL C 130 -20.25 40.32 14.97
CA VAL C 130 -19.70 39.05 14.47
C VAL C 130 -20.78 38.06 14.02
N VAL C 131 -20.75 37.71 12.74
CA VAL C 131 -21.69 36.78 12.14
C VAL C 131 -20.96 35.56 11.59
N LYS C 132 -21.33 34.38 12.08
CA LYS C 132 -20.84 33.13 11.51
C LYS C 132 -21.98 32.34 10.87
N LEU C 133 -21.69 31.77 9.72
CA LEU C 133 -22.67 31.05 8.91
C LEU C 133 -23.05 29.71 9.54
N ASN C 134 -24.25 29.25 9.23
CA ASN C 134 -24.76 28.01 9.80
C ASN C 134 -25.42 27.12 8.77
N GLY C 135 -26.11 27.74 7.81
CA GLY C 135 -26.90 27.05 6.79
C GLY C 135 -26.15 25.93 6.09
N GLY C 136 -26.23 24.73 6.68
CA GLY C 136 -25.54 23.57 6.16
C GLY C 136 -25.53 22.37 7.10
N LEU C 137 -25.98 21.23 6.57
CA LEU C 137 -25.89 19.94 7.26
C LEU C 137 -24.47 19.39 7.19
N GLY C 138 -24.23 18.32 7.94
CA GLY C 138 -22.98 17.58 7.87
C GLY C 138 -23.28 16.14 7.48
N THR C 139 -24.28 15.95 6.62
CA THR C 139 -24.63 14.62 6.17
C THR C 139 -23.48 14.05 5.34
N SER C 140 -22.79 14.91 4.61
CA SER C 140 -21.60 14.50 3.89
C SER C 140 -20.56 13.95 4.87
N MET C 141 -20.49 14.54 6.05
CA MET C 141 -19.66 14.06 7.15
C MET C 141 -20.16 12.74 7.71
N GLY C 142 -21.47 12.53 7.63
CA GLY C 142 -22.11 11.39 8.26
C GLY C 142 -23.28 11.83 9.11
N CYS C 143 -23.00 12.63 10.14
CA CYS C 143 -24.00 12.97 11.16
C CYS C 143 -25.18 13.82 10.66
N LYS C 144 -26.38 13.28 10.81
CA LYS C 144 -27.61 14.00 10.43
C LYS C 144 -27.83 15.16 11.39
N GLY C 145 -27.88 16.37 10.85
CA GLY C 145 -28.03 17.59 11.65
C GLY C 145 -27.07 18.68 11.18
N PRO C 146 -27.11 19.86 11.85
CA PRO C 146 -26.30 21.02 11.47
C PRO C 146 -24.81 20.70 11.51
N LYS C 147 -24.01 21.37 10.67
CA LYS C 147 -22.57 21.14 10.66
C LYS C 147 -21.89 21.85 11.82
N SER C 148 -22.67 22.56 12.63
CA SER C 148 -22.18 23.26 13.82
C SER C 148 -22.07 22.34 15.04
N LEU C 149 -22.88 21.28 15.07
CA LEU C 149 -23.02 20.41 16.25
C LEU C 149 -22.25 19.10 16.16
N ILE C 150 -20.97 19.18 15.79
CA ILE C 150 -20.11 18.01 15.71
C ILE C 150 -18.87 18.22 16.61
N GLY C 151 -18.44 17.16 17.30
CA GLY C 151 -17.26 17.23 18.18
C GLY C 151 -15.94 17.47 17.46
N VAL C 152 -15.17 18.45 17.95
CA VAL C 152 -13.84 18.78 17.38
C VAL C 152 -12.71 18.48 18.36
N ARG C 153 -12.50 19.37 19.31
CA ARG C 153 -11.58 19.08 20.40
C ARG C 153 -12.35 18.75 21.69
N ASN C 154 -11.86 17.73 22.41
CA ASN C 154 -12.45 17.29 23.67
C ASN C 154 -12.59 18.46 24.64
N GLU C 155 -13.83 18.85 24.93
CA GLU C 155 -15.02 18.15 24.41
C GLU C 155 -15.98 19.14 23.71
N ASN C 156 -15.41 20.19 23.13
CA ASN C 156 -16.19 21.26 22.51
C ASN C 156 -16.60 20.98 21.07
N THR C 157 -17.70 21.60 20.64
CA THR C 157 -18.15 21.55 19.24
C THR C 157 -17.81 22.87 18.53
N PHE C 158 -18.09 22.94 17.22
CA PHE C 158 -17.91 24.17 16.43
C PHE C 158 -18.51 25.41 17.10
N LEU C 159 -19.77 25.27 17.50
CA LEU C 159 -20.55 26.32 18.15
C LEU C 159 -19.93 26.70 19.49
N ASP C 160 -19.48 25.70 20.23
CA ASP C 160 -18.87 25.88 21.53
C ASP C 160 -17.55 26.62 21.42
N LEU C 161 -16.80 26.30 20.38
CA LEU C 161 -15.49 26.90 20.15
C LEU C 161 -15.61 28.39 19.85
N THR C 162 -16.73 28.79 19.26
CA THR C 162 -16.93 30.18 18.88
C THR C 162 -17.22 31.07 20.11
N VAL C 163 -18.13 30.63 20.99
CA VAL C 163 -18.45 31.38 22.23
C VAL C 163 -17.29 31.42 23.21
N GLN C 164 -16.42 30.41 23.12
CA GLN C 164 -15.18 30.36 23.88
C GLN C 164 -14.26 31.55 23.52
N GLN C 165 -14.19 31.87 22.23
CA GLN C 165 -13.32 32.95 21.72
C GLN C 165 -13.81 34.32 22.18
N ILE C 166 -15.11 34.54 22.04
CA ILE C 166 -15.76 35.80 22.43
C ILE C 166 -15.67 36.03 23.93
N GLU C 167 -15.83 34.95 24.71
CA GLU C 167 -15.80 35.02 26.18
C GLU C 167 -14.50 35.61 26.72
N HIS C 168 -13.38 35.28 26.08
CA HIS C 168 -12.05 35.74 26.51
C HIS C 168 -11.82 37.23 26.26
N LEU C 169 -12.41 37.75 25.18
CA LEU C 169 -12.26 39.16 24.81
C LEU C 169 -13.14 40.09 25.64
N ASN C 170 -14.37 39.64 25.90
CA ASN C 170 -15.31 40.36 26.75
C ASN C 170 -14.79 40.51 28.18
N LYS C 171 -14.23 39.44 28.72
CA LYS C 171 -13.73 39.41 30.11
C LYS C 171 -12.38 40.10 30.33
N THR C 172 -11.80 40.68 29.26
CA THR C 172 -10.49 41.32 29.35
C THR C 172 -10.45 42.76 28.81
N TYR C 173 -11.33 43.05 27.86
CA TYR C 173 -11.41 44.39 27.27
C TYR C 173 -12.64 45.18 27.72
N ASN C 174 -13.41 44.57 28.63
CA ASN C 174 -14.65 45.14 29.15
C ASN C 174 -15.73 45.42 28.09
N THR C 175 -15.66 44.68 26.97
CA THR C 175 -16.54 44.90 25.83
C THR C 175 -17.65 43.84 25.72
N ASP C 176 -18.76 44.19 25.04
CA ASP C 176 -19.89 43.27 24.85
C ASP C 176 -20.22 43.07 23.36
N VAL C 177 -19.52 42.13 22.72
CA VAL C 177 -19.68 41.88 21.29
C VAL C 177 -20.63 40.71 21.00
N PRO C 178 -21.75 41.01 20.31
CA PRO C 178 -22.77 40.00 20.02
C PRO C 178 -22.42 39.08 18.85
N LEU C 179 -22.66 37.79 19.03
CA LEU C 179 -22.52 36.80 17.97
C LEU C 179 -23.86 36.59 17.28
N VAL C 180 -23.80 36.18 16.00
CA VAL C 180 -24.99 36.03 15.17
C VAL C 180 -24.92 34.81 14.25
N LEU C 181 -25.99 34.02 14.22
CA LEU C 181 -26.13 32.89 13.31
C LEU C 181 -27.05 33.22 12.15
N MET C 182 -26.74 32.70 10.97
CA MET C 182 -27.55 32.95 9.77
C MET C 182 -28.23 31.68 9.27
N ASN C 183 -28.65 30.83 10.21
CA ASN C 183 -29.08 29.46 9.92
C ASN C 183 -30.18 29.26 8.86
N SER C 184 -30.25 28.05 8.32
CA SER C 184 -31.27 27.64 7.35
C SER C 184 -32.44 27.00 8.09
N PHE C 185 -33.49 26.65 7.34
CA PHE C 185 -34.70 26.02 7.91
C PHE C 185 -34.49 24.60 8.45
N ASN C 186 -33.40 23.97 8.01
CA ASN C 186 -33.04 22.63 8.46
C ASN C 186 -32.13 22.63 9.69
N THR C 187 -31.65 23.82 10.07
CA THR C 187 -30.72 23.95 11.19
C THR C 187 -31.27 24.72 12.41
N ASP C 188 -32.30 25.55 12.20
CA ASP C 188 -32.84 26.43 13.25
C ASP C 188 -33.61 25.70 14.35
N GLU C 189 -34.30 24.60 14.01
CA GLU C 189 -35.10 23.90 15.01
C GLU C 189 -34.23 23.25 16.06
N ASP C 190 -33.11 22.67 15.62
CA ASP C 190 -32.17 21.99 16.51
C ASP C 190 -31.26 22.94 17.31
N THR C 191 -30.55 23.83 16.60
CA THR C 191 -29.64 24.81 17.24
C THR C 191 -30.32 25.79 18.20
N LYS C 192 -31.61 26.07 17.96
CA LYS C 192 -32.42 26.91 18.85
C LYS C 192 -32.64 26.21 20.18
N LYS C 193 -32.88 24.90 20.11
CA LYS C 193 -33.15 24.06 21.29
C LYS C 193 -31.96 23.91 22.24
N ILE C 194 -30.76 24.23 21.76
CA ILE C 194 -29.53 24.04 22.54
C ILE C 194 -28.87 25.38 22.89
N LEU C 195 -29.47 26.48 22.44
CA LEU C 195 -28.97 27.82 22.72
C LEU C 195 -29.21 28.22 24.17
N GLN C 196 -29.90 27.36 24.90
CA GLN C 196 -30.18 27.59 26.32
C GLN C 196 -28.96 27.30 27.19
N LYS C 197 -28.13 26.36 26.75
CA LYS C 197 -26.91 26.01 27.47
C LYS C 197 -25.80 27.06 27.31
N TYR C 198 -26.10 28.18 26.65
CA TYR C 198 -25.16 29.29 26.48
C TYR C 198 -25.50 30.53 27.32
N ASN C 199 -26.62 30.46 28.03
CA ASN C 199 -27.03 31.54 28.93
C ASN C 199 -26.18 31.54 30.20
N HIS C 200 -25.99 32.72 30.78
CA HIS C 200 -25.06 32.94 31.91
C HIS C 200 -23.57 32.95 31.46
N CYS C 201 -23.34 32.94 30.15
CA CYS C 201 -22.02 33.22 29.58
C CYS C 201 -22.04 34.64 29.03
N ARG C 202 -20.91 35.34 29.10
CA ARG C 202 -20.85 36.75 28.67
C ARG C 202 -20.92 36.89 27.14
N VAL C 203 -22.11 36.63 26.61
CA VAL C 203 -22.36 36.60 25.17
C VAL C 203 -23.76 37.13 24.88
N LYS C 204 -23.88 37.86 23.78
CA LYS C 204 -25.19 38.19 23.24
C LYS C 204 -25.46 37.30 22.03
N ILE C 205 -26.70 36.85 21.90
CA ILE C 205 -27.07 35.88 20.85
C ILE C 205 -28.26 36.37 20.01
N TYR C 206 -28.12 36.35 18.69
CA TYR C 206 -29.19 36.80 17.76
C TYR C 206 -29.28 35.94 16.49
N THR C 207 -30.25 35.02 16.49
CA THR C 207 -30.42 34.08 15.38
C THR C 207 -31.59 34.47 14.48
N PHE C 208 -31.44 34.21 13.19
CA PHE C 208 -32.47 34.51 12.21
C PHE C 208 -32.34 33.67 10.95
N ASN C 209 -33.48 33.35 10.35
CA ASN C 209 -33.54 32.48 9.18
C ASN C 209 -33.12 33.15 7.86
N GLN C 210 -33.08 32.34 6.81
CA GLN C 210 -32.86 32.80 5.43
C GLN C 210 -34.10 32.47 4.60
N SER C 211 -34.27 33.16 3.47
CA SER C 211 -35.45 32.96 2.63
C SER C 211 -35.55 31.54 2.05
N ARG C 212 -36.78 31.09 1.82
CA ARG C 212 -37.05 29.80 1.20
C ARG C 212 -37.31 29.98 -0.30
N TYR C 213 -36.66 29.14 -1.11
CA TYR C 213 -36.73 29.24 -2.56
C TYR C 213 -37.30 27.97 -3.21
N PRO C 214 -38.11 28.13 -4.27
CA PRO C 214 -38.74 26.98 -4.93
C PRO C 214 -37.86 26.36 -6.01
N ARG C 215 -37.64 25.05 -5.91
CA ARG C 215 -36.89 24.32 -6.94
C ARG C 215 -37.61 24.34 -8.29
N ILE C 216 -36.83 24.23 -9.36
CA ILE C 216 -37.40 24.19 -10.70
C ILE C 216 -36.83 23.00 -11.48
N ASN C 217 -37.62 22.50 -12.44
CA ASN C 217 -37.32 21.26 -13.17
C ASN C 217 -36.66 21.50 -14.54
N LYS C 218 -35.69 20.65 -14.89
CA LYS C 218 -34.95 20.74 -16.16
C LYS C 218 -35.83 20.61 -17.42
N GLU C 219 -36.74 19.64 -17.40
CA GLU C 219 -37.63 19.37 -18.55
C GLU C 219 -38.62 20.51 -18.77
N SER C 220 -39.30 20.93 -17.70
CA SER C 220 -40.21 22.08 -17.74
C SER C 220 -39.93 23.03 -16.58
N TYR C 239 -35.35 24.80 -1.36
CA TYR C 239 -33.89 24.89 -1.32
C TYR C 239 -33.40 26.26 -0.82
N PRO C 240 -32.29 26.27 -0.05
CA PRO C 240 -31.56 27.49 0.33
C PRO C 240 -30.97 28.24 -0.87
N PRO C 241 -31.21 29.56 -0.94
CA PRO C 241 -30.73 30.42 -2.03
C PRO C 241 -29.22 30.73 -1.99
N GLY C 242 -28.43 29.74 -1.57
CA GLY C 242 -26.98 29.91 -1.49
C GLY C 242 -26.57 30.74 -0.28
N HIS C 243 -25.25 30.79 -0.04
CA HIS C 243 -24.71 31.54 1.09
C HIS C 243 -24.73 33.05 0.86
N GLY C 244 -24.81 33.47 -0.41
CA GLY C 244 -24.83 34.89 -0.77
C GLY C 244 -26.09 35.63 -0.34
N ASP C 245 -27.06 34.88 0.17
CA ASP C 245 -28.30 35.43 0.69
C ASP C 245 -28.07 36.02 2.09
N ILE C 246 -27.74 37.32 2.14
CA ILE C 246 -27.41 37.98 3.40
C ILE C 246 -27.48 39.50 3.26
N ALA C 248 -29.74 39.64 1.22
CA ALA C 248 -31.18 39.90 1.15
C ALA C 248 -31.87 39.76 2.51
N SER C 249 -31.56 38.68 3.22
CA SER C 249 -32.27 38.31 4.46
C SER C 249 -32.00 39.24 5.64
N PHE C 250 -30.80 39.82 5.67
CA PHE C 250 -30.33 40.63 6.81
C PHE C 250 -31.18 41.89 7.04
N TYR C 251 -31.72 42.45 5.95
CA TYR C 251 -32.66 43.57 6.04
C TYR C 251 -34.08 43.10 6.38
N ASN C 252 -34.42 41.90 5.93
CA ASN C 252 -35.75 41.31 6.10
C ASN C 252 -36.11 41.02 7.57
N SER C 253 -35.16 40.50 8.33
CA SER C 253 -35.37 40.19 9.75
C SER C 253 -35.44 41.44 10.61
N GLY C 254 -34.85 42.53 10.12
CA GLY C 254 -34.91 43.83 10.79
C GLY C 254 -33.68 44.19 11.59
N LEU C 255 -32.78 43.22 11.79
CA LEU C 255 -31.58 43.46 12.59
C LEU C 255 -30.54 44.36 11.91
N LEU C 256 -30.77 44.65 10.63
CA LEU C 256 -29.94 45.61 9.89
C LEU C 256 -30.11 47.00 10.50
N ASP C 257 -31.38 47.42 10.62
CA ASP C 257 -31.75 48.72 11.19
C ASP C 257 -31.43 48.80 12.68
N THR C 258 -31.46 47.65 13.35
CA THR C 258 -31.19 47.57 14.78
C THR C 258 -29.72 47.86 15.06
N PHE C 259 -28.84 47.06 14.47
CA PHE C 259 -27.41 47.09 14.75
C PHE C 259 -26.75 48.44 14.45
N ILE C 260 -27.09 49.04 13.30
CA ILE C 260 -26.52 50.33 12.90
C ILE C 260 -26.81 51.43 13.93
N GLY C 261 -28.07 51.52 14.36
CA GLY C 261 -28.51 52.60 15.24
C GLY C 261 -28.14 52.41 16.70
N GLU C 262 -26.90 52.01 16.96
CA GLU C 262 -26.40 51.81 18.32
C GLU C 262 -25.00 52.38 18.52
N GLY C 263 -24.13 52.14 17.54
CA GLY C 263 -22.74 52.61 17.59
C GLY C 263 -21.82 51.82 16.68
N LYS C 264 -22.21 50.57 16.39
CA LYS C 264 -21.45 49.70 15.49
C LYS C 264 -21.41 50.26 14.08
N GLU C 265 -20.38 49.89 13.32
CA GLU C 265 -20.23 50.35 11.95
C GLU C 265 -19.82 49.21 11.02
N TYR C 266 -19.51 48.05 11.59
CA TYR C 266 -18.97 46.91 10.83
C TYR C 266 -19.55 45.54 11.15
N ILE C 267 -19.56 44.67 10.14
CA ILE C 267 -19.96 43.27 10.27
C ILE C 267 -18.80 42.38 9.82
N PHE C 268 -18.49 41.35 10.61
CA PHE C 268 -17.43 40.40 10.26
C PHE C 268 -17.99 39.01 9.94
N VAL C 269 -18.00 38.67 8.66
CA VAL C 269 -18.50 37.36 8.23
C VAL C 269 -17.38 36.35 8.11
N SER C 270 -17.52 35.26 8.85
CA SER C 270 -16.63 34.12 8.76
C SER C 270 -17.51 32.89 8.68
N ASN C 271 -17.00 31.84 8.04
CA ASN C 271 -17.70 30.56 8.05
C ASN C 271 -17.47 29.86 9.39
N ILE C 272 -18.35 28.95 9.76
CA ILE C 272 -18.16 28.19 10.98
C ILE C 272 -17.19 27.01 10.79
N ASP C 273 -17.06 26.54 9.55
CA ASP C 273 -16.12 25.46 9.18
C ASP C 273 -14.66 25.90 9.40
N ASN C 274 -14.36 27.12 8.99
CA ASN C 274 -13.06 27.72 9.28
C ASN C 274 -12.93 27.91 10.78
N LEU C 275 -11.91 27.30 11.36
CA LEU C 275 -11.67 27.43 12.80
C LEU C 275 -10.53 28.40 13.10
N GLY C 276 -9.81 28.85 12.08
CA GLY C 276 -8.74 29.83 12.24
C GLY C 276 -9.25 31.26 12.12
N ALA C 277 -10.47 31.41 11.58
CA ALA C 277 -11.10 32.71 11.28
C ALA C 277 -11.50 33.51 12.51
N THR C 278 -10.52 33.80 13.36
CA THR C 278 -10.72 34.63 14.54
C THR C 278 -10.84 36.12 14.16
N VAL C 279 -11.32 36.93 15.09
CA VAL C 279 -11.39 38.37 14.90
C VAL C 279 -10.03 39.00 15.17
N ASP C 280 -9.47 39.65 14.16
CA ASP C 280 -8.12 40.20 14.27
C ASP C 280 -8.10 41.67 14.66
N LEU C 281 -7.12 42.00 15.50
CA LEU C 281 -6.92 43.36 16.01
C LEU C 281 -5.95 44.18 15.14
N TYR C 282 -5.14 43.49 14.35
CA TYR C 282 -4.23 44.13 13.40
C TYR C 282 -5.00 44.69 12.20
N ILE C 283 -6.06 43.97 11.82
CA ILE C 283 -6.95 44.39 10.73
C ILE C 283 -7.93 45.45 11.22
N LEU C 284 -8.28 45.38 12.50
CA LEU C 284 -9.17 46.36 13.14
C LEU C 284 -8.53 47.76 13.28
N ASN C 285 -7.25 47.88 12.92
CA ASN C 285 -6.56 49.18 12.81
C ASN C 285 -6.91 49.87 11.49
N HIS C 286 -6.82 49.11 10.39
CA HIS C 286 -7.15 49.62 9.05
C HIS C 286 -8.66 49.73 8.83
N LEU C 287 -9.44 49.14 9.74
CA LEU C 287 -10.89 49.19 9.68
C LEU C 287 -11.45 50.39 10.45
N MET C 288 -11.13 50.47 11.74
CA MET C 288 -11.58 51.56 12.60
C MET C 288 -10.78 52.85 12.38
N ASN C 289 -11.40 53.99 12.70
CA ASN C 289 -10.82 55.33 12.51
C ASN C 289 -9.97 55.57 11.25
N CYS C 296 -13.40 53.14 4.18
CA CYS C 296 -13.07 51.80 3.70
C CYS C 296 -13.07 50.78 4.87
N GLU C 297 -14.07 49.90 4.98
CA GLU C 297 -15.35 49.83 4.21
C GLU C 297 -15.69 48.41 3.71
N PHE C 298 -14.79 47.80 2.93
CA PHE C 298 -14.94 46.42 2.42
C PHE C 298 -13.59 45.68 2.32
N VAL C 299 -13.44 44.65 3.14
CA VAL C 299 -12.21 43.86 3.19
C VAL C 299 -12.50 42.42 2.78
N MET C 300 -11.76 41.93 1.77
CA MET C 300 -11.81 40.52 1.35
C MET C 300 -10.44 39.86 1.54
N GLU C 301 -10.35 38.98 2.54
CA GLU C 301 -9.11 38.31 2.94
C GLU C 301 -8.63 37.32 1.87
N VAL C 302 -7.31 37.15 1.75
CA VAL C 302 -6.72 36.28 0.72
C VAL C 302 -5.55 35.42 1.20
N THR C 303 -5.38 34.27 0.54
CA THR C 303 -4.25 33.38 0.79
C THR C 303 -3.73 32.80 -0.51
N ASN C 304 -2.44 32.51 -0.55
CA ASN C 304 -1.79 31.88 -1.69
C ASN C 304 -2.45 30.57 -2.07
N LYS C 305 -2.55 30.31 -3.38
CA LYS C 305 -3.05 29.03 -3.88
C LYS C 305 -2.04 27.92 -3.60
N THR C 306 -2.55 26.71 -3.36
CA THR C 306 -1.72 25.54 -3.10
C THR C 306 -2.25 24.37 -3.92
N ARG C 307 -1.34 23.48 -4.33
CA ARG C 307 -1.69 22.30 -5.13
C ARG C 307 -2.95 21.63 -4.58
N ALA C 308 -3.09 21.68 -3.25
CA ALA C 308 -4.21 21.09 -2.52
C ALA C 308 -5.59 21.60 -3.02
N ASP C 309 -5.77 22.92 -3.02
CA ASP C 309 -7.06 23.54 -3.33
C ASP C 309 -6.96 24.36 -4.61
N VAL C 310 -7.17 23.71 -5.74
CA VAL C 310 -6.91 24.33 -7.06
C VAL C 310 -8.00 25.31 -7.48
N LYS C 311 -9.25 24.84 -7.47
CA LYS C 311 -10.37 25.65 -7.94
C LYS C 311 -10.98 26.48 -6.80
N GLY C 312 -11.34 27.71 -7.14
CA GLY C 312 -11.85 28.68 -6.18
C GLY C 312 -11.85 30.06 -6.82
N GLY C 313 -12.31 31.06 -6.07
CA GLY C 313 -12.49 32.41 -6.59
C GLY C 313 -11.23 33.27 -6.59
N THR C 314 -11.08 34.12 -7.62
CA THR C 314 -9.90 34.98 -7.77
C THR C 314 -10.25 36.47 -7.84
N GLN C 317 -8.68 43.02 -10.85
CA GLN C 317 -9.35 44.31 -10.94
C GLN C 317 -9.78 44.57 -12.39
N TYR C 318 -11.10 44.54 -12.64
CA TYR C 318 -11.65 44.77 -13.99
C TYR C 318 -12.49 46.05 -14.07
N GLU C 319 -12.03 46.98 -14.91
CA GLU C 319 -12.71 48.27 -15.19
C GLU C 319 -12.96 49.20 -13.99
N GLY C 320 -11.90 49.44 -13.21
CA GLY C 320 -11.98 50.35 -12.07
C GLY C 320 -12.12 49.64 -10.73
N LYS C 321 -13.15 48.80 -10.62
CA LYS C 321 -13.46 48.10 -9.37
C LYS C 321 -13.03 46.63 -9.41
N LEU C 322 -12.78 46.08 -8.22
CA LEU C 322 -12.39 44.68 -8.08
C LEU C 322 -13.56 43.75 -8.32
N ARG C 323 -13.42 42.84 -9.27
CA ARG C 323 -14.49 41.92 -9.64
C ARG C 323 -14.16 40.47 -9.28
N LEU C 324 -15.14 39.81 -8.66
CA LEU C 324 -15.03 38.39 -8.33
C LEU C 324 -15.13 37.55 -9.58
N VAL C 325 -14.26 36.56 -9.71
CA VAL C 325 -14.28 35.68 -10.85
C VAL C 325 -14.32 34.23 -10.38
N GLU C 326 -15.33 33.49 -10.85
CA GLU C 326 -15.56 32.11 -10.43
C GLU C 326 -15.21 31.07 -11.50
N ILE C 327 -15.04 29.82 -11.06
CA ILE C 327 -14.61 28.71 -11.92
C ILE C 327 -15.60 28.41 -13.07
N ALA C 328 -16.88 28.63 -12.83
CA ALA C 328 -17.96 28.32 -13.79
C ALA C 328 -18.19 29.40 -14.84
N GLN C 329 -17.74 30.62 -14.55
CA GLN C 329 -17.91 31.76 -15.44
C GLN C 329 -16.86 31.79 -16.56
N VAL C 330 -15.87 30.90 -16.43
CA VAL C 330 -14.73 30.81 -17.37
C VAL C 330 -15.19 30.31 -18.75
N PRO C 331 -14.94 31.10 -19.83
CA PRO C 331 -15.19 30.63 -21.20
C PRO C 331 -14.47 29.32 -21.53
N LYS C 332 -14.87 28.68 -22.63
CA LYS C 332 -14.37 27.36 -23.00
C LYS C 332 -12.86 27.35 -23.30
N ALA C 333 -12.40 28.41 -23.95
CA ALA C 333 -11.01 28.52 -24.41
C ALA C 333 -9.99 28.56 -23.26
N HIS C 334 -10.15 29.52 -22.36
CA HIS C 334 -9.14 29.86 -21.35
C HIS C 334 -9.19 29.00 -20.08
N VAL C 335 -9.33 27.68 -20.22
CA VAL C 335 -9.30 26.80 -19.03
C VAL C 335 -7.86 26.52 -18.59
N ASP C 336 -6.95 26.41 -19.56
CA ASP C 336 -5.53 26.23 -19.31
C ASP C 336 -4.89 27.46 -18.65
N GLU C 337 -5.36 28.65 -19.04
CA GLU C 337 -4.90 29.91 -18.45
C GLU C 337 -5.24 30.06 -16.95
N PHE C 338 -6.41 29.55 -16.53
CA PHE C 338 -6.75 29.46 -15.11
C PHE C 338 -5.85 28.41 -14.44
N LYS C 339 -5.74 28.46 -13.11
CA LYS C 339 -4.81 27.66 -12.28
C LYS C 339 -3.31 27.90 -12.58
N SER C 340 -2.94 27.82 -13.87
CA SER C 340 -1.54 27.87 -14.30
C SER C 340 -1.17 29.15 -15.08
N VAL C 341 -0.12 29.85 -14.66
CA VAL C 341 0.68 29.47 -13.48
C VAL C 341 0.41 30.50 -12.39
N SER C 342 1.01 31.68 -12.59
CA SER C 342 0.78 32.87 -11.81
C SER C 342 1.40 34.05 -12.58
N LYS C 343 0.60 34.85 -13.30
CA LYS C 343 -0.86 34.69 -13.47
C LYS C 343 -1.72 35.10 -12.25
N PHE C 344 -2.14 34.12 -11.44
CA PHE C 344 -2.99 34.37 -10.26
C PHE C 344 -2.41 33.75 -8.99
N LYS C 345 -2.47 34.50 -7.89
CA LYS C 345 -2.11 33.96 -6.58
C LYS C 345 -3.34 34.01 -5.68
N ILE C 346 -4.40 34.60 -6.23
CA ILE C 346 -5.63 34.92 -5.52
C ILE C 346 -6.42 33.66 -5.15
N PHE C 347 -6.97 33.66 -3.94
CA PHE C 347 -7.91 32.63 -3.51
C PHE C 347 -8.95 33.19 -2.52
N ASN C 348 -10.20 32.78 -2.71
CA ASN C 348 -11.33 33.23 -1.89
C ASN C 348 -11.34 32.67 -0.46
N THR C 349 -11.14 33.53 0.54
CA THR C 349 -11.05 33.13 1.95
C THR C 349 -12.42 33.03 2.62
N ASN C 350 -13.42 33.68 2.02
CA ASN C 350 -14.78 33.76 2.57
C ASN C 350 -14.84 34.47 3.93
N ASN C 351 -13.69 34.95 4.40
CA ASN C 351 -13.63 35.80 5.57
C ASN C 351 -13.67 37.26 5.14
N LEU C 352 -14.78 37.94 5.42
CA LEU C 352 -14.96 39.32 4.99
C LEU C 352 -15.42 40.24 6.11
N TRP C 353 -14.96 41.49 6.03
CA TRP C 353 -15.53 42.59 6.81
C TRP C 353 -16.35 43.48 5.88
N ILE C 354 -17.56 43.84 6.30
CA ILE C 354 -18.46 44.66 5.47
C ILE C 354 -19.10 45.79 6.28
N SER C 355 -19.04 47.01 5.74
CA SER C 355 -19.55 48.22 6.40
C SER C 355 -21.08 48.26 6.43
N LEU C 356 -21.62 48.64 7.58
CA LEU C 356 -23.08 48.65 7.83
C LEU C 356 -23.83 49.74 7.06
N ALA C 357 -23.29 50.96 7.08
CA ALA C 357 -23.96 52.09 6.44
C ALA C 357 -23.96 52.02 4.91
N ALA C 358 -23.06 51.22 4.35
CA ALA C 358 -22.98 51.04 2.90
C ALA C 358 -24.01 50.03 2.41
N VAL C 359 -24.41 49.11 3.28
CA VAL C 359 -25.43 48.10 2.97
C VAL C 359 -26.78 48.78 2.67
N LYS C 360 -27.15 49.77 3.48
CA LYS C 360 -28.40 50.49 3.31
C LYS C 360 -28.41 51.42 2.09
N ARG C 361 -27.22 51.74 1.57
CA ARG C 361 -27.09 52.53 0.35
C ARG C 361 -27.19 51.66 -0.91
N LEU C 362 -27.29 50.34 -0.70
CA LEU C 362 -27.33 49.35 -1.78
C LEU C 362 -28.52 48.37 -1.69
N GLN C 363 -28.93 48.03 -0.46
CA GLN C 363 -30.03 47.10 -0.23
C GLN C 363 -31.40 47.75 -0.50
N GLU C 364 -31.45 49.07 -0.35
CA GLU C 364 -32.69 49.85 -0.54
C GLU C 364 -32.86 50.34 -1.98
N GLN C 365 -31.74 50.71 -2.61
CA GLN C 365 -31.76 51.19 -3.98
C GLN C 365 -31.65 50.03 -4.99
N ASN C 366 -31.50 48.82 -4.46
CA ASN C 366 -31.38 47.57 -5.23
C ASN C 366 -30.24 47.58 -6.28
N ALA C 367 -29.01 47.70 -5.80
CA ALA C 367 -27.84 47.82 -6.68
C ALA C 367 -26.76 46.78 -6.40
N ILE C 368 -27.08 45.80 -5.57
CA ILE C 368 -26.15 44.72 -5.23
C ILE C 368 -26.06 43.75 -6.40
N ASP C 369 -24.88 43.67 -7.01
CA ASP C 369 -24.67 42.80 -8.17
C ASP C 369 -23.89 41.55 -7.82
N MET C 370 -24.64 40.48 -7.54
CA MET C 370 -24.07 39.15 -7.31
C MET C 370 -24.34 38.27 -8.52
N GLU C 371 -23.39 37.40 -8.84
CA GLU C 371 -23.55 36.46 -9.95
C GLU C 371 -24.22 35.17 -9.47
N ILE C 372 -25.15 34.65 -10.27
CA ILE C 372 -25.96 33.47 -9.92
C ILE C 372 -25.46 32.22 -10.67
N ILE C 373 -25.29 31.10 -9.95
CA ILE C 373 -24.70 29.88 -10.52
C ILE C 373 -25.74 28.79 -10.79
N VAL C 374 -25.47 27.94 -11.79
CA VAL C 374 -26.38 26.87 -12.21
C VAL C 374 -26.65 25.86 -11.09
N ASN C 375 -25.60 25.16 -10.66
CA ASN C 375 -25.65 24.18 -9.54
C ASN C 375 -26.73 23.08 -9.61
N ALA C 376 -26.90 22.50 -10.80
CA ALA C 376 -27.91 21.46 -11.04
C ALA C 376 -27.37 20.05 -10.76
N LYS C 377 -27.74 19.50 -9.60
CA LYS C 377 -27.45 18.10 -9.29
C LYS C 377 -28.71 17.25 -9.44
N THR C 378 -28.55 15.95 -9.27
CA THR C 378 -29.70 15.04 -9.17
C THR C 378 -29.47 13.97 -8.09
N LEU C 379 -30.25 14.10 -7.02
CA LEU C 379 -30.31 13.14 -5.89
C LEU C 379 -31.76 13.13 -5.35
N ASP C 380 -32.36 11.96 -5.07
CA ASP C 380 -31.75 10.63 -5.23
C ASP C 380 -32.25 9.90 -6.48
N GLY C 381 -33.57 9.83 -6.64
CA GLY C 381 -34.15 9.10 -7.75
C GLY C 381 -35.18 9.94 -8.45
N GLY C 382 -34.79 11.15 -8.83
CA GLY C 382 -35.70 12.07 -9.54
C GLY C 382 -35.00 12.88 -10.62
N LEU C 383 -35.78 13.71 -11.31
CA LEU C 383 -35.26 14.55 -12.40
C LEU C 383 -34.09 15.47 -11.98
N ASN C 384 -33.37 15.99 -12.97
CA ASN C 384 -32.28 16.94 -12.73
C ASN C 384 -32.86 18.33 -12.43
N VAL C 385 -32.52 18.84 -11.25
CA VAL C 385 -33.07 20.08 -10.75
C VAL C 385 -32.01 21.17 -10.65
N ILE C 386 -32.35 22.35 -11.17
CA ILE C 386 -31.48 23.51 -11.12
C ILE C 386 -31.83 24.39 -9.91
N GLN C 387 -30.87 24.49 -8.97
CA GLN C 387 -31.02 25.30 -7.75
C GLN C 387 -30.15 26.56 -7.79
N LEU C 388 -30.80 27.70 -8.06
CA LEU C 388 -30.13 28.99 -8.23
C LEU C 388 -29.66 29.58 -6.91
N GLU C 389 -28.40 30.03 -6.87
CA GLU C 389 -27.80 30.56 -5.66
C GLU C 389 -26.85 31.71 -5.97
N THR C 390 -26.71 32.65 -5.02
CA THR C 390 -25.76 33.76 -5.16
C THR C 390 -24.59 33.64 -4.18
N ALA C 391 -23.52 34.39 -4.44
CA ALA C 391 -22.28 34.32 -3.67
C ALA C 391 -22.01 35.58 -2.85
N VAL C 392 -21.46 35.42 -1.64
CA VAL C 392 -21.16 36.54 -0.76
C VAL C 392 -20.10 37.47 -1.35
N GLY C 393 -19.03 36.89 -1.86
CA GLY C 393 -17.92 37.65 -2.42
C GLY C 393 -18.21 38.25 -3.78
N ALA C 394 -19.43 38.08 -4.28
CA ALA C 394 -19.82 38.58 -5.60
C ALA C 394 -20.18 40.06 -5.60
N ALA C 395 -20.44 40.61 -4.42
CA ALA C 395 -20.81 42.01 -4.26
C ALA C 395 -19.62 42.90 -3.90
N ILE C 396 -18.54 42.78 -4.65
CA ILE C 396 -17.43 43.75 -4.61
C ILE C 396 -17.59 44.71 -5.79
N LYS C 397 -18.09 44.18 -6.91
CA LYS C 397 -18.35 44.96 -8.12
C LYS C 397 -19.39 46.04 -7.86
N SER C 398 -20.20 45.84 -6.83
CA SER C 398 -21.26 46.79 -6.43
C SER C 398 -20.83 47.76 -5.32
N PHE C 399 -19.72 47.43 -4.64
CA PHE C 399 -19.21 48.23 -3.53
C PHE C 399 -18.10 49.18 -4.01
N GLU C 400 -18.01 50.34 -3.37
CA GLU C 400 -17.04 51.38 -3.76
C GLU C 400 -15.83 51.50 -2.84
N ASN C 401 -14.67 51.79 -3.43
CA ASN C 401 -13.40 51.96 -2.71
C ASN C 401 -12.97 50.71 -1.94
N SER C 402 -12.84 49.61 -2.67
CA SER C 402 -12.43 48.33 -2.08
C SER C 402 -10.93 48.04 -2.30
N LEU C 403 -10.36 47.27 -1.39
CA LEU C 403 -8.97 46.85 -1.46
C LEU C 403 -8.73 45.67 -0.51
N GLY C 404 -8.04 44.65 -1.00
CA GLY C 404 -7.83 43.41 -0.24
C GLY C 404 -6.42 43.27 0.33
N ILE C 405 -6.31 42.49 1.41
CA ILE C 405 -5.01 42.27 2.05
C ILE C 405 -4.69 40.81 2.33
N ASN C 406 -3.41 40.50 2.22
CA ASN C 406 -2.89 39.15 2.37
C ASN C 406 -2.92 38.65 3.81
N VAL C 407 -3.41 37.42 3.99
CA VAL C 407 -3.48 36.79 5.30
C VAL C 407 -2.85 35.38 5.26
N PRO C 408 -1.77 35.17 6.05
CA PRO C 408 -1.01 33.90 6.09
C PRO C 408 -1.90 32.73 6.51
N ARG C 409 -1.55 31.51 6.12
CA ARG C 409 -2.42 30.35 6.38
C ARG C 409 -2.73 30.04 7.86
N SER C 410 -2.12 30.80 8.78
CA SER C 410 -2.44 30.76 10.22
C SER C 410 -3.96 30.85 10.49
N ARG C 411 -4.60 31.73 9.73
CA ARG C 411 -5.98 32.15 9.96
C ARG C 411 -6.96 31.59 8.93
N PHE C 412 -6.57 30.53 8.22
CA PHE C 412 -7.50 29.83 7.38
C PHE C 412 -7.27 28.34 7.53
N LEU C 413 -8.28 27.64 8.04
CA LEU C 413 -8.20 26.20 8.35
C LEU C 413 -9.59 25.57 8.36
N PRO C 414 -10.18 25.34 7.18
CA PRO C 414 -11.54 24.82 7.14
C PRO C 414 -11.55 23.32 7.23
N VAL C 415 -12.59 22.78 7.86
CA VAL C 415 -12.70 21.35 8.10
C VAL C 415 -13.80 20.79 7.21
N LYS C 416 -13.49 19.76 6.44
CA LYS C 416 -14.50 19.17 5.56
C LYS C 416 -14.74 17.67 5.81
N THR C 417 -13.66 16.88 5.81
CA THR C 417 -13.78 15.44 6.04
C THR C 417 -13.16 15.00 7.37
N THR C 418 -13.44 13.78 7.81
CA THR C 418 -12.88 13.25 9.04
C THR C 418 -11.35 13.23 9.02
N SER C 419 -10.77 13.38 7.83
CA SER C 419 -9.32 13.48 7.68
C SER C 419 -8.80 14.81 8.20
N ASP C 420 -9.70 15.80 8.21
CA ASP C 420 -9.40 17.09 8.80
C ASP C 420 -9.57 17.02 10.29
N LEU C 421 -10.48 16.17 10.74
CA LEU C 421 -10.74 16.02 12.16
C LEU C 421 -9.55 15.41 12.86
N LEU C 422 -8.95 14.39 12.24
CA LEU C 422 -7.77 13.72 12.78
C LEU C 422 -6.64 14.71 12.87
N LEU C 423 -6.66 15.66 11.95
CA LEU C 423 -5.64 16.68 11.87
C LEU C 423 -5.79 17.66 13.02
N VAL C 424 -6.92 18.36 13.04
CA VAL C 424 -7.19 19.40 14.01
C VAL C 424 -7.21 18.89 15.46
N MET C 425 -7.74 17.70 15.71
CA MET C 425 -7.81 17.23 17.10
C MET C 425 -6.50 16.61 17.59
N SER C 426 -5.55 16.43 16.68
CA SER C 426 -4.19 16.00 17.04
C SER C 426 -3.41 16.96 17.92
N ASN C 427 -2.26 16.48 18.38
CA ASN C 427 -1.31 17.33 19.09
C ASN C 427 -0.54 18.17 18.08
N LEU C 428 -1.13 18.35 16.91
CA LEU C 428 -0.60 19.28 15.93
C LEU C 428 -0.98 20.72 16.27
N TYR C 429 -2.14 20.89 16.93
CA TYR C 429 -2.60 22.21 17.36
C TYR C 429 -2.66 22.32 18.87
N SER C 430 -2.28 23.48 19.39
CA SER C 430 -2.47 23.80 20.81
C SER C 430 -3.80 24.52 20.97
N LEU C 431 -4.41 24.37 22.14
CA LEU C 431 -5.72 24.95 22.41
C LEU C 431 -5.58 26.07 23.43
N ASN C 432 -6.03 27.27 23.07
CA ASN C 432 -5.89 28.43 23.95
C ASN C 432 -7.13 29.34 23.99
N ALA C 433 -7.93 29.21 25.04
CA ALA C 433 -9.16 29.99 25.26
C ALA C 433 -10.22 29.88 24.15
N GLY C 434 -10.28 28.73 23.50
CA GLY C 434 -11.29 28.50 22.47
C GLY C 434 -10.81 28.56 21.03
N SER C 435 -9.83 29.41 20.76
CA SER C 435 -9.22 29.50 19.44
C SER C 435 -7.89 28.77 19.40
N LEU C 436 -7.71 27.94 18.37
CA LEU C 436 -6.54 27.07 18.28
C LEU C 436 -5.52 27.48 17.21
N THR C 437 -4.25 27.21 17.50
CA THR C 437 -3.13 27.59 16.65
C THR C 437 -2.20 26.39 16.51
N MET C 438 -1.38 26.39 15.44
CA MET C 438 -0.41 25.32 15.14
C MET C 438 0.71 25.36 16.17
N SER C 439 1.19 24.19 16.59
CA SER C 439 1.96 24.12 17.81
C SER C 439 3.47 23.96 17.67
N GLU C 440 4.13 24.09 18.80
CA GLU C 440 5.53 23.81 18.94
C GLU C 440 5.70 22.44 19.59
N LYS C 441 6.75 21.72 19.23
CA LYS C 441 7.64 22.16 18.20
C LYS C 441 7.42 21.30 16.98
N ARG C 442 6.40 21.65 16.22
CA ARG C 442 6.32 21.20 14.86
C ARG C 442 7.44 21.98 14.18
N GLU C 443 8.52 21.29 13.80
CA GLU C 443 9.73 21.97 13.31
C GLU C 443 9.50 22.74 12.01
N PHE C 444 8.86 22.09 11.05
CA PHE C 444 8.57 22.73 9.77
C PHE C 444 7.11 23.13 9.76
N PRO C 445 6.82 24.32 9.21
CA PRO C 445 5.51 24.91 9.36
C PRO C 445 4.48 24.43 8.32
N THR C 446 4.53 23.14 7.99
CA THR C 446 3.76 22.61 6.85
C THR C 446 2.78 21.55 7.32
N VAL C 447 1.53 21.69 6.88
CA VAL C 447 0.45 20.73 7.20
C VAL C 447 0.78 19.40 6.52
N PRO C 448 0.71 18.28 7.29
CA PRO C 448 1.20 17.00 6.79
C PRO C 448 0.16 16.15 6.08
N LEU C 449 -0.84 16.79 5.49
CA LEU C 449 -2.13 16.12 5.15
C LEU C 449 -2.22 14.58 4.99
N VAL C 450 -3.34 14.12 5.56
CA VAL C 450 -3.70 12.73 5.74
C VAL C 450 -4.91 12.37 4.87
N LYS C 451 -4.81 11.23 4.21
CA LYS C 451 -5.91 10.71 3.40
C LYS C 451 -6.44 9.49 4.14
N LEU C 452 -7.66 9.59 4.65
CA LEU C 452 -8.32 8.45 5.27
C LEU C 452 -9.21 7.74 4.27
N GLY C 453 -9.30 6.41 4.42
CA GLY C 453 -10.10 5.58 3.56
C GLY C 453 -11.59 5.84 3.61
N SER C 454 -12.32 5.07 2.79
CA SER C 454 -13.78 5.19 2.67
C SER C 454 -14.51 4.81 3.94
N SER C 455 -13.93 3.90 4.71
CA SER C 455 -14.58 3.42 5.91
C SER C 455 -14.22 4.28 7.12
N PHE C 456 -13.69 5.49 6.89
CA PHE C 456 -13.53 6.45 7.97
C PHE C 456 -14.39 7.70 7.80
N THR C 457 -15.13 7.78 6.70
CA THR C 457 -15.82 9.01 6.31
C THR C 457 -16.84 9.41 7.33
N LYS C 458 -17.55 8.40 7.84
CA LYS C 458 -18.60 8.61 8.85
C LYS C 458 -18.04 8.89 10.25
N VAL C 459 -18.29 10.10 10.77
CA VAL C 459 -17.78 10.54 12.07
C VAL C 459 -18.02 9.56 13.22
N GLN C 460 -19.19 8.91 13.22
CA GLN C 460 -19.49 7.82 14.18
C GLN C 460 -18.48 6.65 14.01
N ASP C 461 -18.10 6.34 12.77
CA ASP C 461 -17.11 5.29 12.49
C ASP C 461 -15.69 5.78 12.78
N TYR C 462 -15.47 7.08 12.62
CA TYR C 462 -14.16 7.68 12.82
C TYR C 462 -13.69 7.45 14.24
N LEU C 463 -14.52 7.86 15.20
CA LEU C 463 -14.13 7.75 16.59
C LEU C 463 -14.05 6.30 17.06
N ARG C 464 -14.90 5.43 16.47
CA ARG C 464 -14.86 3.97 16.71
C ARG C 464 -13.43 3.48 16.57
N ARG C 465 -12.82 3.84 15.45
CA ARG C 465 -11.62 3.22 14.96
C ARG C 465 -10.37 3.75 15.64
N PHE C 466 -10.41 4.97 16.13
CA PHE C 466 -9.27 5.52 16.86
C PHE C 466 -9.50 5.40 18.36
N GLU C 467 -10.28 6.36 18.85
CA GLU C 467 -10.25 6.76 20.25
C GLU C 467 -8.87 6.58 20.93
N SER C 468 -8.19 7.72 20.93
CA SER C 468 -6.83 7.92 21.35
C SER C 468 -6.03 8.54 20.18
N ILE C 469 -6.53 9.63 19.61
CA ILE C 469 -5.86 10.40 18.53
C ILE C 469 -4.30 10.42 18.61
N PRO C 470 -3.59 9.71 17.71
CA PRO C 470 -2.19 9.41 17.91
C PRO C 470 -1.30 10.63 17.91
N ASP C 471 -0.02 10.42 18.22
CA ASP C 471 1.01 11.45 18.13
C ASP C 471 1.29 11.72 16.66
N MET C 472 1.31 12.99 16.26
CA MET C 472 1.61 13.32 14.87
C MET C 472 2.55 14.52 14.73
N LEU C 473 3.23 14.89 15.82
CA LEU C 473 4.09 16.07 15.79
C LEU C 473 5.20 15.90 14.74
N GLU C 474 5.58 14.65 14.46
CA GLU C 474 6.64 14.35 13.48
C GLU C 474 6.17 13.45 12.34
N LEU C 475 4.92 13.64 11.91
CA LEU C 475 4.38 12.93 10.74
C LEU C 475 4.42 13.79 9.49
N ASP C 476 4.62 13.13 8.36
CA ASP C 476 4.70 13.81 7.07
C ASP C 476 3.59 13.45 6.08
N HIS C 477 3.22 12.18 6.01
CA HIS C 477 2.15 11.70 5.12
C HIS C 477 1.49 10.46 5.69
N LEU C 478 0.16 10.45 5.71
CA LEU C 478 -0.55 9.28 6.24
C LEU C 478 -1.71 8.89 5.37
N THR C 479 -1.79 7.61 5.09
CA THR C 479 -2.82 7.09 4.22
C THR C 479 -3.22 5.70 4.72
N VAL C 480 -4.50 5.61 5.11
CA VAL C 480 -5.13 4.38 5.58
C VAL C 480 -6.29 4.04 4.65
N SER C 481 -6.42 2.77 4.32
CA SER C 481 -7.57 2.28 3.55
C SER C 481 -7.90 0.83 3.90
N GLY C 482 -9.13 0.60 4.33
CA GLY C 482 -9.61 -0.75 4.64
C GLY C 482 -10.13 -0.90 6.05
N ASP C 483 -10.29 -2.13 6.53
CA ASP C 483 -10.81 -2.35 7.89
C ASP C 483 -9.73 -2.32 8.98
N VAL C 484 -9.40 -1.09 9.41
CA VAL C 484 -8.24 -0.82 10.28
C VAL C 484 -8.62 -0.23 11.65
N THR C 485 -7.99 -0.72 12.70
CA THR C 485 -8.29 -0.20 14.02
C THR C 485 -7.01 0.30 14.72
N PHE C 486 -7.12 1.36 15.52
CA PHE C 486 -5.97 1.90 16.22
C PHE C 486 -6.12 1.74 17.71
N GLY C 487 -5.12 1.19 18.37
CA GLY C 487 -5.10 1.19 19.84
C GLY C 487 -4.73 2.55 20.39
N LYS C 488 -4.58 2.64 21.72
CA LYS C 488 -4.20 3.89 22.43
C LYS C 488 -2.71 4.31 22.27
N ASN C 489 -2.46 5.62 22.35
CA ASN C 489 -1.10 6.18 22.45
C ASN C 489 -0.13 5.86 21.32
N VAL C 490 -0.62 5.70 20.09
CA VAL C 490 0.24 5.39 18.94
C VAL C 490 1.07 6.60 18.50
N SER C 491 2.25 6.37 17.95
CA SER C 491 2.98 7.48 17.34
C SER C 491 3.23 7.20 15.86
N LEU C 492 2.89 8.20 15.05
CA LEU C 492 3.04 8.14 13.62
C LEU C 492 4.12 9.16 13.25
N LYS C 493 5.08 8.69 12.46
CA LYS C 493 6.27 9.48 12.14
C LYS C 493 6.71 9.27 10.72
N GLY C 494 6.84 10.36 9.98
CA GLY C 494 7.40 10.28 8.64
C GLY C 494 6.32 9.93 7.66
N THR C 495 6.51 8.88 6.88
CA THR C 495 5.44 8.44 5.99
C THR C 495 4.91 7.09 6.43
N VAL C 496 3.60 7.05 6.72
CA VAL C 496 2.92 5.85 7.16
C VAL C 496 1.85 5.48 6.16
N ILE C 497 1.93 4.25 5.65
CA ILE C 497 0.90 3.68 4.79
C ILE C 497 0.38 2.36 5.33
N ILE C 498 -0.93 2.28 5.64
CA ILE C 498 -1.58 1.03 6.06
C ILE C 498 -2.76 0.66 5.17
N ILE C 499 -2.70 -0.53 4.57
CA ILE C 499 -3.70 -0.95 3.56
C ILE C 499 -4.17 -2.38 3.80
N ALA C 500 -5.32 -2.52 4.44
CA ALA C 500 -5.89 -3.84 4.60
C ALA C 500 -6.59 -4.25 3.31
N ASN C 501 -6.35 -5.49 2.84
CA ASN C 501 -7.09 -6.00 1.68
C ASN C 501 -8.55 -6.25 2.03
N HIS C 502 -9.38 -6.37 0.98
CA HIS C 502 -10.83 -6.51 1.17
C HIS C 502 -11.21 -7.76 1.97
N GLY C 503 -11.92 -7.53 3.06
CA GLY C 503 -12.27 -8.57 4.00
C GLY C 503 -11.05 -9.06 4.73
N ASP C 504 -10.12 -8.15 5.00
CA ASP C 504 -9.08 -8.37 5.99
C ASP C 504 -9.18 -7.27 7.05
N ARG C 505 -8.80 -7.58 8.28
CA ARG C 505 -8.76 -6.59 9.33
C ARG C 505 -7.32 -6.36 9.73
N ILE C 506 -6.94 -5.12 10.01
CA ILE C 506 -5.59 -4.84 10.48
C ILE C 506 -5.71 -4.10 11.81
N ASP C 507 -5.19 -4.73 12.87
CA ASP C 507 -5.27 -4.17 14.21
C ASP C 507 -3.94 -3.60 14.75
N ILE C 508 -3.78 -2.27 14.74
CA ILE C 508 -2.56 -1.63 15.24
C ILE C 508 -2.55 -1.65 16.77
N PRO C 509 -1.51 -2.25 17.37
CA PRO C 509 -1.49 -2.45 18.82
C PRO C 509 -1.23 -1.14 19.51
N PRO C 510 -1.57 -1.03 20.82
CA PRO C 510 -1.33 0.17 21.59
C PRO C 510 0.15 0.49 21.67
N GLY C 511 0.44 1.76 21.98
CA GLY C 511 1.82 2.21 22.21
C GLY C 511 2.78 2.09 21.06
N ALA C 512 2.27 1.63 19.92
CA ALA C 512 3.07 1.34 18.73
C ALA C 512 3.66 2.58 18.11
N VAL C 513 4.86 2.46 17.55
CA VAL C 513 5.50 3.57 16.84
C VAL C 513 5.82 3.19 15.41
N LEU C 514 4.96 3.68 14.51
CA LEU C 514 5.09 3.48 13.08
C LEU C 514 5.93 4.58 12.42
N GLU C 515 7.11 4.20 11.92
CA GLU C 515 8.00 5.16 11.27
C GLU C 515 8.40 4.73 9.85
N ASN C 516 8.04 5.55 8.86
CA ASN C 516 8.31 5.22 7.47
C ASN C 516 8.08 3.75 7.19
N LYS C 517 6.81 3.33 7.24
CA LYS C 517 6.46 1.90 7.14
C LYS C 517 5.20 1.60 6.32
N ILE C 518 5.26 0.52 5.57
CA ILE C 518 4.14 0.07 4.77
C ILE C 518 3.47 -1.12 5.46
N VAL C 519 2.36 -0.90 6.14
CA VAL C 519 1.64 -2.04 6.74
C VAL C 519 0.57 -2.62 5.81
N SER C 520 0.94 -3.64 5.03
CA SER C 520 -0.10 -4.47 4.45
C SER C 520 -0.35 -5.60 5.45
N GLU D 42 21.62 -70.97 26.89
CA GLU D 42 22.66 -70.89 27.96
C GLU D 42 24.07 -71.00 27.38
N VAL D 43 24.28 -72.04 26.58
CA VAL D 43 25.60 -72.32 25.97
C VAL D 43 25.89 -71.41 24.76
N ILE D 44 24.84 -70.93 24.11
CA ILE D 44 24.97 -69.96 23.02
C ILE D 44 25.43 -68.59 23.53
N ARG D 45 24.97 -68.22 24.74
CA ARG D 45 25.28 -66.92 25.36
C ARG D 45 26.78 -66.69 25.55
N GLN D 46 27.46 -67.68 26.15
CA GLN D 46 28.92 -67.64 26.28
C GLN D 46 29.60 -67.64 24.91
N GLU D 47 28.95 -68.24 23.93
CA GLU D 47 29.45 -68.23 22.55
C GLU D 47 29.38 -66.82 21.97
N LEU D 48 28.24 -66.15 22.14
CA LEU D 48 28.11 -64.78 21.64
C LEU D 48 28.75 -63.72 22.55
N GLU D 49 29.21 -64.12 23.72
CA GLU D 49 29.90 -63.20 24.62
C GLU D 49 31.40 -63.20 24.38
N LEU D 50 31.95 -64.36 24.02
CA LEU D 50 33.39 -64.47 23.74
C LEU D 50 33.72 -64.25 22.27
N SER D 51 32.71 -64.32 21.42
CA SER D 51 32.87 -63.89 20.04
C SER D 51 33.19 -62.41 20.07
N VAL D 52 32.49 -61.68 20.93
CA VAL D 52 32.69 -60.25 21.11
C VAL D 52 34.10 -59.95 21.64
N LYS D 53 34.58 -60.80 22.54
CA LYS D 53 35.91 -60.62 23.16
C LYS D 53 37.03 -60.50 22.13
N LYS D 54 37.02 -61.43 21.17
CA LYS D 54 38.05 -61.54 20.13
C LYS D 54 37.91 -60.48 19.05
N GLU D 55 36.69 -60.03 18.83
CA GLU D 55 36.39 -59.02 17.83
C GLU D 55 36.98 -57.66 18.24
N LEU D 56 36.98 -57.42 19.55
CA LEU D 56 37.58 -56.22 20.11
C LEU D 56 39.09 -56.37 20.12
N GLU D 57 39.55 -57.62 20.29
CA GLU D 57 40.98 -57.94 20.29
C GLU D 57 41.63 -57.61 18.95
N LYS D 58 40.85 -57.61 17.88
CA LYS D 58 41.36 -57.19 16.59
C LYS D 58 41.06 -55.71 16.37
N ILE D 59 40.97 -54.93 17.45
CA ILE D 59 40.79 -53.48 17.33
C ILE D 59 41.80 -52.75 18.17
N LEU D 60 42.27 -53.39 19.24
CA LEU D 60 43.43 -52.90 19.97
C LEU D 60 44.68 -52.88 19.07
N THR D 61 44.84 -53.93 18.29
CA THR D 61 45.93 -54.04 17.34
C THR D 61 45.98 -52.88 16.32
N THR D 62 45.08 -51.91 16.43
CA THR D 62 45.11 -50.73 15.55
C THR D 62 45.15 -49.41 16.31
N ALA D 63 45.59 -49.46 17.57
CA ALA D 63 45.65 -48.28 18.43
C ALA D 63 47.02 -47.58 18.44
N SER D 64 47.00 -46.26 18.27
CA SER D 64 48.23 -45.44 18.17
C SER D 64 49.09 -45.56 19.42
N SER D 65 50.30 -46.08 19.25
CA SER D 65 51.21 -46.36 20.37
C SER D 65 50.60 -45.96 21.71
N HIS D 66 50.82 -44.72 22.11
CA HIS D 66 50.44 -44.26 23.46
C HIS D 66 48.98 -44.42 23.87
N GLU D 67 48.02 -44.19 22.96
CA GLU D 67 46.61 -44.51 23.24
C GLU D 67 46.56 -46.01 23.32
N PHE D 68 46.10 -46.52 24.47
CA PHE D 68 46.11 -47.95 24.71
C PHE D 68 45.69 -48.12 26.15
N GLU D 69 46.56 -47.66 27.04
CA GLU D 69 46.36 -47.85 28.47
C GLU D 69 45.01 -47.30 28.88
N HIS D 70 44.52 -46.27 28.16
CA HIS D 70 43.13 -45.82 28.36
C HIS D 70 42.10 -46.51 27.43
N THR D 71 42.50 -46.87 26.20
CA THR D 71 41.62 -47.53 25.23
C THR D 71 41.28 -48.91 25.73
N LYS D 72 42.25 -49.66 26.23
CA LYS D 72 41.94 -50.99 26.75
C LYS D 72 40.97 -50.96 27.95
N LYS D 73 41.27 -50.19 28.99
CA LYS D 73 40.37 -50.05 30.14
C LYS D 73 38.92 -49.63 29.74
N ASP D 74 38.79 -48.86 28.65
CA ASP D 74 37.48 -48.50 28.12
C ASP D 74 36.81 -49.74 27.55
N LEU D 75 37.60 -50.56 26.87
CA LEU D 75 37.06 -51.74 26.21
C LEU D 75 36.79 -52.87 27.18
N ASP D 76 37.55 -52.95 28.26
CA ASP D 76 37.22 -53.91 29.31
C ASP D 76 36.05 -53.39 30.13
N GLY D 77 35.76 -52.10 29.99
CA GLY D 77 34.58 -51.53 30.61
C GLY D 77 33.33 -52.10 29.96
N PHE D 78 33.39 -52.27 28.64
CA PHE D 78 32.27 -52.78 27.87
C PHE D 78 32.04 -54.25 28.21
N ARG D 79 33.11 -55.03 28.18
CA ARG D 79 33.06 -56.45 28.55
C ARG D 79 32.13 -56.71 29.73
N LYS D 80 32.30 -55.91 30.78
CA LYS D 80 31.47 -56.02 31.97
C LYS D 80 29.98 -55.66 31.75
N LEU D 81 29.72 -54.55 31.06
CA LEU D 81 28.35 -54.12 30.73
C LEU D 81 27.57 -55.12 29.86
N PHE D 82 28.21 -55.62 28.81
CA PHE D 82 27.63 -56.65 27.97
C PHE D 82 27.36 -57.89 28.84
N HIS D 83 28.27 -58.22 29.75
CA HIS D 83 28.08 -59.40 30.63
C HIS D 83 26.84 -59.28 31.49
N ARG D 84 26.63 -58.09 32.08
CA ARG D 84 25.41 -57.79 32.85
C ARG D 84 24.16 -57.87 31.94
N PHE D 85 24.29 -57.27 30.77
CA PHE D 85 23.21 -57.14 29.78
C PHE D 85 22.65 -58.47 29.32
N LEU D 86 23.46 -59.52 29.35
CA LEU D 86 22.99 -60.85 28.98
C LEU D 86 22.26 -61.52 30.11
N GLN D 87 22.84 -61.47 31.31
CA GLN D 87 22.25 -62.15 32.47
C GLN D 87 21.02 -61.44 33.04
N GLU D 88 20.91 -60.13 32.78
CA GLU D 88 19.80 -59.27 33.23
C GLU D 88 19.04 -59.75 34.48
N GLY D 96 8.68 -54.62 41.48
CA GLY D 96 7.71 -54.44 42.54
C GLY D 96 6.69 -55.56 42.49
N LYS D 97 5.53 -55.35 43.11
CA LYS D 97 5.20 -54.07 43.72
C LYS D 97 4.99 -54.10 45.24
N ILE D 98 5.95 -53.50 45.94
CA ILE D 98 5.91 -53.29 47.41
C ILE D 98 6.58 -51.95 47.77
N GLN D 99 6.99 -51.21 46.74
CA GLN D 99 7.81 -50.00 46.89
C GLN D 99 7.04 -48.67 47.01
N ARG D 100 6.90 -48.19 48.25
CA ARG D 100 6.33 -46.87 48.59
C ARG D 100 7.18 -46.20 49.69
N PRO D 101 7.85 -45.04 49.36
CA PRO D 101 9.01 -44.43 50.08
C PRO D 101 8.63 -43.66 51.36
N PRO D 102 9.37 -43.89 52.47
CA PRO D 102 8.92 -43.44 53.79
C PRO D 102 9.02 -41.94 54.03
N GLU D 103 8.56 -41.54 55.22
CA GLU D 103 8.49 -40.16 55.64
C GLU D 103 9.90 -39.68 55.97
N ASP D 104 10.52 -40.34 56.94
CA ASP D 104 11.77 -39.88 57.48
C ASP D 104 12.90 -39.93 56.48
N SER D 105 12.69 -40.53 55.31
CA SER D 105 13.82 -40.68 54.40
C SER D 105 13.85 -39.65 53.31
N ILE D 106 13.03 -38.60 53.45
CA ILE D 106 13.06 -37.51 52.49
C ILE D 106 12.63 -36.24 53.23
N GLN D 107 13.42 -35.18 53.17
CA GLN D 107 13.23 -34.04 54.09
C GLN D 107 12.87 -32.80 53.36
N PRO D 108 12.07 -31.95 53.97
CA PRO D 108 11.79 -30.66 53.35
C PRO D 108 12.84 -29.60 53.61
N TYR D 109 13.44 -29.10 52.52
CA TYR D 109 14.44 -28.04 52.54
C TYR D 109 14.19 -26.95 53.59
N GLU D 110 12.95 -26.59 53.86
CA GLU D 110 12.68 -25.52 54.84
C GLU D 110 13.08 -25.89 56.23
N LYS D 111 12.93 -27.16 56.60
CA LYS D 111 13.35 -27.60 57.92
C LYS D 111 14.87 -27.40 57.97
N ILE D 112 15.55 -28.01 57.01
CA ILE D 112 16.98 -27.91 56.94
C ILE D 112 17.48 -26.48 56.98
N LYS D 113 16.93 -25.59 56.17
CA LYS D 113 17.35 -24.19 56.18
C LYS D 113 17.21 -23.53 57.54
N ALA D 114 16.26 -23.98 58.33
CA ALA D 114 16.02 -23.29 59.58
C ALA D 114 16.76 -23.95 60.72
N ARG D 115 18.07 -24.07 60.61
CA ARG D 115 18.87 -24.80 61.61
C ARG D 115 20.13 -24.11 62.13
N GLY D 116 20.83 -23.35 61.28
CA GLY D 116 20.53 -23.18 59.87
C GLY D 116 21.83 -23.11 59.12
N LEU D 117 22.52 -21.99 59.32
CA LEU D 117 23.74 -21.65 58.57
C LEU D 117 24.97 -22.11 59.34
N PRO D 118 26.05 -22.50 58.64
CA PRO D 118 27.21 -22.88 59.42
C PRO D 118 27.79 -21.63 60.11
N ASP D 119 28.40 -21.76 61.28
CA ASP D 119 29.00 -20.55 61.85
C ASP D 119 30.42 -20.51 61.36
N ASN D 120 31.31 -21.23 62.03
CA ASN D 120 32.66 -21.38 61.52
C ASN D 120 32.59 -22.06 60.14
N ILE D 121 33.47 -21.58 59.27
CA ILE D 121 33.83 -20.16 59.39
C ILE D 121 32.95 -19.32 58.37
N SER D 122 32.56 -19.89 57.22
CA SER D 122 32.68 -21.30 56.85
C SER D 122 32.92 -21.34 55.35
N SER D 123 34.14 -21.61 54.84
CA SER D 123 35.32 -22.25 55.47
C SER D 123 35.00 -23.68 55.99
N VAL D 124 33.75 -24.07 55.70
CA VAL D 124 33.23 -25.45 55.59
C VAL D 124 33.30 -25.88 54.10
N LEU D 125 33.36 -24.88 53.23
CA LEU D 125 33.58 -25.01 51.79
C LEU D 125 34.90 -25.74 51.47
N ASN D 126 35.93 -25.56 52.30
CA ASN D 126 37.21 -26.20 52.01
C ASN D 126 37.15 -27.70 51.74
N LYS D 127 36.13 -28.37 52.27
CA LYS D 127 36.01 -29.81 52.09
C LYS D 127 35.08 -30.20 50.94
N LEU D 128 34.84 -29.28 49.99
CA LEU D 128 33.90 -29.55 48.88
C LEU D 128 34.57 -29.52 47.51
N VAL D 129 33.99 -30.23 46.54
CA VAL D 129 34.48 -30.13 45.16
C VAL D 129 33.35 -29.98 44.19
N VAL D 130 33.30 -28.89 43.45
CA VAL D 130 32.20 -28.63 42.51
C VAL D 130 32.44 -29.31 41.15
N VAL D 131 31.62 -30.33 40.85
CA VAL D 131 31.67 -31.01 39.54
C VAL D 131 30.42 -30.71 38.60
N LYS D 132 30.69 -30.26 37.37
CA LYS D 132 29.64 -29.82 36.45
C LYS D 132 29.70 -30.67 35.20
N LEU D 133 28.56 -31.16 34.75
CA LEU D 133 28.53 -32.13 33.65
C LEU D 133 28.59 -31.55 32.23
N ASN D 134 29.72 -31.74 31.55
CA ASN D 134 29.93 -31.09 30.27
C ASN D 134 29.67 -31.89 29.03
N GLY D 135 30.13 -33.14 28.96
CA GLY D 135 29.85 -34.02 27.79
C GLY D 135 28.45 -33.99 27.14
N GLY D 136 28.35 -33.35 25.98
CA GLY D 136 27.06 -33.00 25.46
C GLY D 136 27.11 -31.64 24.83
N LEU D 137 26.79 -31.66 23.52
CA LEU D 137 26.90 -30.57 22.54
C LEU D 137 25.60 -29.84 22.52
N GLY D 138 25.47 -28.85 21.64
CA GLY D 138 24.19 -28.13 21.55
C GLY D 138 23.60 -28.10 20.16
N THR D 139 23.85 -29.17 19.40
CA THR D 139 23.40 -29.25 18.00
C THR D 139 21.88 -29.21 17.92
N SER D 140 21.21 -29.76 18.91
CA SER D 140 19.78 -29.64 18.95
C SER D 140 19.32 -28.19 19.08
N MET D 141 20.17 -27.29 19.53
CA MET D 141 19.76 -25.89 19.63
C MET D 141 20.18 -25.16 18.36
N GLY D 142 20.91 -25.85 17.51
CA GLY D 142 21.40 -25.24 16.28
C GLY D 142 22.81 -24.68 16.42
N CYS D 143 23.60 -25.30 17.28
CA CYS D 143 24.97 -24.86 17.52
C CYS D 143 26.01 -25.94 17.33
N LYS D 144 27.11 -25.59 16.64
CA LYS D 144 28.31 -26.42 16.61
C LYS D 144 28.93 -26.51 18.01
N GLY D 145 29.54 -27.65 18.32
CA GLY D 145 30.32 -27.81 19.55
C GLY D 145 29.58 -27.77 20.87
N PRO D 146 30.33 -27.58 21.97
CA PRO D 146 29.86 -27.76 23.35
C PRO D 146 28.70 -26.83 23.71
N LYS D 147 27.67 -27.37 24.38
CA LYS D 147 26.46 -26.59 24.72
C LYS D 147 26.81 -25.59 25.79
N SER D 148 27.89 -25.89 26.52
CA SER D 148 28.44 -25.07 27.59
C SER D 148 28.73 -23.65 27.15
N LEU D 149 28.97 -23.49 25.85
CA LEU D 149 29.49 -22.27 25.28
C LEU D 149 28.48 -21.37 24.58
N ILE D 150 27.20 -21.54 24.84
CA ILE D 150 26.22 -20.68 24.23
C ILE D 150 26.01 -19.43 25.07
N GLY D 151 25.86 -18.28 24.41
CA GLY D 151 25.52 -17.02 25.09
C GLY D 151 24.11 -16.96 25.73
N VAL D 152 24.09 -16.76 27.05
CA VAL D 152 22.88 -16.64 27.86
C VAL D 152 22.50 -15.22 28.22
N ARG D 153 23.43 -14.44 28.74
CA ARG D 153 23.14 -13.04 29.02
C ARG D 153 24.39 -12.13 29.02
N ASN D 154 24.54 -11.25 28.03
CA ASN D 154 25.59 -10.16 28.05
C ASN D 154 26.97 -10.22 27.31
N GLU D 155 27.25 -11.25 26.52
CA GLU D 155 26.59 -12.53 26.69
C GLU D 155 27.60 -13.35 27.50
N ASN D 156 27.12 -13.91 28.58
CA ASN D 156 27.94 -14.77 29.36
C ASN D 156 27.56 -16.16 28.99
N THR D 157 28.55 -16.96 28.66
CA THR D 157 28.25 -18.34 28.34
C THR D 157 27.91 -19.11 29.58
N PHE D 158 27.30 -20.27 29.39
CA PHE D 158 26.94 -21.15 30.48
C PHE D 158 28.08 -21.38 31.48
N LEU D 159 29.28 -21.54 30.94
CA LEU D 159 30.47 -21.81 31.75
C LEU D 159 30.98 -20.50 32.34
N ASP D 160 30.72 -19.40 31.64
CA ASP D 160 31.12 -18.10 32.14
C ASP D 160 30.44 -17.91 33.47
N LEU D 161 29.17 -18.30 33.52
CA LEU D 161 28.41 -18.12 34.72
C LEU D 161 28.89 -18.96 35.91
N THR D 162 29.08 -20.28 35.76
CA THR D 162 29.48 -21.04 36.96
C THR D 162 30.79 -20.62 37.51
N VAL D 163 31.72 -20.11 36.70
CA VAL D 163 32.97 -19.66 37.32
C VAL D 163 32.75 -18.35 38.06
N GLN D 164 32.12 -17.40 37.38
CA GLN D 164 31.55 -16.21 37.98
C GLN D 164 30.98 -16.39 39.41
N GLN D 165 30.35 -17.55 39.64
CA GLN D 165 29.79 -17.99 40.93
C GLN D 165 30.91 -18.44 41.87
N ILE D 166 31.49 -19.61 41.61
CA ILE D 166 32.61 -20.13 42.42
C ILE D 166 33.58 -19.03 42.84
N GLU D 167 33.89 -18.12 41.91
CA GLU D 167 34.80 -17.02 42.20
C GLU D 167 34.25 -16.11 43.28
N HIS D 168 33.02 -15.62 43.13
CA HIS D 168 32.41 -14.74 44.12
C HIS D 168 32.36 -15.41 45.49
N LEU D 169 32.24 -16.74 45.49
CA LEU D 169 32.34 -17.55 46.70
C LEU D 169 33.72 -17.39 47.31
N ASN D 170 34.74 -17.80 46.57
CA ASN D 170 36.12 -17.73 47.06
C ASN D 170 36.54 -16.33 47.53
N LYS D 171 36.07 -15.29 46.83
CA LYS D 171 36.45 -13.90 47.12
C LYS D 171 35.79 -13.32 48.38
N THR D 172 34.48 -13.53 48.54
CA THR D 172 33.84 -13.08 49.79
C THR D 172 34.28 -13.92 50.99
N TYR D 173 34.56 -15.21 50.79
CA TYR D 173 34.87 -16.14 51.91
C TYR D 173 36.34 -16.55 52.19
N ASN D 174 37.30 -15.97 51.47
CA ASN D 174 38.72 -16.36 51.58
C ASN D 174 39.00 -17.87 51.54
N THR D 175 38.28 -18.55 50.66
CA THR D 175 38.42 -19.99 50.47
C THR D 175 38.69 -20.27 49.00
N ASP D 176 39.28 -21.43 48.69
CA ASP D 176 39.70 -21.76 47.31
C ASP D 176 39.05 -23.06 46.75
N VAL D 177 37.76 -22.98 46.43
CA VAL D 177 37.03 -24.12 45.91
C VAL D 177 37.43 -24.44 44.49
N PRO D 178 37.62 -25.72 44.15
CA PRO D 178 37.97 -26.07 42.76
C PRO D 178 36.74 -26.32 41.91
N LEU D 179 36.83 -26.09 40.58
CA LEU D 179 35.80 -26.51 39.61
C LEU D 179 36.38 -27.60 38.72
N VAL D 180 35.76 -28.77 38.71
CA VAL D 180 36.22 -29.83 37.81
C VAL D 180 35.13 -30.10 36.76
N LEU D 181 35.54 -30.16 35.49
CA LEU D 181 34.57 -30.37 34.38
C LEU D 181 34.65 -31.81 33.84
N MET D 182 33.50 -32.48 33.69
CA MET D 182 33.55 -33.82 33.16
C MET D 182 33.06 -33.78 31.74
N ASN D 183 33.95 -33.47 30.81
CA ASN D 183 33.57 -33.55 29.41
C ASN D 183 33.95 -34.86 28.71
N SER D 184 33.57 -35.01 27.44
CA SER D 184 33.79 -36.25 26.67
C SER D 184 34.34 -35.95 25.31
N PHE D 185 34.65 -37.01 24.57
CA PHE D 185 35.43 -36.86 23.35
C PHE D 185 34.89 -35.85 22.37
N ASN D 186 33.69 -35.35 22.62
CA ASN D 186 33.06 -34.40 21.72
C ASN D 186 33.17 -32.97 22.18
N THR D 187 33.31 -32.78 23.49
CA THR D 187 33.28 -31.44 24.08
C THR D 187 34.51 -31.14 24.87
N ASP D 188 35.61 -31.80 24.54
CA ASP D 188 36.83 -31.68 25.33
C ASP D 188 37.80 -30.69 24.70
N GLU D 189 38.44 -31.09 23.61
CA GLU D 189 39.47 -30.22 23.05
C GLU D 189 38.83 -28.87 22.68
N ASP D 190 37.53 -28.89 22.39
CA ASP D 190 36.87 -27.65 22.05
C ASP D 190 36.75 -26.72 23.24
N THR D 191 36.52 -27.30 24.41
CA THR D 191 36.42 -26.51 25.63
C THR D 191 37.78 -26.04 26.12
N LYS D 192 38.79 -26.92 26.06
CA LYS D 192 40.11 -26.63 26.65
C LYS D 192 40.70 -25.40 26.01
N LYS D 193 40.42 -25.25 24.73
CA LYS D 193 40.78 -24.07 23.96
C LYS D 193 40.35 -22.77 24.66
N ILE D 194 39.14 -22.75 25.21
CA ILE D 194 38.57 -21.53 25.78
C ILE D 194 38.98 -21.32 27.24
N LEU D 195 39.53 -22.37 27.87
CA LEU D 195 39.84 -22.33 29.31
C LEU D 195 40.91 -21.29 29.63
N GLN D 196 41.64 -20.89 28.58
CA GLN D 196 42.71 -19.93 28.68
C GLN D 196 42.16 -18.61 29.24
N LYS D 197 40.90 -18.32 28.96
CA LYS D 197 40.34 -17.05 29.36
C LYS D 197 40.09 -16.89 30.85
N TYR D 198 39.96 -17.98 31.59
CA TYR D 198 39.63 -17.87 33.03
C TYR D 198 40.83 -17.66 33.96
N ASN D 199 42.04 -17.80 33.41
CA ASN D 199 43.26 -17.32 34.06
C ASN D 199 42.99 -15.99 34.75
N HIS D 200 43.57 -15.86 35.93
CA HIS D 200 43.43 -14.62 36.71
C HIS D 200 41.98 -14.31 37.17
N CYS D 201 41.10 -15.30 37.04
CA CYS D 201 39.90 -15.37 37.87
C CYS D 201 40.25 -16.32 39.02
N ARG D 202 39.63 -16.18 40.20
CA ARG D 202 40.05 -16.99 41.38
C ARG D 202 39.40 -18.37 41.44
N VAL D 203 39.68 -19.22 40.47
CA VAL D 203 39.12 -20.55 40.45
C VAL D 203 40.14 -21.48 39.85
N LYS D 204 40.59 -22.48 40.58
CA LYS D 204 41.34 -23.55 39.91
C LYS D 204 40.31 -24.46 39.24
N ILE D 205 40.53 -24.70 37.95
CA ILE D 205 39.61 -25.41 37.05
C ILE D 205 40.28 -26.75 36.71
N TYR D 206 39.52 -27.76 36.36
CA TYR D 206 40.14 -29.03 36.05
C TYR D 206 39.29 -29.61 34.93
N THR D 207 39.74 -30.71 34.34
CA THR D 207 38.94 -31.46 33.36
C THR D 207 39.28 -32.93 33.52
N PHE D 208 38.38 -33.80 33.05
CA PHE D 208 38.69 -35.21 32.76
C PHE D 208 37.69 -35.73 31.73
N ASN D 209 38.03 -36.74 30.92
CA ASN D 209 37.03 -37.31 29.99
C ASN D 209 36.42 -38.63 30.39
N GLN D 210 35.13 -38.75 30.14
CA GLN D 210 34.45 -40.00 30.40
C GLN D 210 34.85 -40.96 29.28
N SER D 211 34.48 -42.23 29.44
CA SER D 211 34.92 -43.30 28.55
C SER D 211 34.40 -43.12 27.10
N ARG D 212 34.71 -44.11 26.28
CA ARG D 212 34.29 -44.17 24.90
C ARG D 212 33.96 -45.63 24.66
N TYR D 213 32.76 -45.93 24.17
CA TYR D 213 32.33 -47.30 24.02
C TYR D 213 31.93 -47.66 22.59
N PRO D 214 31.99 -48.96 22.25
CA PRO D 214 31.59 -49.37 20.92
C PRO D 214 30.06 -49.49 20.75
N ARG D 215 29.53 -49.00 19.62
CA ARG D 215 28.11 -49.17 19.29
C ARG D 215 27.90 -50.60 18.80
N ILE D 216 27.08 -51.36 19.51
CA ILE D 216 26.81 -52.75 19.14
C ILE D 216 25.60 -52.76 18.19
N ASN D 217 25.48 -53.75 17.30
CA ASN D 217 24.38 -53.74 16.30
C ASN D 217 23.11 -54.47 16.77
N LYS D 218 21.95 -53.87 16.46
CA LYS D 218 20.63 -54.47 16.74
C LYS D 218 20.50 -55.93 16.28
N GLU D 219 20.58 -56.16 14.96
CA GLU D 219 20.46 -57.52 14.43
C GLU D 219 21.71 -58.39 14.69
N SER D 220 22.91 -57.81 14.51
CA SER D 220 24.17 -58.59 14.54
C SER D 220 24.52 -59.06 15.92
N LEU D 221 24.43 -58.12 16.87
CA LEU D 221 25.07 -58.22 18.18
C LEU D 221 26.61 -58.18 18.06
N LEU D 222 27.10 -57.39 17.11
CA LEU D 222 28.54 -57.19 16.91
C LEU D 222 28.83 -55.69 16.90
N PRO D 223 30.03 -55.29 17.36
CA PRO D 223 30.31 -53.85 17.31
C PRO D 223 30.74 -53.45 15.92
N VAL D 224 30.61 -52.18 15.58
CA VAL D 224 31.00 -51.74 14.25
C VAL D 224 32.53 -51.78 13.95
N ALA D 237 30.50 -44.37 15.00
CA ALA D 237 30.44 -45.67 15.67
C ALA D 237 31.11 -45.79 17.06
N TRP D 238 31.29 -44.66 17.77
CA TRP D 238 31.60 -44.69 19.20
C TRP D 238 30.70 -43.69 19.92
N TYR D 239 30.57 -43.80 21.25
CA TYR D 239 29.70 -42.91 22.04
C TYR D 239 30.12 -42.81 23.48
N PRO D 240 29.77 -41.69 24.15
CA PRO D 240 29.94 -41.54 25.60
C PRO D 240 28.79 -42.24 26.35
N PRO D 241 29.12 -43.16 27.26
CA PRO D 241 28.16 -44.13 27.82
C PRO D 241 27.25 -43.59 28.96
N GLY D 242 26.69 -42.39 28.77
CA GLY D 242 25.82 -41.79 29.77
C GLY D 242 26.66 -41.09 30.83
N HIS D 243 26.00 -40.33 31.69
CA HIS D 243 26.69 -39.57 32.73
C HIS D 243 27.07 -40.48 33.90
N GLY D 244 26.22 -41.49 34.16
CA GLY D 244 26.58 -42.57 35.09
C GLY D 244 28.04 -43.02 35.03
N ASP D 245 28.65 -42.88 33.87
CA ASP D 245 30.04 -43.19 33.74
C ASP D 245 30.82 -42.03 34.36
N ILE D 246 30.54 -41.75 35.63
CA ILE D 246 31.34 -40.76 36.34
C ILE D 246 32.18 -41.46 37.38
N TYR D 247 31.64 -42.54 37.96
CA TYR D 247 32.32 -43.27 39.03
C TYR D 247 33.60 -43.94 38.52
N ALA D 248 33.52 -44.56 37.36
CA ALA D 248 34.67 -45.23 36.80
C ALA D 248 35.70 -44.21 36.35
N SER D 249 35.32 -43.27 35.50
CA SER D 249 36.26 -42.28 34.96
C SER D 249 36.95 -41.42 36.03
N PHE D 250 36.20 -40.99 37.04
CA PHE D 250 36.72 -40.09 38.06
C PHE D 250 37.77 -40.82 38.84
N TYR D 251 37.59 -42.12 39.02
CA TYR D 251 38.56 -42.94 39.73
C TYR D 251 39.86 -43.06 38.92
N ASN D 252 39.71 -43.30 37.61
CA ASN D 252 40.82 -43.58 36.71
C ASN D 252 41.64 -42.36 36.37
N SER D 253 41.06 -41.18 36.52
CA SER D 253 41.72 -39.93 36.19
C SER D 253 42.66 -39.62 37.29
N GLY D 254 42.41 -40.26 38.43
CA GLY D 254 43.27 -40.08 39.60
C GLY D 254 42.93 -38.86 40.45
N LEU D 255 42.02 -38.03 39.97
CA LEU D 255 41.66 -36.85 40.71
C LEU D 255 41.01 -37.27 42.01
N LEU D 256 40.34 -38.41 42.00
CA LEU D 256 39.54 -38.87 43.13
C LEU D 256 40.41 -39.10 44.35
N ASP D 257 41.58 -39.69 44.11
CA ASP D 257 42.55 -40.00 45.16
C ASP D 257 43.34 -38.75 45.53
N THR D 258 43.57 -37.90 44.54
CA THR D 258 44.17 -36.58 44.75
C THR D 258 43.32 -35.75 45.70
N PHE D 259 42.04 -35.62 45.41
CA PHE D 259 41.19 -34.79 46.23
C PHE D 259 40.99 -35.35 47.63
N ILE D 260 40.77 -36.66 47.74
CA ILE D 260 40.61 -37.27 49.07
C ILE D 260 41.94 -37.22 49.82
N GLY D 261 43.00 -36.74 49.16
CA GLY D 261 44.29 -36.50 49.79
C GLY D 261 44.45 -35.09 50.35
N GLU D 262 43.81 -34.11 49.70
CA GLU D 262 43.82 -32.71 50.18
C GLU D 262 42.72 -32.50 51.24
N GLY D 263 42.07 -33.60 51.62
CA GLY D 263 41.14 -33.58 52.73
C GLY D 263 39.76 -33.09 52.38
N LYS D 264 39.41 -33.06 51.10
CA LYS D 264 38.02 -32.84 50.65
C LYS D 264 37.19 -34.05 51.07
N GLU D 265 35.90 -33.92 51.29
CA GLU D 265 35.18 -35.13 51.63
C GLU D 265 33.98 -35.38 50.72
N TYR D 266 33.56 -34.35 49.95
CA TYR D 266 32.31 -34.34 49.18
C TYR D 266 32.38 -33.65 47.83
N ILE D 267 31.72 -34.25 46.83
CA ILE D 267 31.42 -33.59 45.54
C ILE D 267 29.95 -33.18 45.33
N PHE D 268 29.76 -32.09 44.59
CA PHE D 268 28.47 -31.58 44.21
C PHE D 268 28.29 -31.65 42.67
N VAL D 269 27.81 -32.84 42.25
CA VAL D 269 27.51 -33.15 40.87
C VAL D 269 26.23 -32.42 40.51
N SER D 270 26.24 -31.76 39.36
CA SER D 270 25.11 -31.02 38.83
C SER D 270 25.32 -30.80 37.35
N ASN D 271 24.43 -30.06 36.71
CA ASN D 271 24.45 -29.96 35.26
C ASN D 271 24.68 -28.53 34.76
N ILE D 272 25.29 -28.35 33.59
CA ILE D 272 25.54 -26.98 33.17
C ILE D 272 24.33 -26.31 32.53
N ASP D 273 23.34 -27.08 32.13
CA ASP D 273 22.03 -26.52 31.80
C ASP D 273 21.43 -25.81 33.02
N ASN D 274 21.29 -26.55 34.14
CA ASN D 274 20.81 -26.09 35.44
C ASN D 274 21.41 -24.79 35.85
N LEU D 275 20.67 -23.72 35.79
CA LEU D 275 21.26 -22.43 36.10
C LEU D 275 21.05 -22.18 37.58
N GLY D 276 20.22 -23.05 38.15
CA GLY D 276 19.69 -22.88 39.47
C GLY D 276 20.49 -23.66 40.46
N ALA D 277 21.46 -24.42 39.92
CA ALA D 277 22.29 -25.37 40.67
C ALA D 277 23.29 -24.69 41.60
N THR D 278 22.88 -23.58 42.22
CA THR D 278 23.70 -22.88 43.18
C THR D 278 24.47 -23.82 44.14
N VAL D 279 25.62 -23.40 44.67
CA VAL D 279 26.20 -24.09 45.84
C VAL D 279 25.52 -23.56 47.11
N ASP D 280 24.67 -24.38 47.72
CA ASP D 280 23.85 -23.90 48.84
C ASP D 280 24.36 -24.24 50.21
N LEU D 281 24.58 -23.23 51.02
CA LEU D 281 25.20 -23.47 52.32
C LEU D 281 24.43 -24.38 53.27
N TYR D 282 23.10 -24.29 53.31
CA TYR D 282 22.34 -25.06 54.29
C TYR D 282 22.42 -26.56 54.06
N ILE D 283 22.50 -26.98 52.81
CA ILE D 283 22.65 -28.40 52.53
C ILE D 283 24.01 -28.87 53.04
N LEU D 284 25.00 -28.01 52.84
CA LEU D 284 26.36 -28.21 53.31
C LEU D 284 26.44 -28.39 54.84
N ASN D 285 25.78 -27.49 55.56
CA ASN D 285 25.72 -27.57 57.01
C ASN D 285 25.23 -28.94 57.44
N HIS D 286 24.50 -29.61 56.57
CA HIS D 286 23.88 -30.88 56.94
C HIS D 286 24.83 -32.05 56.65
N LEU D 287 25.80 -31.80 55.80
CA LEU D 287 26.64 -32.87 55.34
C LEU D 287 27.92 -32.88 56.12
N MET D 288 28.62 -31.75 56.16
CA MET D 288 29.73 -31.53 57.08
C MET D 288 29.11 -31.16 58.42
N ASN D 289 29.65 -31.63 59.53
CA ASN D 289 28.89 -31.54 60.77
C ASN D 289 27.35 -31.88 60.68
N PRO D 290 27.05 -33.15 60.39
CA PRO D 290 25.67 -33.59 60.36
C PRO D 290 25.10 -33.61 61.75
N PRO D 291 23.80 -33.30 61.89
CA PRO D 291 23.12 -33.32 63.19
C PRO D 291 22.91 -34.73 63.67
N ASN D 292 23.37 -35.00 64.88
CA ASN D 292 23.05 -36.22 65.61
C ASN D 292 24.05 -37.37 65.50
N GLY D 293 24.93 -37.32 64.49
CA GLY D 293 25.91 -38.39 64.33
C GLY D 293 26.02 -39.01 62.94
N LYS D 294 24.96 -39.67 62.46
CA LYS D 294 24.95 -40.17 61.08
C LYS D 294 25.04 -38.92 60.25
N ARG D 295 25.85 -38.86 59.17
CA ARG D 295 26.73 -39.91 58.53
C ARG D 295 26.09 -40.59 57.29
N CYS D 296 25.99 -39.82 56.21
CA CYS D 296 25.57 -40.27 54.87
C CYS D 296 25.97 -39.10 54.02
N GLU D 297 26.53 -39.23 52.82
CA GLU D 297 27.02 -40.39 52.08
C GLU D 297 26.57 -40.26 50.62
N PHE D 298 25.25 -40.22 50.41
CA PHE D 298 24.64 -39.91 49.12
C PHE D 298 23.38 -39.05 49.32
N VAL D 299 23.35 -37.86 48.73
CA VAL D 299 22.19 -37.02 48.86
C VAL D 299 21.67 -36.54 47.53
N MET D 300 20.39 -36.79 47.29
CA MET D 300 19.75 -36.48 46.03
C MET D 300 18.81 -35.30 46.26
N GLU D 301 19.10 -34.15 45.66
CA GLU D 301 18.11 -33.08 45.59
C GLU D 301 16.96 -33.61 44.78
N VAL D 302 15.76 -33.11 45.03
CA VAL D 302 14.49 -33.69 44.55
C VAL D 302 13.42 -32.63 44.61
N THR D 303 12.64 -32.44 43.54
CA THR D 303 11.55 -31.46 43.60
C THR D 303 10.13 -32.00 43.31
N ASN D 304 9.14 -31.10 43.29
CA ASN D 304 7.73 -31.44 42.96
C ASN D 304 7.49 -31.52 41.48
N LYS D 305 6.50 -32.33 41.13
CA LYS D 305 6.13 -32.54 39.75
C LYS D 305 5.14 -31.46 39.26
N THR D 306 5.37 -30.96 38.05
CA THR D 306 4.39 -30.13 37.38
C THR D 306 3.84 -30.99 36.26
N ARG D 307 2.60 -30.73 35.85
CA ARG D 307 2.11 -31.30 34.59
C ARG D 307 3.23 -31.23 33.53
N ALA D 308 4.03 -30.17 33.60
CA ALA D 308 5.23 -30.03 32.80
C ALA D 308 6.16 -31.25 32.91
N ASP D 309 6.51 -31.61 34.13
CA ASP D 309 7.56 -32.60 34.32
C ASP D 309 7.06 -33.82 35.07
N VAL D 310 6.25 -34.60 34.35
CA VAL D 310 5.51 -35.76 34.92
C VAL D 310 6.27 -37.08 34.68
N LYS D 311 6.68 -37.29 33.42
CA LYS D 311 7.46 -38.45 33.02
C LYS D 311 8.94 -38.32 33.51
N GLY D 312 9.15 -38.49 34.82
CA GLY D 312 10.50 -38.37 35.40
C GLY D 312 10.97 -39.57 36.20
N GLY D 313 11.96 -39.36 37.06
CA GLY D 313 12.43 -40.38 37.99
C GLY D 313 11.96 -40.08 39.40
N THR D 314 11.53 -41.12 40.11
CA THR D 314 11.06 -40.94 41.48
C THR D 314 11.63 -42.01 42.36
N LEU D 315 11.98 -41.60 43.59
CA LEU D 315 12.52 -42.48 44.62
C LEU D 315 11.42 -43.30 45.24
N THR D 316 11.78 -44.51 45.63
CA THR D 316 10.85 -45.46 46.24
C THR D 316 11.65 -46.31 47.18
N GLN D 317 11.02 -46.88 48.21
CA GLN D 317 11.80 -47.75 49.11
C GLN D 317 11.71 -49.23 48.76
N TYR D 318 12.40 -49.57 47.68
CA TYR D 318 12.54 -50.92 47.20
C TYR D 318 13.55 -51.65 48.09
N GLU D 319 13.06 -52.66 48.80
CA GLU D 319 13.88 -53.58 49.61
C GLU D 319 14.95 -52.88 50.46
N GLY D 320 14.54 -52.27 51.57
CA GLY D 320 15.46 -51.64 52.54
C GLY D 320 15.93 -50.23 52.19
N LYS D 321 16.76 -50.13 51.14
CA LYS D 321 17.29 -48.85 50.66
C LYS D 321 16.28 -48.10 49.77
N LEU D 322 16.63 -46.87 49.41
CA LEU D 322 15.93 -46.13 48.38
C LEU D 322 16.36 -46.70 47.05
N ARG D 323 15.54 -46.55 46.04
CA ARG D 323 15.89 -47.00 44.72
C ARG D 323 15.24 -46.04 43.75
N LEU D 324 15.98 -45.61 42.73
CA LEU D 324 15.45 -44.76 41.65
C LEU D 324 14.60 -45.58 40.67
N VAL D 325 13.66 -44.94 39.99
CA VAL D 325 12.83 -45.67 39.06
C VAL D 325 12.58 -44.81 37.84
N GLU D 326 12.82 -45.39 36.66
CA GLU D 326 12.56 -44.71 35.38
C GLU D 326 11.41 -45.35 34.61
N ILE D 327 10.63 -44.53 33.92
CA ILE D 327 9.40 -44.95 33.23
C ILE D 327 9.63 -46.18 32.33
N ALA D 328 10.86 -46.29 31.81
CA ALA D 328 11.30 -47.37 30.93
C ALA D 328 11.41 -48.74 31.63
N GLN D 329 11.44 -48.72 32.96
CA GLN D 329 11.66 -49.93 33.74
C GLN D 329 10.37 -50.49 34.27
N VAL D 330 9.33 -49.67 34.21
CA VAL D 330 8.00 -50.03 34.70
C VAL D 330 7.27 -50.99 33.74
N PRO D 331 6.71 -52.10 34.29
CA PRO D 331 5.84 -53.04 33.54
C PRO D 331 4.72 -52.31 32.81
N LYS D 332 4.27 -52.86 31.68
CA LYS D 332 3.27 -52.22 30.82
C LYS D 332 1.98 -51.73 31.52
N ALA D 333 1.43 -52.60 32.36
CA ALA D 333 0.17 -52.37 33.07
C ALA D 333 0.20 -51.14 33.99
N HIS D 334 1.22 -51.06 34.83
CA HIS D 334 1.31 -50.01 35.85
C HIS D 334 1.90 -48.68 35.37
N VAL D 335 2.00 -48.47 34.06
CA VAL D 335 2.57 -47.22 33.57
C VAL D 335 1.63 -46.07 33.91
N ASP D 336 0.33 -46.37 33.96
CA ASP D 336 -0.68 -45.35 34.24
C ASP D 336 -0.53 -44.72 35.63
N GLU D 337 -0.19 -45.51 36.64
CA GLU D 337 -0.04 -45.01 38.04
C GLU D 337 1.28 -44.28 38.38
N PHE D 338 2.39 -44.68 37.75
CA PHE D 338 3.61 -43.88 37.75
C PHE D 338 3.33 -42.65 36.88
N LYS D 339 3.81 -41.48 37.31
CA LYS D 339 3.55 -40.21 36.61
C LYS D 339 2.16 -39.73 36.97
N SER D 340 1.94 -39.55 38.27
CA SER D 340 0.60 -39.56 38.85
C SER D 340 0.01 -40.98 38.62
N VAL D 341 -0.87 -41.47 39.50
CA VAL D 341 -1.23 -40.86 40.79
C VAL D 341 -0.04 -40.17 41.47
N SER D 342 -0.25 -38.91 41.85
CA SER D 342 0.56 -38.25 42.85
C SER D 342 -0.32 -38.36 44.13
N LYS D 343 0.10 -39.08 45.18
CA LYS D 343 1.26 -39.98 45.29
C LYS D 343 2.73 -39.53 45.01
N PHE D 344 3.25 -39.84 43.83
CA PHE D 344 4.62 -39.51 43.56
C PHE D 344 4.76 -38.01 43.29
N LYS D 345 4.79 -37.22 44.34
CA LYS D 345 5.06 -35.79 44.22
C LYS D 345 6.57 -35.50 43.83
N ILE D 346 7.45 -36.43 44.23
CA ILE D 346 8.88 -36.38 44.15
C ILE D 346 9.29 -36.59 42.70
N PHE D 347 10.30 -35.84 42.28
CA PHE D 347 10.81 -35.85 40.94
C PHE D 347 12.35 -35.59 41.03
N ASN D 348 13.15 -36.34 40.27
CA ASN D 348 14.62 -36.22 40.38
C ASN D 348 15.19 -34.97 39.68
N THR D 349 15.99 -34.21 40.42
CA THR D 349 16.61 -32.98 39.91
C THR D 349 17.95 -33.24 39.32
N ASN D 350 18.58 -34.33 39.71
CA ASN D 350 19.92 -34.64 39.21
C ASN D 350 20.98 -33.61 39.67
N ASN D 351 20.69 -33.01 40.83
CA ASN D 351 21.64 -32.25 41.63
C ASN D 351 22.00 -33.24 42.73
N LEU D 352 23.25 -33.62 42.79
CA LEU D 352 23.63 -34.64 43.74
C LEU D 352 24.76 -34.23 44.69
N TRP D 353 24.70 -34.79 45.89
CA TRP D 353 25.69 -34.60 46.91
C TRP D 353 26.29 -35.96 47.29
N ILE D 354 27.57 -36.18 46.99
CA ILE D 354 28.17 -37.51 47.15
C ILE D 354 29.49 -37.44 47.89
N SER D 355 29.72 -38.41 48.78
CA SER D 355 30.99 -38.51 49.52
C SER D 355 32.10 -39.08 48.66
N LEU D 356 33.17 -38.32 48.49
CA LEU D 356 34.42 -38.81 47.89
C LEU D 356 34.91 -40.11 48.54
N ALA D 357 34.98 -40.09 49.87
CA ALA D 357 35.32 -41.27 50.61
C ALA D 357 34.61 -42.48 50.03
N ALA D 358 33.28 -42.40 50.06
CA ALA D 358 32.40 -43.51 49.70
C ALA D 358 32.62 -44.05 48.29
N VAL D 359 32.88 -43.18 47.34
CA VAL D 359 33.07 -43.57 45.96
C VAL D 359 34.10 -44.67 45.93
N LYS D 360 35.29 -44.31 46.44
CA LYS D 360 36.50 -45.10 46.36
C LYS D 360 36.27 -46.48 46.98
N ARG D 361 35.69 -46.47 48.18
CA ARG D 361 35.38 -47.68 48.90
C ARG D 361 34.64 -48.70 48.03
N LEU D 362 33.57 -48.23 47.37
CA LEU D 362 32.66 -49.08 46.59
C LEU D 362 33.14 -49.37 45.17
N GLN D 363 33.93 -48.47 44.59
CA GLN D 363 34.47 -48.67 43.24
C GLN D 363 35.50 -49.80 43.18
N GLU D 364 36.33 -49.91 44.22
CA GLU D 364 37.26 -51.02 44.36
C GLU D 364 36.50 -52.33 44.51
N GLN D 365 35.30 -52.25 45.06
CA GLN D 365 34.45 -53.42 45.26
C GLN D 365 33.61 -53.75 44.03
N ASN D 366 33.65 -52.89 43.01
CA ASN D 366 32.69 -52.93 41.87
C ASN D 366 31.28 -53.14 42.39
N ALA D 367 30.85 -52.28 43.29
CA ALA D 367 29.64 -52.50 44.07
C ALA D 367 28.58 -51.46 43.72
N ILE D 368 28.95 -50.52 42.86
CA ILE D 368 28.01 -49.47 42.42
C ILE D 368 26.94 -50.03 41.47
N ASP D 369 25.69 -50.10 41.91
CA ASP D 369 24.67 -50.65 41.04
C ASP D 369 23.83 -49.65 40.24
N MET D 370 24.03 -49.70 38.94
CA MET D 370 23.22 -48.94 38.02
C MET D 370 22.48 -49.88 37.10
N GLU D 371 21.38 -49.42 36.53
CA GLU D 371 20.65 -50.21 35.57
C GLU D 371 21.16 -49.85 34.18
N ILE D 372 21.12 -50.81 33.26
CA ILE D 372 21.52 -50.57 31.88
C ILE D 372 20.41 -49.84 31.12
N ILE D 373 20.75 -48.67 30.57
CA ILE D 373 19.86 -47.93 29.72
C ILE D 373 20.12 -48.44 28.31
N VAL D 374 19.18 -49.16 27.70
CA VAL D 374 19.35 -49.71 26.36
C VAL D 374 18.89 -48.70 25.35
N ASN D 375 19.77 -48.27 24.47
CA ASN D 375 19.38 -47.25 23.52
C ASN D 375 19.33 -47.67 22.09
N ALA D 376 18.22 -47.33 21.44
CA ALA D 376 18.04 -47.54 20.03
C ALA D 376 18.22 -46.19 19.35
N LYS D 377 19.04 -46.18 18.30
CA LYS D 377 19.30 -44.98 17.54
C LYS D 377 19.84 -45.41 16.20
N THR D 378 19.28 -44.85 15.12
CA THR D 378 19.89 -45.02 13.80
C THR D 378 19.78 -43.80 12.89
N LEU D 379 20.88 -43.04 12.87
CA LEU D 379 20.98 -41.75 12.18
C LEU D 379 22.46 -41.50 11.83
N ASP D 380 22.72 -41.05 10.60
CA ASP D 380 21.67 -40.77 9.61
C ASP D 380 21.75 -41.75 8.44
N GLY D 381 22.98 -42.06 8.01
CA GLY D 381 23.21 -43.10 6.99
C GLY D 381 23.64 -44.43 7.60
N GLY D 382 23.46 -44.53 8.93
CA GLY D 382 23.72 -45.77 9.70
C GLY D 382 22.52 -46.74 9.79
N LEU D 383 22.79 -47.92 10.38
CA LEU D 383 21.75 -48.93 10.58
C LEU D 383 21.41 -49.10 12.06
N ASN D 384 20.41 -49.93 12.34
CA ASN D 384 19.87 -50.05 13.68
C ASN D 384 20.89 -50.64 14.63
N VAL D 385 21.11 -49.91 15.73
CA VAL D 385 22.21 -50.19 16.63
C VAL D 385 21.85 -49.76 18.08
N ILE D 386 22.38 -50.52 19.04
CA ILE D 386 22.18 -50.28 20.46
C ILE D 386 23.37 -49.54 21.08
N GLN D 387 23.09 -48.79 22.13
CA GLN D 387 24.06 -47.90 22.71
C GLN D 387 23.95 -47.96 24.25
N LEU D 388 24.52 -49.01 24.88
CA LEU D 388 24.42 -49.25 26.35
C LEU D 388 25.00 -48.14 27.23
N GLU D 389 24.22 -47.64 28.19
CA GLU D 389 24.56 -46.47 29.04
C GLU D 389 24.19 -46.73 30.49
N THR D 390 24.46 -45.75 31.38
CA THR D 390 24.03 -45.77 32.81
C THR D 390 23.71 -44.39 33.38
N ALA D 391 22.85 -44.34 34.40
CA ALA D 391 22.47 -43.10 35.09
C ALA D 391 23.17 -42.84 36.46
N VAL D 392 23.66 -41.61 36.68
CA VAL D 392 24.25 -41.25 37.99
C VAL D 392 23.31 -41.47 39.18
N GLY D 393 22.07 -41.00 39.06
CA GLY D 393 21.10 -41.16 40.12
C GLY D 393 20.96 -42.60 40.56
N ALA D 394 21.08 -43.50 39.59
CA ALA D 394 20.84 -44.92 39.81
C ALA D 394 21.54 -45.55 41.01
N ALA D 395 22.57 -44.87 41.54
CA ALA D 395 23.53 -45.47 42.49
C ALA D 395 23.16 -45.41 43.98
N ILE D 396 22.09 -44.72 44.34
CA ILE D 396 21.62 -44.74 45.71
C ILE D 396 21.53 -46.16 46.21
N LYS D 397 20.95 -47.04 45.40
CA LYS D 397 20.69 -48.40 45.83
C LYS D 397 21.88 -49.16 46.43
N SER D 398 23.09 -48.68 46.16
CA SER D 398 24.29 -49.38 46.59
C SER D 398 25.15 -48.58 47.58
N PHE D 399 24.83 -47.30 47.74
CA PHE D 399 25.46 -46.46 48.78
C PHE D 399 24.82 -46.75 50.11
N GLU D 400 25.36 -46.15 51.17
CA GLU D 400 24.83 -46.40 52.51
C GLU D 400 24.23 -45.16 53.17
N ASN D 401 23.12 -45.36 53.88
CA ASN D 401 22.51 -44.31 54.70
C ASN D 401 21.88 -43.16 53.90
N SER D 402 22.01 -43.26 52.57
CA SER D 402 21.50 -42.35 51.53
C SER D 402 20.17 -41.69 51.84
N LEU D 403 20.07 -40.39 51.60
CA LEU D 403 18.77 -39.73 51.76
C LEU D 403 18.51 -38.67 50.72
N GLY D 404 17.21 -38.43 50.46
CA GLY D 404 16.75 -37.39 49.53
C GLY D 404 16.14 -36.20 50.24
N ILE D 405 16.33 -35.00 49.72
CA ILE D 405 15.76 -33.81 50.32
C ILE D 405 15.02 -33.03 49.22
N ASN D 406 13.74 -32.67 49.45
CA ASN D 406 12.87 -31.91 48.51
C ASN D 406 13.24 -30.44 48.55
N VAL D 407 13.34 -29.80 47.39
CA VAL D 407 14.05 -28.54 47.23
C VAL D 407 13.24 -27.65 46.33
N PRO D 408 13.13 -26.34 46.62
CA PRO D 408 12.33 -25.42 45.76
C PRO D 408 12.68 -25.48 44.29
N ARG D 409 11.75 -25.17 43.39
CA ARG D 409 12.05 -25.22 41.96
C ARG D 409 13.02 -24.13 41.63
N SER D 410 13.16 -23.19 42.54
CA SER D 410 14.25 -22.23 42.39
C SER D 410 15.57 -22.88 41.99
N ARG D 411 15.95 -23.95 42.70
CA ARG D 411 17.16 -24.74 42.39
C ARG D 411 17.11 -25.54 41.08
N PHE D 412 16.00 -25.48 40.36
CA PHE D 412 15.88 -26.33 39.18
C PHE D 412 15.29 -25.64 37.96
N LEU D 413 16.16 -25.29 37.02
CA LEU D 413 15.87 -24.33 35.98
C LEU D 413 16.73 -24.65 34.76
N PRO D 414 16.50 -25.83 34.18
CA PRO D 414 17.39 -26.18 33.08
C PRO D 414 16.97 -25.43 31.83
N VAL D 415 17.96 -24.96 31.07
CA VAL D 415 17.72 -24.38 29.75
C VAL D 415 18.04 -25.42 28.70
N LYS D 416 17.06 -26.24 28.35
CA LYS D 416 17.28 -27.23 27.30
C LYS D 416 16.99 -26.68 25.84
N THR D 417 16.06 -25.73 25.69
CA THR D 417 15.72 -25.20 24.36
C THR D 417 15.66 -23.66 24.21
N THR D 418 15.38 -23.21 23.00
CA THR D 418 15.32 -21.79 22.67
C THR D 418 14.14 -21.02 23.35
N SER D 419 13.08 -21.76 23.68
CA SER D 419 12.02 -21.24 24.51
C SER D 419 12.59 -20.79 25.82
N ASP D 420 13.37 -21.69 26.44
CA ASP D 420 13.94 -21.49 27.78
C ASP D 420 14.79 -20.24 27.85
N LEU D 421 15.71 -20.11 26.90
CA LEU D 421 16.55 -18.91 26.78
C LEU D 421 15.74 -17.63 26.88
N LEU D 422 14.75 -17.51 25.99
CA LEU D 422 13.94 -16.29 25.92
C LEU D 422 13.50 -15.98 27.32
N LEU D 423 13.28 -17.01 28.12
CA LEU D 423 12.63 -16.83 29.39
C LEU D 423 13.61 -16.31 30.38
N VAL D 424 14.85 -16.72 30.18
CA VAL D 424 15.87 -16.54 31.18
C VAL D 424 16.62 -15.29 30.89
N MET D 425 16.73 -14.89 29.63
CA MET D 425 17.32 -13.60 29.36
C MET D 425 16.32 -12.46 29.36
N SER D 426 15.14 -12.72 29.93
CA SER D 426 14.07 -11.70 30.07
C SER D 426 14.40 -10.66 31.10
N ASN D 427 13.35 -9.95 31.53
CA ASN D 427 13.40 -9.04 32.68
C ASN D 427 12.58 -9.60 33.72
N LEU D 428 12.47 -10.92 33.69
CA LEU D 428 11.63 -11.64 34.63
C LEU D 428 12.60 -12.06 35.71
N TYR D 429 13.78 -12.47 35.22
CA TYR D 429 14.88 -12.88 36.06
C TYR D 429 15.89 -11.76 36.15
N SER D 430 16.83 -11.95 37.07
CA SER D 430 17.74 -10.92 37.50
C SER D 430 19.17 -11.44 37.77
N LEU D 431 20.21 -10.76 37.26
CA LEU D 431 21.58 -11.33 37.33
C LEU D 431 22.59 -10.64 38.24
N ASN D 432 23.20 -11.42 39.14
CA ASN D 432 24.18 -10.93 40.11
C ASN D 432 25.31 -11.93 40.30
N ALA D 433 26.55 -11.47 40.12
CA ALA D 433 27.71 -12.31 40.40
C ALA D 433 27.57 -13.72 39.82
N GLY D 434 27.18 -13.82 38.55
CA GLY D 434 26.93 -15.11 37.93
C GLY D 434 25.61 -15.85 38.23
N SER D 435 25.18 -15.86 39.49
CA SER D 435 23.92 -16.50 39.83
C SER D 435 22.76 -15.64 39.40
N LEU D 436 21.63 -16.26 39.06
CA LEU D 436 20.42 -15.50 38.71
C LEU D 436 19.20 -16.07 39.36
N THR D 437 18.31 -15.19 39.80
CA THR D 437 17.13 -15.60 40.49
C THR D 437 15.99 -14.72 40.04
N MET D 438 14.82 -15.35 39.89
CA MET D 438 13.58 -14.64 39.58
C MET D 438 13.42 -13.56 40.64
N SER D 439 12.69 -12.50 40.30
CA SER D 439 12.54 -11.43 41.27
C SER D 439 11.59 -10.40 40.80
N GLU D 440 10.81 -9.90 41.78
CA GLU D 440 10.10 -8.61 41.81
C GLU D 440 10.13 -7.63 40.57
N LYS D 441 9.00 -7.00 40.31
CA LYS D 441 7.81 -7.49 40.95
C LYS D 441 7.25 -8.56 40.04
N ARG D 442 7.73 -9.79 40.14
CA ARG D 442 6.94 -10.86 39.56
C ARG D 442 5.93 -11.32 40.64
N GLU D 443 4.72 -10.76 40.55
CA GLU D 443 3.80 -10.77 41.68
C GLU D 443 3.17 -12.12 41.99
N PHE D 444 2.44 -12.68 41.04
CA PHE D 444 1.97 -14.04 41.19
C PHE D 444 3.15 -14.93 40.82
N PRO D 445 3.54 -15.86 41.73
CA PRO D 445 4.89 -16.44 41.71
C PRO D 445 5.18 -17.40 40.52
N THR D 446 4.10 -17.96 39.96
CA THR D 446 4.09 -19.00 38.90
C THR D 446 5.00 -18.71 37.74
N VAL D 447 5.56 -19.77 37.16
CA VAL D 447 6.45 -19.56 36.00
C VAL D 447 5.66 -19.66 34.67
N PRO D 448 5.71 -18.58 33.86
CA PRO D 448 4.98 -18.41 32.60
C PRO D 448 5.37 -19.47 31.59
N LEU D 449 4.52 -19.71 30.62
CA LEU D 449 4.76 -20.85 29.75
C LEU D 449 5.06 -20.45 28.30
N VAL D 450 6.26 -20.74 27.80
CA VAL D 450 6.59 -20.26 26.47
C VAL D 450 6.87 -21.36 25.44
N LYS D 451 6.09 -21.33 24.38
CA LYS D 451 6.19 -22.32 23.32
C LYS D 451 6.48 -21.63 21.98
N LEU D 452 7.76 -21.47 21.67
CA LEU D 452 8.14 -20.87 20.39
C LEU D 452 8.14 -21.96 19.36
N GLY D 453 7.86 -21.61 18.12
CA GLY D 453 7.74 -22.59 17.06
C GLY D 453 9.07 -23.14 16.53
N SER D 454 8.96 -23.87 15.41
CA SER D 454 10.09 -24.49 14.73
C SER D 454 10.87 -23.51 13.92
N SER D 455 10.44 -22.28 13.90
CA SER D 455 11.19 -21.24 13.24
C SER D 455 12.24 -20.66 14.20
N PHE D 456 11.88 -20.60 15.47
CA PHE D 456 12.77 -20.00 16.44
C PHE D 456 13.79 -20.95 17.04
N THR D 457 13.83 -22.19 16.55
CA THR D 457 14.60 -23.27 17.18
C THR D 457 16.08 -22.96 17.25
N LYS D 458 16.67 -22.54 16.14
CA LYS D 458 18.12 -22.25 16.09
C LYS D 458 18.46 -20.92 16.80
N VAL D 459 19.53 -20.94 17.59
CA VAL D 459 19.96 -19.76 18.36
C VAL D 459 20.19 -18.54 17.50
N GLN D 460 20.63 -18.79 16.27
CA GLN D 460 21.04 -17.74 15.35
C GLN D 460 19.81 -17.01 14.80
N ASP D 461 18.75 -17.78 14.57
CA ASP D 461 17.46 -17.27 14.15
C ASP D 461 16.77 -16.52 15.26
N TYR D 462 16.83 -17.10 16.46
CA TYR D 462 16.11 -16.58 17.60
C TYR D 462 16.52 -15.15 17.85
N LEU D 463 17.79 -14.86 17.64
CA LEU D 463 18.29 -13.54 17.91
C LEU D 463 17.93 -12.53 16.86
N ARG D 464 17.95 -12.98 15.61
CA ARG D 464 17.52 -12.18 14.48
C ARG D 464 16.01 -11.81 14.59
N ARG D 465 15.20 -12.72 15.12
CA ARG D 465 13.79 -12.43 15.22
C ARG D 465 13.48 -11.41 16.35
N PHE D 466 14.25 -11.39 17.44
CA PHE D 466 13.96 -10.48 18.55
C PHE D 466 14.86 -9.26 18.56
N GLU D 467 14.41 -8.17 17.92
CA GLU D 467 15.25 -6.97 17.77
C GLU D 467 15.61 -6.38 19.14
N SER D 468 15.03 -6.99 20.18
CA SER D 468 15.30 -6.69 21.58
C SER D 468 14.49 -7.72 22.35
N ILE D 469 15.01 -8.20 23.49
CA ILE D 469 14.20 -9.07 24.32
C ILE D 469 13.08 -8.23 24.93
N PRO D 470 11.86 -8.79 24.97
CA PRO D 470 10.68 -8.02 25.29
C PRO D 470 10.32 -8.17 26.73
N ASP D 471 9.46 -7.28 27.23
CA ASP D 471 9.03 -7.32 28.62
C ASP D 471 8.20 -8.57 28.89
N MET D 472 8.36 -9.19 30.06
CA MET D 472 7.62 -10.42 30.32
C MET D 472 7.18 -10.54 31.76
N LEU D 473 7.37 -9.50 32.56
CA LEU D 473 6.91 -9.57 33.95
C LEU D 473 5.45 -9.99 34.02
N GLU D 474 4.62 -9.35 33.21
CA GLU D 474 3.20 -9.60 33.30
C GLU D 474 2.72 -10.72 32.36
N LEU D 475 3.65 -11.58 31.94
CA LEU D 475 3.31 -12.55 30.90
C LEU D 475 2.88 -13.85 31.50
N ASP D 476 1.78 -14.41 30.99
CA ASP D 476 1.30 -15.73 31.42
C ASP D 476 1.42 -16.84 30.40
N HIS D 477 1.03 -16.60 29.16
CA HIS D 477 1.28 -17.58 28.11
C HIS D 477 1.69 -16.86 26.83
N LEU D 478 2.75 -17.36 26.19
CA LEU D 478 3.17 -16.81 24.92
C LEU D 478 3.35 -18.00 24.04
N THR D 479 2.80 -17.95 22.85
CA THR D 479 2.91 -19.06 21.93
C THR D 479 2.93 -18.50 20.53
N VAL D 480 4.03 -18.69 19.79
CA VAL D 480 4.12 -18.25 18.39
C VAL D 480 4.52 -19.38 17.49
N SER D 481 4.24 -19.20 16.20
CA SER D 481 4.66 -20.15 15.19
C SER D 481 4.53 -19.57 13.77
N GLY D 482 5.55 -19.85 12.95
CA GLY D 482 5.57 -19.29 11.62
C GLY D 482 6.56 -18.15 11.54
N ASP D 483 6.41 -17.38 10.46
CA ASP D 483 7.40 -16.38 10.08
C ASP D 483 7.14 -15.04 10.72
N VAL D 484 7.78 -14.83 11.89
CA VAL D 484 7.52 -13.67 12.74
C VAL D 484 8.79 -12.90 13.18
N THR D 485 8.67 -11.59 13.36
CA THR D 485 9.76 -10.74 13.84
C THR D 485 9.28 -9.92 15.03
N PHE D 486 10.18 -9.45 15.87
CA PHE D 486 9.79 -8.60 16.97
C PHE D 486 10.54 -7.29 16.99
N GLY D 487 9.81 -6.16 17.04
CA GLY D 487 10.42 -4.83 17.22
C GLY D 487 11.11 -4.67 18.58
N LYS D 488 11.64 -3.49 18.89
CA LYS D 488 12.21 -3.27 20.25
C LYS D 488 11.12 -2.74 21.17
N ASN D 489 11.32 -2.91 22.48
CA ASN D 489 10.43 -2.38 23.52
C ASN D 489 9.04 -2.97 23.45
N VAL D 490 8.93 -4.19 22.95
CA VAL D 490 7.63 -4.85 22.98
C VAL D 490 7.29 -5.23 24.41
N SER D 491 6.02 -5.17 24.75
CA SER D 491 5.64 -5.66 26.03
C SER D 491 4.59 -6.78 25.83
N LEU D 492 4.80 -7.94 26.46
CA LEU D 492 3.83 -9.04 26.45
C LEU D 492 3.10 -9.25 27.80
N LYS D 493 1.77 -9.37 27.78
CA LYS D 493 0.96 -9.46 29.01
C LYS D 493 -0.17 -10.45 28.90
N GLY D 494 -0.29 -11.32 29.88
CA GLY D 494 -1.38 -12.29 29.88
C GLY D 494 -1.14 -13.46 28.96
N THR D 495 -2.00 -13.63 27.96
CA THR D 495 -1.84 -14.76 27.06
C THR D 495 -1.82 -14.16 25.68
N VAL D 496 -0.80 -14.49 24.89
CA VAL D 496 -0.53 -13.82 23.62
C VAL D 496 -0.33 -14.92 22.62
N ILE D 497 -1.18 -14.99 21.63
CA ILE D 497 -0.95 -15.95 20.57
C ILE D 497 -0.67 -15.25 19.24
N ILE D 498 0.49 -15.53 18.63
CA ILE D 498 0.83 -14.90 17.37
C ILE D 498 1.12 -15.99 16.38
N ILE D 499 0.21 -16.15 15.43
CA ILE D 499 0.26 -17.27 14.49
C ILE D 499 0.19 -16.83 13.02
N ALA D 500 1.20 -17.23 12.27
CA ALA D 500 1.43 -16.79 10.90
C ALA D 500 1.45 -18.00 9.98
N ASN D 501 0.41 -18.12 9.13
CA ASN D 501 0.26 -19.29 8.27
C ASN D 501 1.22 -19.39 7.11
N HIS D 502 1.58 -20.62 6.74
CA HIS D 502 2.56 -20.83 5.68
C HIS D 502 2.33 -19.79 4.56
N GLY D 503 3.38 -19.02 4.27
CA GLY D 503 3.37 -17.98 3.24
C GLY D 503 3.09 -16.58 3.74
N ASP D 504 3.06 -16.40 5.06
CA ASP D 504 2.75 -15.09 5.62
C ASP D 504 3.84 -14.60 6.52
N ARG D 505 3.78 -13.31 6.81
CA ARG D 505 4.70 -12.70 7.76
C ARG D 505 3.98 -11.78 8.74
N ILE D 506 4.30 -11.88 10.01
CA ILE D 506 3.82 -10.89 10.94
C ILE D 506 5.00 -10.14 11.52
N ASP D 507 5.03 -8.84 11.30
CA ASP D 507 6.06 -8.02 11.88
C ASP D 507 5.44 -7.15 12.98
N ILE D 508 5.77 -7.43 14.25
CA ILE D 508 5.20 -6.65 15.36
C ILE D 508 5.90 -5.30 15.50
N PRO D 509 5.12 -4.22 15.66
CA PRO D 509 5.67 -2.88 15.60
C PRO D 509 6.45 -2.62 16.83
N PRO D 510 7.46 -1.74 16.78
CA PRO D 510 8.15 -1.49 18.02
C PRO D 510 7.31 -0.62 18.97
N GLY D 511 7.39 -0.87 20.27
CA GLY D 511 6.65 -0.09 21.26
C GLY D 511 5.29 -0.69 21.56
N ALA D 512 5.02 -1.81 20.90
CA ALA D 512 3.75 -2.51 21.00
C ALA D 512 3.52 -3.06 22.39
N VAL D 513 2.26 -3.12 22.80
CA VAL D 513 1.91 -3.79 24.05
C VAL D 513 0.85 -4.81 23.74
N LEU D 514 1.19 -6.10 23.74
CA LEU D 514 0.20 -7.11 23.40
C LEU D 514 -0.38 -7.64 24.68
N GLU D 515 -1.61 -7.26 24.97
CA GLU D 515 -2.22 -7.65 26.23
C GLU D 515 -3.44 -8.49 25.95
N ASN D 516 -3.32 -9.78 26.21
CA ASN D 516 -4.42 -10.72 25.98
C ASN D 516 -4.99 -10.69 24.56
N LYS D 517 -4.17 -11.09 23.59
CA LYS D 517 -4.49 -10.90 22.19
C LYS D 517 -4.10 -12.06 21.28
N ILE D 518 -4.89 -12.26 20.24
CA ILE D 518 -4.53 -13.17 19.18
C ILE D 518 -4.22 -12.34 17.94
N VAL D 519 -3.04 -12.58 17.39
CA VAL D 519 -2.61 -11.87 16.22
C VAL D 519 -2.49 -12.97 15.19
N SER D 520 -3.44 -13.05 14.27
CA SER D 520 -3.31 -14.01 13.16
C SER D 520 -3.20 -13.33 11.78
#